data_2DZK
#
_entry.id   2DZK
#
_entity_poly.entity_id   1
_entity_poly.type   'polypeptide(L)'
_entity_poly.pdbx_seq_one_letter_code
;GSSGSSGRDRSTIARIQFRLPDGSSFTNQFPSDAPLEEARQFAAQTVGNTYGNFSLATMFPRREFTREDYKRRLLDLELA
PSASVVLLPAGRPATSIVHSSSGDILMID
;
_entity_poly.pdbx_strand_id   A
#
# COMPACT_ATOMS: atom_id res chain seq x y z
N GLY A 1 -9.97 8.59 7.14
CA GLY A 1 -9.78 7.16 7.10
C GLY A 1 -10.27 6.48 8.37
N SER A 2 -11.45 5.88 8.29
CA SER A 2 -12.04 5.19 9.44
C SER A 2 -11.22 3.96 9.82
N SER A 3 -10.96 3.10 8.83
CA SER A 3 -10.19 1.89 9.05
C SER A 3 -8.71 2.21 9.24
N GLY A 4 -8.22 2.05 10.46
CA GLY A 4 -6.82 2.34 10.74
C GLY A 4 -5.92 1.15 10.44
N SER A 5 -4.66 1.27 10.82
CA SER A 5 -3.69 0.19 10.58
C SER A 5 -3.53 -0.67 11.83
N SER A 6 -3.21 -1.95 11.62
CA SER A 6 -3.04 -2.89 12.72
C SER A 6 -1.71 -3.63 12.60
N GLY A 7 -0.69 -3.12 13.28
CA GLY A 7 0.62 -3.75 13.23
C GLY A 7 0.61 -5.15 13.82
N ARG A 8 0.64 -6.16 12.94
CA ARG A 8 0.63 -7.55 13.39
C ARG A 8 1.58 -8.39 12.54
N ASP A 9 2.24 -9.35 13.17
CA ASP A 9 3.17 -10.23 12.48
C ASP A 9 2.67 -11.66 12.46
N ARG A 10 2.20 -12.12 11.31
CA ARG A 10 1.68 -13.47 11.17
C ARG A 10 2.55 -14.29 10.22
N SER A 11 2.52 -15.61 10.38
CA SER A 11 3.30 -16.50 9.54
C SER A 11 3.00 -16.26 8.06
N THR A 12 1.72 -16.21 7.72
CA THR A 12 1.30 -15.98 6.34
C THR A 12 2.01 -14.77 5.75
N ILE A 13 2.20 -14.78 4.44
CA ILE A 13 2.85 -13.68 3.75
C ILE A 13 2.21 -13.42 2.39
N ALA A 14 2.37 -12.20 1.88
CA ALA A 14 1.82 -11.84 0.58
C ALA A 14 2.82 -11.02 -0.23
N ARG A 15 2.77 -11.18 -1.55
CA ARG A 15 3.67 -10.46 -2.44
C ARG A 15 2.92 -9.39 -3.22
N ILE A 16 3.29 -8.14 -2.99
CA ILE A 16 2.65 -7.01 -3.67
C ILE A 16 3.66 -6.22 -4.50
N GLN A 17 3.58 -6.36 -5.82
CA GLN A 17 4.48 -5.65 -6.71
C GLN A 17 3.96 -4.26 -7.03
N PHE A 18 4.82 -3.26 -6.89
CA PHE A 18 4.45 -1.88 -7.16
C PHE A 18 5.14 -1.36 -8.42
N ARG A 19 4.35 -1.08 -9.44
CA ARG A 19 4.89 -0.58 -10.71
C ARG A 19 4.78 0.94 -10.78
N LEU A 20 5.83 1.58 -11.31
CA LEU A 20 5.86 3.03 -11.43
C LEU A 20 5.84 3.45 -12.91
N PRO A 21 5.34 4.67 -13.17
CA PRO A 21 5.26 5.21 -14.52
C PRO A 21 6.63 5.53 -15.10
N ASP A 22 7.62 5.69 -14.22
CA ASP A 22 8.98 6.01 -14.64
C ASP A 22 9.66 4.78 -15.24
N GLY A 23 9.47 3.63 -14.60
CA GLY A 23 10.07 2.41 -15.08
C GLY A 23 10.45 1.46 -13.95
N SER A 24 10.95 2.02 -12.86
CA SER A 24 11.35 1.21 -11.71
C SER A 24 10.14 0.64 -10.99
N SER A 25 10.38 -0.32 -10.11
CA SER A 25 9.31 -0.95 -9.36
C SER A 25 9.84 -1.58 -8.07
N PHE A 26 9.02 -1.55 -7.02
CA PHE A 26 9.40 -2.10 -5.74
C PHE A 26 8.36 -3.10 -5.23
N THR A 27 8.81 -4.16 -4.57
CA THR A 27 7.92 -5.17 -4.04
C THR A 27 8.18 -5.42 -2.56
N ASN A 28 7.18 -5.10 -1.73
CA ASN A 28 7.31 -5.28 -0.29
C ASN A 28 6.67 -6.61 0.14
N GLN A 29 6.80 -6.93 1.43
CA GLN A 29 6.24 -8.16 1.96
C GLN A 29 5.19 -7.86 3.04
N PHE A 30 3.94 -8.18 2.73
CA PHE A 30 2.85 -7.92 3.66
C PHE A 30 2.06 -9.22 3.92
N PRO A 31 1.47 -9.31 5.12
CA PRO A 31 0.69 -10.49 5.53
C PRO A 31 -0.63 -10.58 4.76
N SER A 32 -0.89 -11.76 4.19
CA SER A 32 -2.12 -11.98 3.42
C SER A 32 -3.31 -11.33 4.12
N ASP A 33 -3.20 -11.15 5.44
CA ASP A 33 -4.27 -10.54 6.21
C ASP A 33 -4.27 -9.03 6.05
N ALA A 34 -3.08 -8.44 6.09
CA ALA A 34 -2.93 -6.99 5.95
C ALA A 34 -3.87 -6.45 4.89
N PRO A 35 -4.56 -5.35 5.21
CA PRO A 35 -5.51 -4.70 4.30
C PRO A 35 -4.81 -4.04 3.11
N LEU A 36 -5.41 -4.15 1.93
CA LEU A 36 -4.85 -3.56 0.72
C LEU A 36 -4.20 -2.22 1.03
N GLU A 37 -4.88 -1.40 1.83
CA GLU A 37 -4.37 -0.09 2.21
C GLU A 37 -2.89 -0.16 2.57
N GLU A 38 -2.55 -1.10 3.45
CA GLU A 38 -1.16 -1.28 3.88
C GLU A 38 -0.20 -0.99 2.74
N ALA A 39 -0.44 -1.61 1.60
CA ALA A 39 0.42 -1.42 0.43
C ALA A 39 0.43 0.04 -0.01
N ARG A 40 -0.74 0.65 -0.02
CA ARG A 40 -0.88 2.06 -0.41
C ARG A 40 -0.06 2.95 0.51
N GLN A 41 -0.04 2.63 1.79
CA GLN A 41 0.70 3.41 2.77
C GLN A 41 2.19 3.41 2.46
N PHE A 42 2.75 2.22 2.25
CA PHE A 42 4.16 2.07 1.94
C PHE A 42 4.52 2.83 0.66
N ALA A 43 3.84 2.49 -0.42
CA ALA A 43 4.07 3.14 -1.71
C ALA A 43 4.11 4.66 -1.56
N ALA A 44 3.18 5.19 -0.78
CA ALA A 44 3.09 6.63 -0.56
C ALA A 44 4.38 7.15 0.07
N GLN A 45 4.96 6.37 0.97
CA GLN A 45 6.19 6.76 1.65
C GLN A 45 7.40 6.55 0.74
N THR A 46 7.38 5.46 -0.03
CA THR A 46 8.48 5.15 -0.93
C THR A 46 8.67 6.27 -1.96
N VAL A 47 7.57 6.74 -2.53
CA VAL A 47 7.62 7.81 -3.52
C VAL A 47 7.50 9.18 -2.86
N GLY A 48 6.85 9.21 -1.70
CA GLY A 48 6.68 10.47 -0.98
C GLY A 48 5.80 11.45 -1.74
N ASN A 49 6.27 12.68 -1.89
CA ASN A 49 5.52 13.71 -2.60
C ASN A 49 6.06 13.89 -4.02
N THR A 50 6.33 12.79 -4.69
CA THR A 50 6.84 12.82 -6.06
C THR A 50 5.71 12.89 -7.06
N TYR A 51 4.72 12.02 -6.91
CA TYR A 51 3.58 11.98 -7.81
C TYR A 51 2.39 12.74 -7.22
N GLY A 52 2.22 12.62 -5.90
CA GLY A 52 1.11 13.30 -5.23
C GLY A 52 0.04 12.33 -4.78
N ASN A 53 -1.22 12.69 -5.03
CA ASN A 53 -2.35 11.85 -4.64
C ASN A 53 -2.57 10.73 -5.65
N PHE A 54 -1.49 10.07 -6.04
CA PHE A 54 -1.56 8.97 -6.99
C PHE A 54 -2.53 7.90 -6.52
N SER A 55 -2.75 6.90 -7.36
CA SER A 55 -3.66 5.80 -7.02
C SER A 55 -3.03 4.45 -7.37
N LEU A 56 -3.77 3.37 -7.07
CA LEU A 56 -3.27 2.03 -7.35
C LEU A 56 -4.34 1.22 -8.09
N ALA A 57 -3.89 0.38 -9.02
CA ALA A 57 -4.80 -0.45 -9.79
C ALA A 57 -4.13 -1.78 -10.17
N THR A 58 -4.93 -2.71 -10.68
CA THR A 58 -4.43 -4.02 -11.08
C THR A 58 -3.72 -3.94 -12.44
N MET A 59 -3.30 -5.09 -12.94
CA MET A 59 -2.61 -5.15 -14.22
C MET A 59 -3.39 -6.02 -15.21
N PHE A 60 -3.81 -7.19 -14.76
CA PHE A 60 -4.55 -8.12 -15.60
C PHE A 60 -5.98 -7.63 -15.81
N PRO A 61 -6.78 -7.65 -14.72
CA PRO A 61 -8.17 -7.22 -14.75
C PRO A 61 -8.31 -5.70 -14.95
N ARG A 62 -7.19 -5.00 -14.82
CA ARG A 62 -7.19 -3.55 -14.98
C ARG A 62 -8.45 -2.93 -14.41
N ARG A 63 -8.72 -3.22 -13.14
CA ARG A 63 -9.90 -2.70 -12.47
C ARG A 63 -9.51 -1.73 -11.35
N GLU A 64 -9.93 -0.47 -11.49
CA GLU A 64 -9.62 0.55 -10.50
C GLU A 64 -10.21 0.19 -9.14
N PHE A 65 -9.35 -0.17 -8.20
CA PHE A 65 -9.79 -0.54 -6.86
C PHE A 65 -10.81 0.46 -6.33
N THR A 66 -11.54 0.05 -5.29
CA THR A 66 -12.55 0.90 -4.69
C THR A 66 -12.33 1.04 -3.18
N ARG A 67 -12.83 2.13 -2.61
CA ARG A 67 -12.69 2.38 -1.19
C ARG A 67 -12.90 1.09 -0.39
N GLU A 68 -13.84 0.26 -0.84
CA GLU A 68 -14.14 -0.99 -0.16
C GLU A 68 -12.96 -1.95 -0.27
N ASP A 69 -12.34 -1.99 -1.44
CA ASP A 69 -11.19 -2.87 -1.68
C ASP A 69 -10.13 -2.66 -0.62
N TYR A 70 -10.02 -1.44 -0.13
CA TYR A 70 -9.03 -1.11 0.90
C TYR A 70 -9.51 -1.53 2.28
N LYS A 71 -10.81 -1.78 2.39
CA LYS A 71 -11.41 -2.20 3.66
C LYS A 71 -11.26 -3.70 3.87
N ARG A 72 -11.16 -4.44 2.77
CA ARG A 72 -11.01 -5.89 2.84
C ARG A 72 -9.54 -6.28 2.84
N ARG A 73 -9.24 -7.46 3.38
CA ARG A 73 -7.87 -7.96 3.43
C ARG A 73 -7.33 -8.24 2.04
N LEU A 74 -6.01 -8.37 1.93
CA LEU A 74 -5.37 -8.64 0.65
C LEU A 74 -5.81 -9.99 0.10
N LEU A 75 -5.54 -11.05 0.85
CA LEU A 75 -5.90 -12.40 0.45
C LEU A 75 -7.33 -12.44 -0.06
N ASP A 76 -8.18 -11.58 0.48
CA ASP A 76 -9.59 -11.51 0.08
C ASP A 76 -9.71 -10.99 -1.35
N LEU A 77 -8.83 -10.06 -1.71
CA LEU A 77 -8.85 -9.47 -3.04
C LEU A 77 -8.09 -10.34 -4.04
N GLU A 78 -7.83 -11.59 -3.64
CA GLU A 78 -7.11 -12.53 -4.50
C GLU A 78 -5.67 -12.07 -4.70
N LEU A 79 -5.12 -11.42 -3.69
CA LEU A 79 -3.74 -10.93 -3.75
C LEU A 79 -2.88 -11.58 -2.67
N ALA A 80 -3.30 -12.76 -2.22
CA ALA A 80 -2.57 -13.49 -1.20
C ALA A 80 -1.17 -13.85 -1.67
N PRO A 81 -1.09 -14.65 -2.75
CA PRO A 81 0.19 -15.08 -3.33
C PRO A 81 0.93 -13.94 -4.00
N SER A 82 0.69 -13.75 -5.29
CA SER A 82 1.35 -12.70 -6.05
C SER A 82 0.35 -11.64 -6.51
N ALA A 83 0.71 -10.38 -6.36
CA ALA A 83 -0.15 -9.29 -6.77
C ALA A 83 0.63 -8.21 -7.50
N SER A 84 -0.02 -7.54 -8.45
CA SER A 84 0.61 -6.48 -9.22
C SER A 84 -0.23 -5.20 -9.21
N VAL A 85 0.19 -4.24 -8.40
CA VAL A 85 -0.53 -2.97 -8.29
C VAL A 85 0.23 -1.85 -9.00
N VAL A 86 -0.32 -1.35 -10.09
CA VAL A 86 0.29 -0.28 -10.86
C VAL A 86 0.00 1.09 -10.23
N LEU A 87 1.05 1.88 -10.04
CA LEU A 87 0.90 3.20 -9.45
C LEU A 87 0.50 4.23 -10.50
N LEU A 88 -0.68 4.82 -10.34
CA LEU A 88 -1.19 5.81 -11.27
C LEU A 88 -1.01 7.22 -10.72
N PRO A 89 -0.09 7.99 -11.34
CA PRO A 89 0.20 9.37 -10.92
C PRO A 89 -0.96 10.31 -11.23
N ALA A 90 -1.15 11.31 -10.36
CA ALA A 90 -2.22 12.28 -10.53
C ALA A 90 -1.66 13.61 -11.04
N GLY A 91 -0.58 14.07 -10.43
CA GLY A 91 0.02 15.32 -10.83
C GLY A 91 0.15 16.31 -9.68
N ARG A 92 -0.94 16.50 -8.95
CA ARG A 92 -0.95 17.42 -7.82
C ARG A 92 -0.38 16.75 -6.57
N PRO A 93 0.58 17.43 -5.92
CA PRO A 93 1.23 16.92 -4.71
C PRO A 93 0.28 16.91 -3.51
N ALA A 94 0.74 16.33 -2.41
CA ALA A 94 -0.06 16.26 -1.19
C ALA A 94 0.70 16.82 0.00
N THR A 95 0.32 18.03 0.42
CA THR A 95 0.97 18.68 1.55
C THR A 95 0.93 17.79 2.80
N SER A 96 2.03 17.79 3.54
CA SER A 96 2.12 16.98 4.76
C SER A 96 3.20 17.52 5.68
N ILE A 97 3.24 17.00 6.90
CA ILE A 97 4.22 17.43 7.89
C ILE A 97 5.04 16.25 8.40
N VAL A 98 6.35 16.46 8.56
CA VAL A 98 7.24 15.41 9.04
C VAL A 98 7.64 15.66 10.49
N HIS A 99 8.35 14.70 11.07
CA HIS A 99 8.79 14.81 12.45
C HIS A 99 10.15 14.14 12.64
N SER A 100 10.70 14.25 13.85
CA SER A 100 11.99 13.66 14.16
C SER A 100 12.09 13.32 15.65
N SER A 101 12.83 12.26 15.95
CA SER A 101 13.01 11.82 17.33
C SER A 101 14.42 11.32 17.57
N SER A 102 14.79 11.16 18.84
CA SER A 102 16.12 10.69 19.20
C SER A 102 16.18 10.33 20.69
N GLY A 103 16.96 9.31 21.01
CA GLY A 103 17.10 8.89 22.40
C GLY A 103 18.21 7.87 22.58
N ASP A 104 18.78 7.84 23.77
CA ASP A 104 19.86 6.90 24.08
C ASP A 104 20.09 6.82 25.59
N ILE A 105 19.99 5.61 26.13
CA ILE A 105 20.18 5.39 27.56
C ILE A 105 21.65 5.12 27.87
N LEU A 106 22.46 6.18 27.86
CA LEU A 106 23.89 6.06 28.14
C LEU A 106 24.46 4.80 27.52
N MET A 107 24.03 4.50 26.30
CA MET A 107 24.51 3.32 25.58
C MET A 107 24.98 3.69 24.18
N ILE A 108 26.22 3.29 23.86
CA ILE A 108 26.79 3.58 22.55
C ILE A 108 27.69 2.44 22.09
N ASP A 109 27.38 1.90 20.91
CA ASP A 109 28.18 0.81 20.35
C ASP A 109 28.03 0.74 18.83
N GLY A 1 -8.25 8.61 4.60
CA GLY A 1 -7.06 8.37 5.38
C GLY A 1 -7.35 7.91 6.79
N SER A 2 -6.94 6.68 7.10
CA SER A 2 -7.18 6.11 8.42
C SER A 2 -5.98 6.34 9.34
N SER A 3 -6.25 6.82 10.55
CA SER A 3 -5.19 7.09 11.52
C SER A 3 -4.92 5.86 12.38
N GLY A 4 -3.63 5.55 12.55
CA GLY A 4 -3.26 4.39 13.35
C GLY A 4 -1.88 3.87 13.00
N SER A 5 -1.28 3.10 13.92
CA SER A 5 0.04 2.54 13.70
C SER A 5 0.20 1.22 14.44
N SER A 6 0.60 0.19 13.71
CA SER A 6 0.79 -1.13 14.29
C SER A 6 1.74 -1.98 13.44
N GLY A 7 2.55 -2.79 14.10
CA GLY A 7 3.50 -3.63 13.40
C GLY A 7 3.71 -4.97 14.08
N ARG A 8 3.80 -6.04 13.30
CA ARG A 8 4.00 -7.37 13.84
C ARG A 8 4.28 -8.37 12.72
N ASP A 9 4.77 -9.55 13.09
CA ASP A 9 5.08 -10.60 12.13
C ASP A 9 3.89 -11.53 11.92
N ARG A 10 3.94 -12.33 10.87
CA ARG A 10 2.87 -13.26 10.57
C ARG A 10 3.37 -14.40 9.68
N SER A 11 2.90 -15.62 9.97
CA SER A 11 3.31 -16.79 9.20
C SER A 11 3.03 -16.59 7.72
N THR A 12 1.82 -16.13 7.40
CA THR A 12 1.42 -15.90 6.02
C THR A 12 2.05 -14.61 5.48
N ILE A 13 2.28 -14.58 4.17
CA ILE A 13 2.87 -13.41 3.54
C ILE A 13 2.20 -13.11 2.20
N ALA A 14 2.31 -11.87 1.75
CA ALA A 14 1.71 -11.45 0.48
C ALA A 14 2.74 -10.78 -0.41
N ARG A 15 2.70 -11.11 -1.69
CA ARG A 15 3.64 -10.54 -2.67
C ARG A 15 2.96 -9.44 -3.49
N ILE A 16 3.17 -8.20 -3.09
CA ILE A 16 2.59 -7.07 -3.80
C ILE A 16 3.66 -6.27 -4.54
N GLN A 17 3.44 -6.08 -5.84
CA GLN A 17 4.39 -5.33 -6.67
C GLN A 17 3.88 -3.92 -6.94
N PHE A 18 4.80 -2.96 -6.97
CA PHE A 18 4.44 -1.57 -7.21
C PHE A 18 5.15 -1.04 -8.46
N ARG A 19 4.41 -0.90 -9.55
CA ARG A 19 4.96 -0.41 -10.79
C ARG A 19 4.93 1.12 -10.84
N LEU A 20 6.07 1.73 -11.13
CA LEU A 20 6.16 3.19 -11.20
C LEU A 20 6.15 3.66 -12.65
N PRO A 21 5.69 4.90 -12.86
CA PRO A 21 5.62 5.50 -14.20
C PRO A 21 6.99 5.80 -14.77
N ASP A 22 8.02 5.75 -13.92
CA ASP A 22 9.38 6.03 -14.34
C ASP A 22 10.00 4.79 -15.00
N GLY A 23 9.92 3.66 -14.31
CA GLY A 23 10.48 2.44 -14.85
C GLY A 23 10.79 1.42 -13.77
N SER A 24 11.40 1.88 -12.68
CA SER A 24 11.76 1.00 -11.58
C SER A 24 10.53 0.66 -10.74
N SER A 25 10.50 -0.56 -10.21
CA SER A 25 9.38 -1.01 -9.39
C SER A 25 9.87 -1.74 -8.14
N PHE A 26 9.14 -1.60 -7.05
CA PHE A 26 9.51 -2.24 -5.79
C PHE A 26 8.39 -3.16 -5.30
N THR A 27 8.78 -4.29 -4.72
CA THR A 27 7.81 -5.26 -4.22
C THR A 27 8.03 -5.53 -2.73
N ASN A 28 7.15 -5.00 -1.90
CA ASN A 28 7.25 -5.19 -0.46
C ASN A 28 6.55 -6.47 -0.03
N GLN A 29 6.71 -6.83 1.24
CA GLN A 29 6.09 -8.04 1.78
C GLN A 29 5.11 -7.70 2.89
N PHE A 30 3.84 -8.00 2.65
CA PHE A 30 2.79 -7.72 3.64
C PHE A 30 2.03 -9.00 3.98
N PRO A 31 1.48 -9.03 5.21
CA PRO A 31 0.71 -10.18 5.71
C PRO A 31 -0.62 -10.34 4.99
N SER A 32 -0.89 -11.54 4.48
CA SER A 32 -2.13 -11.82 3.77
C SER A 32 -3.30 -11.11 4.44
N ASP A 33 -3.18 -10.85 5.74
CA ASP A 33 -4.22 -10.17 6.49
C ASP A 33 -4.20 -8.67 6.23
N ALA A 34 -3.00 -8.10 6.22
CA ALA A 34 -2.84 -6.67 5.97
C ALA A 34 -3.79 -6.18 4.88
N PRO A 35 -4.51 -5.08 5.16
CA PRO A 35 -5.47 -4.49 4.22
C PRO A 35 -4.77 -3.86 3.01
N LEU A 36 -5.40 -3.96 1.85
CA LEU A 36 -4.85 -3.40 0.62
C LEU A 36 -4.17 -2.06 0.89
N GLU A 37 -4.79 -1.26 1.76
CA GLU A 37 -4.23 0.04 2.11
C GLU A 37 -2.75 -0.06 2.42
N GLU A 38 -2.39 -1.06 3.22
CA GLU A 38 -0.99 -1.26 3.60
C GLU A 38 -0.07 -1.05 2.41
N ALA A 39 -0.49 -1.54 1.24
CA ALA A 39 0.31 -1.40 0.03
C ALA A 39 0.32 0.05 -0.45
N ARG A 40 -0.76 0.76 -0.21
CA ARG A 40 -0.87 2.16 -0.63
C ARG A 40 -0.03 3.05 0.28
N GLN A 41 -0.10 2.80 1.59
CA GLN A 41 0.65 3.58 2.55
C GLN A 41 2.15 3.36 2.39
N PHE A 42 2.54 2.12 2.15
CA PHE A 42 3.96 1.77 1.97
C PHE A 42 4.56 2.55 0.80
N ALA A 43 3.95 2.40 -0.37
CA ALA A 43 4.43 3.08 -1.56
C ALA A 43 4.47 4.59 -1.35
N ALA A 44 3.56 5.10 -0.53
CA ALA A 44 3.50 6.53 -0.24
C ALA A 44 4.67 6.96 0.63
N GLN A 45 5.13 6.05 1.49
CA GLN A 45 6.25 6.34 2.38
C GLN A 45 7.53 6.53 1.59
N THR A 46 7.63 5.87 0.45
CA THR A 46 8.82 5.96 -0.40
C THR A 46 8.62 7.02 -1.50
N VAL A 47 7.45 7.00 -2.12
CA VAL A 47 7.14 7.95 -3.18
C VAL A 47 6.16 9.01 -2.70
N GLY A 48 6.19 9.29 -1.41
CA GLY A 48 5.29 10.29 -0.84
C GLY A 48 5.49 11.66 -1.45
N ASN A 49 6.75 11.99 -1.77
CA ASN A 49 7.08 13.28 -2.35
C ASN A 49 7.19 13.17 -3.87
N THR A 50 7.66 12.02 -4.34
CA THR A 50 7.82 11.78 -5.77
C THR A 50 6.56 12.15 -6.54
N TYR A 51 5.49 11.40 -6.31
CA TYR A 51 4.22 11.64 -6.97
C TYR A 51 3.20 12.25 -6.01
N GLY A 52 3.13 11.69 -4.80
CA GLY A 52 2.20 12.20 -3.81
C GLY A 52 1.00 11.29 -3.63
N ASN A 53 -0.16 11.76 -4.07
CA ASN A 53 -1.39 10.99 -3.95
C ASN A 53 -1.66 10.19 -5.22
N PHE A 54 -0.94 9.09 -5.39
CA PHE A 54 -1.10 8.23 -6.57
C PHE A 54 -2.29 7.29 -6.39
N SER A 55 -2.61 6.56 -7.46
CA SER A 55 -3.73 5.62 -7.43
C SER A 55 -3.26 4.22 -7.82
N LEU A 56 -3.69 3.23 -7.05
CA LEU A 56 -3.33 1.84 -7.31
C LEU A 56 -4.39 1.15 -8.16
N ALA A 57 -3.94 0.35 -9.13
CA ALA A 57 -4.86 -0.37 -10.00
C ALA A 57 -4.27 -1.72 -10.41
N THR A 58 -5.13 -2.61 -10.88
CA THR A 58 -4.70 -3.94 -11.30
C THR A 58 -3.95 -3.88 -12.63
N MET A 59 -3.59 -5.05 -13.15
CA MET A 59 -2.88 -5.12 -14.43
C MET A 59 -3.72 -5.83 -15.49
N PHE A 60 -4.20 -7.02 -15.15
CA PHE A 60 -5.02 -7.79 -16.07
C PHE A 60 -6.40 -7.16 -16.25
N PRO A 61 -7.20 -7.18 -15.19
CA PRO A 61 -8.55 -6.61 -15.20
C PRO A 61 -8.54 -5.09 -15.28
N ARG A 62 -7.35 -4.50 -15.09
CA ARG A 62 -7.20 -3.05 -15.14
C ARG A 62 -8.43 -2.36 -14.56
N ARG A 63 -8.86 -2.80 -13.38
CA ARG A 63 -10.02 -2.22 -12.72
C ARG A 63 -9.61 -1.39 -11.51
N GLU A 64 -9.94 -0.10 -11.54
CA GLU A 64 -9.60 0.80 -10.44
C GLU A 64 -10.24 0.34 -9.14
N PHE A 65 -9.40 -0.04 -8.18
CA PHE A 65 -9.88 -0.52 -6.89
C PHE A 65 -10.92 0.44 -6.32
N THR A 66 -11.69 -0.04 -5.34
CA THR A 66 -12.72 0.77 -4.72
C THR A 66 -12.50 0.88 -3.21
N ARG A 67 -12.96 1.98 -2.62
CA ARG A 67 -12.80 2.20 -1.19
C ARG A 67 -12.96 0.89 -0.42
N GLU A 68 -13.92 0.07 -0.84
CA GLU A 68 -14.17 -1.21 -0.18
C GLU A 68 -12.96 -2.12 -0.30
N ASP A 69 -12.38 -2.19 -1.51
CA ASP A 69 -11.22 -3.02 -1.75
C ASP A 69 -10.18 -2.84 -0.65
N TYR A 70 -10.10 -1.63 -0.12
CA TYR A 70 -9.14 -1.32 0.95
C TYR A 70 -9.65 -1.79 2.30
N LYS A 71 -10.98 -1.86 2.43
CA LYS A 71 -11.61 -2.30 3.67
C LYS A 71 -11.48 -3.81 3.85
N ARG A 72 -11.22 -4.51 2.75
CA ARG A 72 -11.08 -5.96 2.79
C ARG A 72 -9.61 -6.36 2.70
N ARG A 73 -9.20 -7.26 3.60
CA ARG A 73 -7.83 -7.73 3.63
C ARG A 73 -7.35 -8.12 2.24
N LEU A 74 -6.03 -8.24 2.08
CA LEU A 74 -5.45 -8.60 0.79
C LEU A 74 -5.88 -10.00 0.37
N LEU A 75 -5.57 -10.99 1.20
CA LEU A 75 -5.94 -12.37 0.92
C LEU A 75 -7.38 -12.46 0.43
N ASP A 76 -8.18 -11.46 0.76
CA ASP A 76 -9.58 -11.42 0.36
C ASP A 76 -9.71 -11.06 -1.12
N LEU A 77 -8.87 -10.14 -1.57
CA LEU A 77 -8.90 -9.70 -2.97
C LEU A 77 -8.10 -10.65 -3.85
N GLU A 78 -7.83 -11.85 -3.33
CA GLU A 78 -7.08 -12.85 -4.07
C GLU A 78 -5.64 -12.40 -4.29
N LEU A 79 -5.15 -11.55 -3.40
CA LEU A 79 -3.78 -11.05 -3.50
C LEU A 79 -2.89 -11.70 -2.46
N ALA A 80 -3.28 -12.89 -2.00
CA ALA A 80 -2.51 -13.62 -1.01
C ALA A 80 -1.14 -14.02 -1.56
N PRO A 81 -1.15 -14.80 -2.65
CA PRO A 81 0.09 -15.26 -3.30
C PRO A 81 0.84 -14.14 -3.98
N SER A 82 0.54 -13.93 -5.26
CA SER A 82 1.19 -12.88 -6.03
C SER A 82 0.19 -11.81 -6.46
N ALA A 83 0.65 -10.56 -6.51
CA ALA A 83 -0.21 -9.45 -6.90
C ALA A 83 0.60 -8.33 -7.54
N SER A 84 -0.01 -7.61 -8.47
CA SER A 84 0.65 -6.52 -9.16
C SER A 84 -0.24 -5.29 -9.23
N VAL A 85 0.07 -4.28 -8.42
CA VAL A 85 -0.71 -3.04 -8.39
C VAL A 85 0.05 -1.91 -9.08
N VAL A 86 -0.47 -1.47 -10.21
CA VAL A 86 0.16 -0.37 -10.95
C VAL A 86 -0.09 0.97 -10.27
N LEU A 87 1.00 1.68 -10.00
CA LEU A 87 0.91 2.99 -9.34
C LEU A 87 0.66 4.09 -10.36
N LEU A 88 -0.39 4.88 -10.13
CA LEU A 88 -0.75 5.97 -11.03
C LEU A 88 -0.47 7.32 -10.37
N PRO A 89 0.45 8.10 -10.98
CA PRO A 89 0.82 9.42 -10.47
C PRO A 89 -0.31 10.43 -10.64
N ALA A 90 -0.45 11.33 -9.66
CA ALA A 90 -1.47 12.35 -9.71
C ALA A 90 -0.95 13.64 -10.36
N GLY A 91 0.24 14.05 -9.95
CA GLY A 91 0.83 15.26 -10.50
C GLY A 91 1.26 16.24 -9.44
N ARG A 92 0.43 16.38 -8.40
CA ARG A 92 0.73 17.30 -7.31
C ARG A 92 1.31 16.55 -6.12
N PRO A 93 2.38 17.13 -5.52
CA PRO A 93 3.05 16.54 -4.36
C PRO A 93 2.19 16.58 -3.11
N ALA A 94 2.78 16.21 -1.97
CA ALA A 94 2.07 16.21 -0.70
C ALA A 94 2.67 17.22 0.25
N THR A 95 1.81 17.88 1.04
CA THR A 95 2.26 18.88 2.00
C THR A 95 3.28 18.29 2.96
N SER A 96 2.85 17.32 3.76
CA SER A 96 3.73 16.68 4.73
C SER A 96 3.38 15.20 4.90
N ILE A 97 4.22 14.48 5.63
CA ILE A 97 3.99 13.05 5.87
C ILE A 97 3.54 12.81 7.30
N VAL A 98 2.66 11.82 7.48
CA VAL A 98 2.15 11.48 8.80
C VAL A 98 3.26 10.88 9.68
N HIS A 99 3.22 11.20 10.96
CA HIS A 99 4.21 10.69 11.91
C HIS A 99 3.53 9.91 13.03
N SER A 100 4.34 9.20 13.82
CA SER A 100 3.83 8.40 14.92
C SER A 100 4.88 8.24 16.01
N SER A 101 4.51 7.55 17.09
CA SER A 101 5.42 7.32 18.20
C SER A 101 5.41 5.85 18.62
N SER A 102 6.61 5.30 18.83
CA SER A 102 6.74 3.91 19.23
C SER A 102 6.53 3.75 20.74
N GLY A 103 7.21 4.60 21.50
CA GLY A 103 7.10 4.55 22.95
C GLY A 103 8.23 3.77 23.60
N ASP A 104 8.26 3.76 24.92
CA ASP A 104 9.29 3.04 25.67
C ASP A 104 8.73 2.44 26.94
N ILE A 105 9.23 1.26 27.30
CA ILE A 105 8.77 0.57 28.50
C ILE A 105 9.76 0.76 29.65
N LEU A 106 9.23 0.79 30.87
CA LEU A 106 10.06 0.97 32.05
C LEU A 106 10.12 -0.32 32.87
N MET A 107 11.33 -0.67 33.33
CA MET A 107 11.52 -1.87 34.13
C MET A 107 12.15 -1.53 35.48
N ILE A 108 12.17 -2.51 36.37
CA ILE A 108 12.75 -2.32 37.70
C ILE A 108 13.21 -3.65 38.29
N ASP A 109 14.28 -3.59 39.07
CA ASP A 109 14.82 -4.79 39.71
C ASP A 109 13.79 -5.44 40.61
N GLY A 1 0.40 7.68 18.26
CA GLY A 1 1.29 7.39 19.37
C GLY A 1 1.55 5.91 19.54
N SER A 2 2.79 5.49 19.26
CA SER A 2 3.17 4.09 19.38
C SER A 2 2.32 3.22 18.46
N SER A 3 2.09 3.72 17.24
CA SER A 3 1.28 2.98 16.27
C SER A 3 2.09 2.70 15.00
N GLY A 4 2.90 1.65 15.05
CA GLY A 4 3.72 1.29 13.89
C GLY A 4 5.10 0.80 14.29
N SER A 5 5.15 -0.02 15.33
CA SER A 5 6.42 -0.56 15.82
C SER A 5 6.60 -2.00 15.36
N SER A 6 7.86 -2.40 15.19
CA SER A 6 8.17 -3.76 14.75
C SER A 6 7.39 -4.79 15.56
N GLY A 7 7.06 -5.91 14.93
CA GLY A 7 6.31 -6.95 15.61
C GLY A 7 7.10 -8.24 15.73
N ARG A 8 6.62 -9.28 15.03
CA ARG A 8 7.29 -10.58 15.08
C ARG A 8 7.13 -11.30 13.74
N ASP A 9 8.12 -12.12 13.40
CA ASP A 9 8.10 -12.87 12.15
C ASP A 9 6.75 -13.54 11.94
N ARG A 10 6.31 -13.60 10.69
CA ARG A 10 5.03 -14.22 10.36
C ARG A 10 5.18 -15.20 9.20
N SER A 11 4.38 -16.27 9.23
CA SER A 11 4.42 -17.27 8.18
C SER A 11 3.65 -16.82 6.94
N THR A 12 2.43 -16.36 7.16
CA THR A 12 1.58 -15.89 6.06
C THR A 12 2.08 -14.56 5.52
N ILE A 13 2.53 -14.56 4.27
CA ILE A 13 3.03 -13.35 3.63
C ILE A 13 2.36 -13.12 2.28
N ALA A 14 2.42 -11.89 1.80
CA ALA A 14 1.82 -11.54 0.51
C ALA A 14 2.83 -10.86 -0.40
N ARG A 15 2.75 -11.15 -1.69
CA ARG A 15 3.66 -10.57 -2.67
C ARG A 15 2.98 -9.44 -3.45
N ILE A 16 3.29 -8.20 -3.08
CA ILE A 16 2.72 -7.04 -3.74
C ILE A 16 3.79 -6.24 -4.49
N GLN A 17 3.69 -6.24 -5.81
CA GLN A 17 4.65 -5.51 -6.64
C GLN A 17 4.14 -4.12 -6.97
N PHE A 18 5.00 -3.12 -6.82
CA PHE A 18 4.64 -1.74 -7.10
C PHE A 18 5.29 -1.26 -8.40
N ARG A 19 4.47 -0.99 -9.41
CA ARG A 19 4.97 -0.53 -10.69
C ARG A 19 4.90 0.99 -10.79
N LEU A 20 6.03 1.62 -11.08
CA LEU A 20 6.09 3.07 -11.21
C LEU A 20 6.00 3.51 -12.66
N PRO A 21 5.52 4.74 -12.89
CA PRO A 21 5.37 5.30 -14.23
C PRO A 21 6.71 5.59 -14.89
N ASP A 22 7.80 5.31 -14.18
CA ASP A 22 9.14 5.53 -14.70
C ASP A 22 9.90 4.22 -14.83
N GLY A 23 9.16 3.13 -15.08
CA GLY A 23 9.80 1.84 -15.21
C GLY A 23 10.11 1.20 -13.87
N SER A 24 10.90 1.89 -13.06
CA SER A 24 11.28 1.40 -11.75
C SER A 24 10.11 0.70 -11.06
N SER A 25 10.42 -0.18 -10.13
CA SER A 25 9.38 -0.92 -9.40
C SER A 25 9.95 -1.54 -8.13
N PHE A 26 9.09 -1.72 -7.13
CA PHE A 26 9.51 -2.31 -5.86
C PHE A 26 8.41 -3.21 -5.30
N THR A 27 8.81 -4.38 -4.82
CA THR A 27 7.86 -5.33 -4.25
C THR A 27 8.14 -5.57 -2.77
N ASN A 28 7.26 -5.05 -1.91
CA ASN A 28 7.41 -5.21 -0.47
C ASN A 28 6.70 -6.47 0.02
N GLN A 29 6.84 -6.74 1.31
CA GLN A 29 6.21 -7.92 1.90
C GLN A 29 5.15 -7.51 2.93
N PHE A 30 3.94 -8.03 2.77
CA PHE A 30 2.84 -7.72 3.67
C PHE A 30 2.07 -8.98 4.05
N PRO A 31 1.47 -8.97 5.24
CA PRO A 31 0.69 -10.11 5.74
C PRO A 31 -0.61 -10.30 4.98
N SER A 32 -0.85 -11.53 4.51
CA SER A 32 -2.05 -11.83 3.75
C SER A 32 -3.27 -11.11 4.34
N ASP A 33 -3.19 -10.80 5.63
CA ASP A 33 -4.28 -10.12 6.31
C ASP A 33 -4.26 -8.62 6.00
N ALA A 34 -3.07 -8.04 6.01
CA ALA A 34 -2.92 -6.61 5.72
C ALA A 34 -3.82 -6.19 4.57
N PRO A 35 -4.66 -5.17 4.83
CA PRO A 35 -5.59 -4.65 3.82
C PRO A 35 -4.88 -3.91 2.69
N LEU A 36 -5.40 -4.05 1.48
CA LEU A 36 -4.81 -3.39 0.31
C LEU A 36 -4.23 -2.03 0.69
N GLU A 37 -4.94 -1.30 1.54
CA GLU A 37 -4.49 0.01 1.98
C GLU A 37 -3.02 -0.02 2.37
N GLU A 38 -2.66 -0.97 3.24
CA GLU A 38 -1.29 -1.10 3.70
C GLU A 38 -0.31 -0.81 2.57
N ALA A 39 -0.52 -1.46 1.43
CA ALA A 39 0.34 -1.27 0.26
C ALA A 39 0.38 0.20 -0.16
N ARG A 40 -0.78 0.84 -0.14
CA ARG A 40 -0.88 2.24 -0.53
C ARG A 40 -0.05 3.13 0.42
N GLN A 41 -0.09 2.81 1.70
CA GLN A 41 0.65 3.57 2.70
C GLN A 41 2.16 3.44 2.47
N PHE A 42 2.63 2.21 2.35
CA PHE A 42 4.05 1.96 2.13
C PHE A 42 4.53 2.63 0.84
N ALA A 43 3.82 2.37 -0.26
CA ALA A 43 4.17 2.95 -1.55
C ALA A 43 4.33 4.46 -1.44
N ALA A 44 3.43 5.10 -0.72
CA ALA A 44 3.46 6.55 -0.53
C ALA A 44 4.78 6.98 0.10
N GLN A 45 5.30 6.15 1.01
CA GLN A 45 6.55 6.46 1.70
C GLN A 45 7.74 6.18 0.79
N THR A 46 7.67 5.09 0.02
CA THR A 46 8.74 4.71 -0.88
C THR A 46 8.98 5.79 -1.92
N VAL A 47 7.91 6.30 -2.52
CA VAL A 47 8.01 7.34 -3.54
C VAL A 47 8.09 8.72 -2.90
N GLY A 48 7.59 8.83 -1.67
CA GLY A 48 7.62 10.10 -0.97
C GLY A 48 6.83 11.17 -1.69
N ASN A 49 7.19 12.43 -1.47
CA ASN A 49 6.51 13.55 -2.10
C ASN A 49 7.05 13.80 -3.50
N THR A 50 7.22 12.72 -4.26
CA THR A 50 7.72 12.83 -5.63
C THR A 50 6.59 12.87 -6.64
N TYR A 51 5.55 12.08 -6.38
CA TYR A 51 4.40 12.02 -7.27
C TYR A 51 3.19 12.73 -6.65
N GLY A 52 3.05 12.58 -5.34
CA GLY A 52 1.94 13.21 -4.64
C GLY A 52 0.80 12.24 -4.38
N ASN A 53 -0.43 12.72 -4.54
CA ASN A 53 -1.61 11.89 -4.31
C ASN A 53 -1.84 10.95 -5.49
N PHE A 54 -1.29 9.74 -5.39
CA PHE A 54 -1.44 8.75 -6.45
C PHE A 54 -2.43 7.66 -6.05
N SER A 55 -2.75 6.77 -6.98
CA SER A 55 -3.69 5.69 -6.71
C SER A 55 -3.12 4.35 -7.19
N LEU A 56 -3.74 3.26 -6.74
CA LEU A 56 -3.30 1.93 -7.11
C LEU A 56 -4.35 1.22 -7.96
N ALA A 57 -3.89 0.41 -8.92
CA ALA A 57 -4.79 -0.32 -9.78
C ALA A 57 -4.17 -1.63 -10.24
N THR A 58 -5.00 -2.53 -10.77
CA THR A 58 -4.53 -3.82 -11.24
C THR A 58 -3.75 -3.68 -12.55
N MET A 59 -3.34 -4.81 -13.12
CA MET A 59 -2.59 -4.80 -14.37
C MET A 59 -3.35 -5.55 -15.47
N PHE A 60 -3.84 -6.74 -15.13
CA PHE A 60 -4.58 -7.55 -16.08
C PHE A 60 -5.99 -7.00 -16.30
N PRO A 61 -6.82 -7.07 -15.25
CA PRO A 61 -8.21 -6.58 -15.29
C PRO A 61 -8.27 -5.05 -15.36
N ARG A 62 -7.13 -4.41 -15.14
CA ARG A 62 -7.07 -2.95 -15.18
C ARG A 62 -8.34 -2.34 -14.61
N ARG A 63 -8.70 -2.73 -13.39
CA ARG A 63 -9.89 -2.21 -12.74
C ARG A 63 -9.53 -1.34 -11.54
N GLU A 64 -9.94 -0.09 -11.58
CA GLU A 64 -9.66 0.85 -10.50
C GLU A 64 -10.30 0.37 -9.19
N PHE A 65 -9.47 -0.13 -8.28
CA PHE A 65 -9.95 -0.62 -7.00
C PHE A 65 -11.02 0.32 -6.43
N THR A 66 -11.81 -0.20 -5.48
CA THR A 66 -12.86 0.58 -4.86
C THR A 66 -12.63 0.73 -3.36
N ARG A 67 -13.12 1.83 -2.79
CA ARG A 67 -12.97 2.08 -1.37
C ARG A 67 -13.10 0.79 -0.57
N GLU A 68 -14.07 -0.04 -0.94
CA GLU A 68 -14.30 -1.31 -0.25
C GLU A 68 -13.09 -2.23 -0.39
N ASP A 69 -12.60 -2.37 -1.61
CA ASP A 69 -11.44 -3.22 -1.88
C ASP A 69 -10.35 -2.99 -0.85
N TYR A 70 -10.16 -1.73 -0.46
CA TYR A 70 -9.14 -1.38 0.53
C TYR A 70 -9.53 -1.89 1.91
N LYS A 71 -10.83 -1.92 2.19
CA LYS A 71 -11.32 -2.38 3.48
C LYS A 71 -11.22 -3.90 3.59
N ARG A 72 -11.14 -4.56 2.44
CA ARG A 72 -11.03 -6.02 2.41
C ARG A 72 -9.57 -6.45 2.43
N ARG A 73 -9.24 -7.38 3.33
CA ARG A 73 -7.89 -7.88 3.46
C ARG A 73 -7.35 -8.35 2.11
N LEU A 74 -6.04 -8.21 1.92
CA LEU A 74 -5.41 -8.62 0.67
C LEU A 74 -5.89 -10.01 0.25
N LEU A 75 -5.57 -11.00 1.06
CA LEU A 75 -5.98 -12.38 0.78
C LEU A 75 -7.44 -12.44 0.33
N ASP A 76 -8.19 -11.42 0.69
CA ASP A 76 -9.61 -11.35 0.32
C ASP A 76 -9.77 -10.98 -1.14
N LEU A 77 -8.97 -10.02 -1.59
CA LEU A 77 -9.02 -9.56 -2.98
C LEU A 77 -8.23 -10.49 -3.90
N GLU A 78 -7.95 -11.69 -3.40
CA GLU A 78 -7.19 -12.68 -4.18
C GLU A 78 -5.76 -12.21 -4.40
N LEU A 79 -5.26 -11.39 -3.49
CA LEU A 79 -3.90 -10.87 -3.58
C LEU A 79 -3.01 -11.49 -2.51
N ALA A 80 -3.41 -12.64 -1.99
CA ALA A 80 -2.65 -13.33 -0.97
C ALA A 80 -1.28 -13.75 -1.50
N PRO A 81 -1.28 -14.57 -2.56
CA PRO A 81 -0.04 -15.07 -3.18
C PRO A 81 0.71 -13.97 -3.92
N SER A 82 0.42 -13.80 -5.20
CA SER A 82 1.07 -12.79 -6.02
C SER A 82 0.08 -11.69 -6.41
N ALA A 83 0.56 -10.45 -6.44
CA ALA A 83 -0.27 -9.32 -6.80
C ALA A 83 0.56 -8.20 -7.42
N SER A 84 0.00 -7.54 -8.43
CA SER A 84 0.70 -6.45 -9.11
C SER A 84 -0.17 -5.20 -9.17
N VAL A 85 0.13 -4.24 -8.29
CA VAL A 85 -0.63 -3.00 -8.24
C VAL A 85 0.16 -1.85 -8.86
N VAL A 86 -0.34 -1.33 -9.97
CA VAL A 86 0.31 -0.22 -10.66
C VAL A 86 0.05 1.10 -9.96
N LEU A 87 1.02 2.01 -10.03
CA LEU A 87 0.89 3.32 -9.39
C LEU A 87 0.48 4.37 -10.41
N LEU A 88 -0.64 5.04 -10.16
CA LEU A 88 -1.15 6.07 -11.05
C LEU A 88 -0.98 7.45 -10.43
N PRO A 89 0.02 8.20 -10.92
CA PRO A 89 0.31 9.56 -10.43
C PRO A 89 -0.77 10.55 -10.82
N ALA A 90 -1.04 11.51 -9.93
CA ALA A 90 -2.05 12.53 -10.19
C ALA A 90 -1.45 13.73 -10.91
N GLY A 91 -0.21 14.07 -10.57
CA GLY A 91 0.46 15.19 -11.19
C GLY A 91 1.43 15.89 -10.26
N ARG A 92 1.25 17.20 -10.10
CA ARG A 92 2.12 17.98 -9.23
C ARG A 92 1.67 17.89 -7.78
N PRO A 93 2.59 17.45 -6.90
CA PRO A 93 2.30 17.30 -5.47
C PRO A 93 2.14 18.64 -4.77
N ALA A 94 0.89 19.05 -4.58
CA ALA A 94 0.59 20.32 -3.92
C ALA A 94 -0.13 20.09 -2.60
N THR A 95 0.63 19.68 -1.58
CA THR A 95 0.06 19.43 -0.26
C THR A 95 1.14 19.47 0.82
N SER A 96 0.79 20.04 1.97
CA SER A 96 1.73 20.15 3.08
C SER A 96 1.76 18.86 3.89
N ILE A 97 2.82 18.08 3.72
CA ILE A 97 2.97 16.81 4.43
C ILE A 97 3.27 17.06 5.91
N VAL A 98 2.93 16.07 6.75
CA VAL A 98 3.18 16.18 8.18
C VAL A 98 3.98 14.99 8.70
N HIS A 99 5.30 15.10 8.60
CA HIS A 99 6.18 14.03 9.07
C HIS A 99 6.78 14.36 10.42
N SER A 100 7.04 13.32 11.23
CA SER A 100 7.59 13.51 12.56
C SER A 100 8.17 12.19 13.09
N SER A 101 9.31 12.29 13.77
CA SER A 101 9.97 11.11 14.33
C SER A 101 11.13 11.51 15.23
N SER A 102 11.13 10.96 16.44
CA SER A 102 12.18 11.26 17.41
C SER A 102 12.47 10.06 18.29
N GLY A 103 13.55 10.14 19.07
CA GLY A 103 13.91 9.05 19.95
C GLY A 103 14.27 7.78 19.21
N ASP A 104 14.85 6.83 19.92
CA ASP A 104 15.25 5.56 19.31
C ASP A 104 15.63 4.53 20.38
N ILE A 105 15.14 3.31 20.21
CA ILE A 105 15.44 2.25 21.17
C ILE A 105 16.60 1.39 20.69
N LEU A 106 17.42 0.94 21.64
CA LEU A 106 18.57 0.11 21.33
C LEU A 106 18.62 -1.13 22.22
N MET A 107 19.23 -2.19 21.70
CA MET A 107 19.33 -3.44 22.46
C MET A 107 20.40 -4.36 21.84
N ILE A 108 21.05 -5.14 22.68
CA ILE A 108 22.08 -6.06 22.22
C ILE A 108 22.05 -7.37 23.01
N ASP A 109 22.16 -8.48 22.29
CA ASP A 109 22.16 -9.79 22.93
C ASP A 109 22.87 -9.76 24.28
N GLY A 1 -14.97 -8.64 11.01
CA GLY A 1 -14.52 -7.39 11.57
C GLY A 1 -14.43 -6.28 10.54
N SER A 2 -15.38 -5.34 10.60
CA SER A 2 -15.41 -4.24 9.65
C SER A 2 -14.07 -3.50 9.63
N SER A 3 -13.62 -3.07 10.80
CA SER A 3 -12.36 -2.35 10.92
C SER A 3 -11.19 -3.32 11.01
N GLY A 4 -10.50 -3.53 9.89
CA GLY A 4 -9.37 -4.43 9.86
C GLY A 4 -9.63 -5.71 10.63
N SER A 5 -8.56 -6.40 11.01
CA SER A 5 -8.68 -7.66 11.74
C SER A 5 -7.44 -7.89 12.61
N SER A 6 -7.65 -7.95 13.92
CA SER A 6 -6.54 -8.18 14.85
C SER A 6 -6.67 -9.55 15.51
N GLY A 7 -5.59 -10.00 16.14
CA GLY A 7 -5.58 -11.30 16.79
C GLY A 7 -4.21 -11.94 16.81
N ARG A 8 -3.50 -11.79 17.92
CA ARG A 8 -2.17 -12.37 18.06
C ARG A 8 -2.13 -13.79 17.51
N ASP A 9 -1.58 -13.94 16.31
CA ASP A 9 -1.47 -15.24 15.67
C ASP A 9 -0.53 -15.19 14.48
N ARG A 10 -0.17 -16.37 13.96
CA ARG A 10 0.73 -16.45 12.81
C ARG A 10 -0.02 -16.22 11.51
N SER A 11 0.50 -15.30 10.70
CA SER A 11 -0.12 -14.97 9.42
C SER A 11 0.85 -15.18 8.27
N THR A 12 0.31 -15.37 7.07
CA THR A 12 1.14 -15.58 5.89
C THR A 12 1.59 -14.25 5.29
N ILE A 13 2.43 -14.34 4.26
CA ILE A 13 2.93 -13.13 3.59
C ILE A 13 2.33 -12.98 2.21
N ALA A 14 2.35 -11.76 1.69
CA ALA A 14 1.80 -11.47 0.36
C ALA A 14 2.85 -10.82 -0.52
N ARG A 15 2.77 -11.09 -1.82
CA ARG A 15 3.72 -10.53 -2.78
C ARG A 15 3.05 -9.44 -3.61
N ILE A 16 3.24 -8.18 -3.19
CA ILE A 16 2.67 -7.05 -3.90
C ILE A 16 3.73 -6.30 -4.70
N GLN A 17 3.58 -6.30 -6.01
CA GLN A 17 4.53 -5.62 -6.89
C GLN A 17 4.02 -4.24 -7.27
N PHE A 18 4.75 -3.21 -6.84
CA PHE A 18 4.37 -1.83 -7.13
C PHE A 18 5.04 -1.34 -8.41
N ARG A 19 4.26 -1.26 -9.49
CA ARG A 19 4.79 -0.81 -10.77
C ARG A 19 4.76 0.72 -10.87
N LEU A 20 5.77 1.28 -11.53
CA LEU A 20 5.86 2.72 -11.69
C LEU A 20 5.78 3.12 -13.16
N PRO A 21 5.36 4.36 -13.42
CA PRO A 21 5.24 4.89 -14.78
C PRO A 21 6.59 5.10 -15.44
N ASP A 22 7.65 4.73 -14.75
CA ASP A 22 9.01 4.88 -15.26
C ASP A 22 9.71 3.53 -15.35
N GLY A 23 8.93 2.46 -15.42
CA GLY A 23 9.49 1.12 -15.49
C GLY A 23 9.86 0.57 -14.13
N SER A 24 10.71 1.29 -13.41
CA SER A 24 11.15 0.86 -12.09
C SER A 24 9.98 0.29 -11.28
N SER A 25 10.29 -0.51 -10.27
CA SER A 25 9.27 -1.11 -9.44
C SER A 25 9.87 -1.63 -8.13
N PHE A 26 9.00 -1.90 -7.15
CA PHE A 26 9.45 -2.40 -5.86
C PHE A 26 8.40 -3.30 -5.23
N THR A 27 8.82 -4.48 -4.78
CA THR A 27 7.92 -5.43 -4.16
C THR A 27 8.19 -5.56 -2.67
N ASN A 28 7.24 -5.09 -1.86
CA ASN A 28 7.38 -5.14 -0.41
C ASN A 28 6.79 -6.44 0.14
N GLN A 29 6.76 -6.56 1.47
CA GLN A 29 6.22 -7.75 2.12
C GLN A 29 5.13 -7.38 3.11
N PHE A 30 3.91 -7.89 2.87
CA PHE A 30 2.78 -7.60 3.75
C PHE A 30 2.04 -8.89 4.11
N PRO A 31 1.48 -8.92 5.32
CA PRO A 31 0.74 -10.09 5.82
C PRO A 31 -0.60 -10.27 5.09
N SER A 32 -0.86 -11.50 4.64
CA SER A 32 -2.09 -11.81 3.93
C SER A 32 -3.29 -11.12 4.59
N ASP A 33 -3.14 -10.82 5.88
CA ASP A 33 -4.21 -10.16 6.62
C ASP A 33 -4.22 -8.65 6.36
N ALA A 34 -3.03 -8.08 6.25
CA ALA A 34 -2.90 -6.65 5.99
C ALA A 34 -3.84 -6.20 4.87
N PRO A 35 -4.62 -5.15 5.14
CA PRO A 35 -5.58 -4.61 4.16
C PRO A 35 -4.88 -3.91 3.01
N LEU A 36 -5.45 -4.05 1.81
CA LEU A 36 -4.88 -3.43 0.62
C LEU A 36 -4.24 -2.09 0.95
N GLU A 37 -4.91 -1.30 1.79
CA GLU A 37 -4.40 0.00 2.18
C GLU A 37 -2.94 -0.09 2.61
N GLU A 38 -2.64 -1.03 3.50
CA GLU A 38 -1.29 -1.22 3.99
C GLU A 38 -0.28 -1.16 2.84
N ALA A 39 -0.66 -1.75 1.71
CA ALA A 39 0.20 -1.76 0.54
C ALA A 39 0.31 -0.38 -0.08
N ARG A 40 -0.77 0.39 0.00
CA ARG A 40 -0.80 1.73 -0.56
C ARG A 40 0.00 2.70 0.31
N GLN A 41 -0.29 2.70 1.61
CA GLN A 41 0.40 3.58 2.55
C GLN A 41 1.91 3.43 2.42
N PHE A 42 2.37 2.19 2.25
CA PHE A 42 3.79 1.93 2.11
C PHE A 42 4.38 2.68 0.92
N ALA A 43 3.84 2.41 -0.26
CA ALA A 43 4.31 3.07 -1.49
C ALA A 43 4.40 4.57 -1.29
N ALA A 44 3.46 5.14 -0.54
CA ALA A 44 3.44 6.56 -0.28
C ALA A 44 4.66 7.01 0.52
N GLN A 45 5.14 6.10 1.38
CA GLN A 45 6.30 6.40 2.21
C GLN A 45 7.59 6.28 1.40
N THR A 46 7.60 5.36 0.43
CA THR A 46 8.77 5.16 -0.41
C THR A 46 8.90 6.27 -1.46
N VAL A 47 7.87 6.42 -2.27
CA VAL A 47 7.86 7.45 -3.31
C VAL A 47 7.68 8.84 -2.71
N GLY A 48 7.05 8.90 -1.55
CA GLY A 48 6.83 10.17 -0.88
C GLY A 48 5.98 11.12 -1.71
N ASN A 49 6.43 12.36 -1.83
CA ASN A 49 5.70 13.36 -2.60
C ASN A 49 6.31 13.51 -4.00
N THR A 50 6.71 12.40 -4.58
CA THR A 50 7.31 12.41 -5.91
C THR A 50 6.24 12.54 -6.99
N TYR A 51 5.26 11.65 -6.97
CA TYR A 51 4.18 11.67 -7.94
C TYR A 51 3.09 12.65 -7.52
N GLY A 52 2.53 12.44 -6.33
CA GLY A 52 1.49 13.31 -5.83
C GLY A 52 0.12 12.65 -5.85
N ASN A 53 -0.46 12.43 -4.68
CA ASN A 53 -1.76 11.79 -4.57
C ASN A 53 -1.96 10.76 -5.68
N PHE A 54 -0.98 9.89 -5.84
CA PHE A 54 -1.04 8.85 -6.87
C PHE A 54 -2.17 7.86 -6.57
N SER A 55 -2.42 6.95 -7.51
CA SER A 55 -3.47 5.95 -7.35
C SER A 55 -2.93 4.55 -7.61
N LEU A 56 -3.75 3.54 -7.32
CA LEU A 56 -3.35 2.16 -7.53
C LEU A 56 -4.41 1.40 -8.32
N ALA A 57 -3.96 0.45 -9.14
CA ALA A 57 -4.87 -0.35 -9.95
C ALA A 57 -4.26 -1.71 -10.27
N THR A 58 -5.05 -2.57 -10.90
CA THR A 58 -4.60 -3.90 -11.27
C THR A 58 -3.92 -3.90 -12.63
N MET A 59 -3.54 -5.09 -13.10
CA MET A 59 -2.88 -5.23 -14.40
C MET A 59 -3.73 -6.03 -15.37
N PHE A 60 -4.19 -7.19 -14.92
CA PHE A 60 -5.03 -8.06 -15.75
C PHE A 60 -6.42 -7.47 -15.92
N PRO A 61 -7.19 -7.44 -14.82
CA PRO A 61 -8.55 -6.91 -14.82
C PRO A 61 -8.59 -5.40 -15.00
N ARG A 62 -7.42 -4.78 -14.92
CA ARG A 62 -7.32 -3.33 -15.07
C ARG A 62 -8.54 -2.63 -14.49
N ARG A 63 -8.84 -2.91 -13.23
CA ARG A 63 -9.99 -2.31 -12.56
C ARG A 63 -9.54 -1.42 -11.40
N GLU A 64 -10.07 -0.21 -11.35
CA GLU A 64 -9.72 0.74 -10.31
C GLU A 64 -10.31 0.30 -8.97
N PHE A 65 -9.44 -0.14 -8.06
CA PHE A 65 -9.88 -0.59 -6.74
C PHE A 65 -10.87 0.39 -6.13
N THR A 66 -11.77 -0.13 -5.29
CA THR A 66 -12.77 0.70 -4.64
C THR A 66 -12.52 0.79 -3.14
N ARG A 67 -12.94 1.90 -2.55
CA ARG A 67 -12.77 2.11 -1.12
C ARG A 67 -12.93 0.80 -0.35
N GLU A 68 -14.02 0.09 -0.60
CA GLU A 68 -14.28 -1.18 0.06
C GLU A 68 -13.09 -2.13 -0.09
N ASP A 69 -12.52 -2.16 -1.29
CA ASP A 69 -11.38 -3.02 -1.57
C ASP A 69 -10.25 -2.76 -0.59
N TYR A 70 -10.16 -1.54 -0.10
CA TYR A 70 -9.13 -1.16 0.86
C TYR A 70 -9.51 -1.58 2.28
N LYS A 71 -10.78 -1.94 2.45
CA LYS A 71 -11.27 -2.36 3.76
C LYS A 71 -11.16 -3.87 3.92
N ARG A 72 -11.08 -4.58 2.80
CA ARG A 72 -10.96 -6.03 2.82
C ARG A 72 -9.50 -6.47 2.75
N ARG A 73 -9.13 -7.40 3.61
CA ARG A 73 -7.76 -7.90 3.65
C ARG A 73 -7.24 -8.19 2.24
N LEU A 74 -5.93 -8.31 2.11
CA LEU A 74 -5.31 -8.58 0.82
C LEU A 74 -5.75 -9.94 0.28
N LEU A 75 -5.49 -10.99 1.05
CA LEU A 75 -5.86 -12.35 0.66
C LEU A 75 -7.29 -12.38 0.14
N ASP A 76 -8.12 -11.44 0.60
CA ASP A 76 -9.51 -11.38 0.18
C ASP A 76 -9.61 -10.98 -1.30
N LEU A 77 -8.73 -10.11 -1.73
CA LEU A 77 -8.72 -9.64 -3.12
C LEU A 77 -7.84 -10.54 -3.98
N GLU A 78 -7.73 -11.80 -3.60
CA GLU A 78 -6.91 -12.76 -4.34
C GLU A 78 -5.49 -12.24 -4.53
N LEU A 79 -4.95 -11.64 -3.48
CA LEU A 79 -3.60 -11.09 -3.52
C LEU A 79 -2.68 -11.83 -2.57
N ALA A 80 -3.24 -12.76 -1.81
CA ALA A 80 -2.47 -13.55 -0.85
C ALA A 80 -1.13 -13.97 -1.45
N PRO A 81 -1.19 -14.71 -2.57
CA PRO A 81 0.01 -15.20 -3.26
C PRO A 81 0.78 -14.07 -3.93
N SER A 82 0.47 -13.80 -5.19
CA SER A 82 1.13 -12.75 -5.94
C SER A 82 0.15 -11.67 -6.36
N ALA A 83 0.65 -10.44 -6.50
CA ALA A 83 -0.17 -9.31 -6.90
C ALA A 83 0.64 -8.24 -7.60
N SER A 84 0.02 -7.54 -8.54
CA SER A 84 0.70 -6.48 -9.29
C SER A 84 -0.16 -5.22 -9.35
N VAL A 85 0.14 -4.26 -8.49
CA VAL A 85 -0.61 -3.01 -8.46
C VAL A 85 0.14 -1.91 -9.20
N VAL A 86 -0.49 -1.39 -10.26
CA VAL A 86 0.12 -0.32 -11.05
C VAL A 86 -0.10 1.04 -10.40
N LEU A 87 0.98 1.81 -10.27
CA LEU A 87 0.90 3.14 -9.67
C LEU A 87 0.55 4.19 -10.72
N LEU A 88 -0.53 4.92 -10.48
CA LEU A 88 -0.98 5.95 -11.40
C LEU A 88 -0.72 7.34 -10.82
N PRO A 89 0.23 8.07 -11.43
CA PRO A 89 0.60 9.42 -11.00
C PRO A 89 -0.51 10.44 -11.28
N ALA A 90 -0.69 11.38 -10.35
CA ALA A 90 -1.69 12.41 -10.50
C ALA A 90 -1.11 13.68 -11.09
N GLY A 91 -0.94 13.69 -12.42
CA GLY A 91 -0.38 14.84 -13.09
C GLY A 91 -1.03 16.14 -12.65
N ARG A 92 -2.14 16.48 -13.28
CA ARG A 92 -2.86 17.71 -12.95
C ARG A 92 -3.15 17.79 -11.46
N PRO A 93 -3.29 19.01 -10.94
CA PRO A 93 -3.57 19.24 -9.52
C PRO A 93 -4.99 18.82 -9.13
N ALA A 94 -5.10 18.19 -7.97
CA ALA A 94 -6.40 17.73 -7.48
C ALA A 94 -6.43 17.69 -5.95
N THR A 95 -7.47 18.29 -5.37
CA THR A 95 -7.61 18.34 -3.92
C THR A 95 -6.40 18.97 -3.26
N SER A 96 -5.95 20.09 -3.82
CA SER A 96 -4.79 20.80 -3.29
C SER A 96 -5.23 22.04 -2.50
N ILE A 97 -4.31 22.58 -1.71
CA ILE A 97 -4.60 23.76 -0.91
C ILE A 97 -4.07 25.03 -1.59
N VAL A 98 -4.82 26.12 -1.45
CA VAL A 98 -4.42 27.39 -2.05
C VAL A 98 -4.19 28.46 -0.97
N HIS A 99 -5.19 28.66 -0.13
CA HIS A 99 -5.10 29.65 0.95
C HIS A 99 -4.77 28.98 2.27
N SER A 100 -3.81 29.54 3.00
CA SER A 100 -3.40 29.00 4.28
C SER A 100 -2.88 30.10 5.19
N SER A 101 -2.92 29.85 6.50
CA SER A 101 -2.46 30.82 7.49
C SER A 101 -1.10 30.41 8.06
N SER A 102 -1.03 29.21 8.60
CA SER A 102 0.21 28.71 9.18
C SER A 102 1.28 28.55 8.11
N GLY A 103 2.47 28.13 8.53
CA GLY A 103 3.56 27.94 7.60
C GLY A 103 4.80 28.73 8.00
N ASP A 104 4.68 30.06 8.01
CA ASP A 104 5.79 30.92 8.36
C ASP A 104 6.94 30.78 7.37
N ILE A 105 6.59 30.70 6.08
CA ILE A 105 7.60 30.56 5.03
C ILE A 105 8.34 31.87 4.80
N LEU A 106 9.38 31.81 3.99
CA LEU A 106 10.18 33.00 3.68
C LEU A 106 11.24 32.69 2.63
N MET A 107 11.59 33.70 1.84
CA MET A 107 12.60 33.52 0.80
C MET A 107 13.11 34.88 0.30
N ILE A 108 14.42 35.02 0.21
CA ILE A 108 15.03 36.27 -0.25
C ILE A 108 16.03 36.01 -1.37
N ASP A 109 15.56 36.09 -2.61
CA ASP A 109 16.42 35.85 -3.76
C ASP A 109 17.53 36.91 -3.83
N GLY A 1 -8.64 9.13 14.61
CA GLY A 1 -8.46 7.75 15.01
C GLY A 1 -7.11 7.50 15.65
N SER A 2 -7.09 6.71 16.71
CA SER A 2 -5.86 6.40 17.42
C SER A 2 -5.64 4.89 17.50
N SER A 3 -6.66 4.18 17.97
CA SER A 3 -6.59 2.73 18.10
C SER A 3 -7.44 2.04 17.03
N GLY A 4 -6.79 1.59 15.97
CA GLY A 4 -7.50 0.93 14.89
C GLY A 4 -6.59 0.07 14.04
N SER A 5 -5.76 -0.74 14.69
CA SER A 5 -4.83 -1.61 13.97
C SER A 5 -4.56 -2.88 14.76
N SER A 6 -4.84 -4.02 14.15
CA SER A 6 -4.63 -5.31 14.79
C SER A 6 -4.58 -6.44 13.77
N GLY A 7 -3.88 -7.51 14.11
CA GLY A 7 -3.76 -8.65 13.20
C GLY A 7 -2.56 -8.53 12.28
N ARG A 8 -1.40 -8.30 12.86
CA ARG A 8 -0.16 -8.17 12.08
C ARG A 8 0.48 -9.53 11.85
N ASP A 9 -0.34 -10.52 11.51
CA ASP A 9 0.15 -11.87 11.27
C ASP A 9 1.53 -11.84 10.60
N ARG A 10 2.36 -12.81 10.94
CA ARG A 10 3.71 -12.89 10.38
C ARG A 10 3.86 -14.13 9.49
N SER A 11 3.54 -15.29 10.05
CA SER A 11 3.64 -16.55 9.32
C SER A 11 3.20 -16.37 7.87
N THR A 12 2.07 -15.71 7.69
CA THR A 12 1.53 -15.47 6.35
C THR A 12 2.16 -14.23 5.71
N ILE A 13 2.38 -14.29 4.40
CA ILE A 13 2.97 -13.17 3.67
C ILE A 13 2.33 -13.00 2.31
N ALA A 14 2.44 -11.81 1.75
CA ALA A 14 1.87 -11.51 0.44
C ALA A 14 2.88 -10.78 -0.44
N ARG A 15 2.81 -11.02 -1.74
CA ARG A 15 3.71 -10.38 -2.69
C ARG A 15 2.99 -9.30 -3.49
N ILE A 16 3.31 -8.04 -3.20
CA ILE A 16 2.68 -6.91 -3.89
C ILE A 16 3.71 -6.13 -4.70
N GLN A 17 3.69 -6.34 -6.02
CA GLN A 17 4.63 -5.65 -6.91
C GLN A 17 4.10 -4.27 -7.29
N PHE A 18 4.86 -3.23 -6.95
CA PHE A 18 4.45 -1.86 -7.25
C PHE A 18 5.12 -1.38 -8.54
N ARG A 19 4.31 -1.16 -9.56
CA ARG A 19 4.81 -0.70 -10.85
C ARG A 19 4.78 0.82 -10.94
N LEU A 20 5.86 1.41 -11.41
CA LEU A 20 5.96 2.86 -11.54
C LEU A 20 5.90 3.27 -13.01
N PRO A 21 5.45 4.52 -13.25
CA PRO A 21 5.34 5.06 -14.61
C PRO A 21 6.70 5.34 -15.24
N ASP A 22 7.75 5.11 -14.47
CA ASP A 22 9.12 5.34 -14.95
C ASP A 22 9.84 4.01 -15.17
N GLY A 23 9.06 2.93 -15.30
CA GLY A 23 9.64 1.62 -15.50
C GLY A 23 10.00 0.93 -14.20
N SER A 24 10.82 1.58 -13.38
CA SER A 24 11.24 1.01 -12.10
C SER A 24 10.05 0.40 -11.37
N SER A 25 10.34 -0.45 -10.39
CA SER A 25 9.30 -1.10 -9.62
C SER A 25 9.87 -1.70 -8.34
N PHE A 26 9.04 -1.77 -7.30
CA PHE A 26 9.46 -2.31 -6.02
C PHE A 26 8.37 -3.19 -5.41
N THR A 27 8.78 -4.30 -4.79
CA THR A 27 7.84 -5.22 -4.17
C THR A 27 8.15 -5.41 -2.69
N ASN A 28 7.22 -4.96 -1.84
CA ASN A 28 7.39 -5.08 -0.40
C ASN A 28 6.78 -6.38 0.11
N GLN A 29 6.78 -6.55 1.43
CA GLN A 29 6.24 -7.75 2.05
C GLN A 29 5.14 -7.40 3.06
N PHE A 30 3.95 -7.94 2.84
CA PHE A 30 2.81 -7.68 3.72
C PHE A 30 2.08 -8.97 4.05
N PRO A 31 1.45 -9.01 5.23
CA PRO A 31 0.70 -10.18 5.69
C PRO A 31 -0.59 -10.38 4.90
N SER A 32 -0.78 -11.61 4.41
CA SER A 32 -1.97 -11.93 3.63
C SER A 32 -3.21 -11.24 4.22
N ASP A 33 -3.17 -10.96 5.51
CA ASP A 33 -4.28 -10.31 6.18
C ASP A 33 -4.28 -8.81 5.89
N ALA A 34 -3.11 -8.20 5.95
CA ALA A 34 -2.98 -6.77 5.69
C ALA A 34 -3.87 -6.34 4.53
N PRO A 35 -4.74 -5.35 4.79
CA PRO A 35 -5.66 -4.82 3.77
C PRO A 35 -4.94 -4.04 2.68
N LEU A 36 -5.46 -4.12 1.46
CA LEU A 36 -4.86 -3.41 0.33
C LEU A 36 -4.28 -2.07 0.77
N GLU A 37 -5.03 -1.35 1.60
CA GLU A 37 -4.60 -0.06 2.08
C GLU A 37 -3.13 -0.10 2.52
N GLU A 38 -2.82 -1.03 3.42
CA GLU A 38 -1.45 -1.18 3.91
C GLU A 38 -0.45 -0.93 2.80
N ALA A 39 -0.61 -1.65 1.69
CA ALA A 39 0.29 -1.52 0.55
C ALA A 39 0.35 -0.07 0.07
N ARG A 40 -0.81 0.59 0.01
CA ARG A 40 -0.88 1.98 -0.44
C ARG A 40 0.00 2.87 0.43
N GLN A 41 -0.07 2.67 1.75
CA GLN A 41 0.72 3.45 2.69
C GLN A 41 2.21 3.30 2.41
N PHE A 42 2.65 2.07 2.24
CA PHE A 42 4.06 1.79 1.96
C PHE A 42 4.55 2.59 0.75
N ALA A 43 3.96 2.31 -0.41
CA ALA A 43 4.33 3.00 -1.64
C ALA A 43 4.40 4.51 -1.42
N ALA A 44 3.56 5.00 -0.52
CA ALA A 44 3.52 6.43 -0.21
C ALA A 44 4.73 6.85 0.60
N GLN A 45 5.25 5.94 1.41
CA GLN A 45 6.41 6.21 2.24
C GLN A 45 7.67 6.36 1.39
N THR A 46 7.68 5.69 0.23
CA THR A 46 8.82 5.74 -0.67
C THR A 46 8.61 6.80 -1.75
N VAL A 47 7.43 6.79 -2.36
CA VAL A 47 7.09 7.73 -3.42
C VAL A 47 6.09 8.77 -2.93
N GLY A 48 6.16 9.09 -1.64
CA GLY A 48 5.25 10.06 -1.06
C GLY A 48 5.38 11.43 -1.72
N ASN A 49 6.60 11.79 -2.09
CA ASN A 49 6.86 13.08 -2.73
C ASN A 49 7.06 12.91 -4.23
N THR A 50 7.68 11.80 -4.62
CA THR A 50 7.95 11.51 -6.03
C THR A 50 6.76 11.91 -6.89
N TYR A 51 5.56 11.51 -6.47
CA TYR A 51 4.35 11.83 -7.21
C TYR A 51 3.34 12.54 -6.33
N GLY A 52 3.20 12.08 -5.09
CA GLY A 52 2.27 12.68 -4.16
C GLY A 52 1.05 11.82 -3.92
N ASN A 53 -0.11 12.29 -4.36
CA ASN A 53 -1.36 11.55 -4.17
C ASN A 53 -1.61 10.62 -5.36
N PHE A 54 -0.83 9.54 -5.42
CA PHE A 54 -0.97 8.57 -6.51
C PHE A 54 -2.08 7.56 -6.20
N SER A 55 -2.34 6.67 -7.15
CA SER A 55 -3.38 5.65 -6.98
C SER A 55 -2.83 4.27 -7.28
N LEU A 56 -3.65 3.24 -7.02
CA LEU A 56 -3.25 1.87 -7.28
C LEU A 56 -4.34 1.11 -8.03
N ALA A 57 -3.94 0.33 -9.01
CA ALA A 57 -4.88 -0.45 -9.81
C ALA A 57 -4.27 -1.79 -10.23
N THR A 58 -5.12 -2.67 -10.76
CA THR A 58 -4.67 -3.98 -11.20
C THR A 58 -3.99 -3.90 -12.57
N MET A 59 -3.62 -5.05 -13.12
CA MET A 59 -2.97 -5.10 -14.42
C MET A 59 -3.80 -5.91 -15.41
N PHE A 60 -4.24 -7.09 -14.99
CA PHE A 60 -5.04 -7.97 -15.83
C PHE A 60 -6.47 -7.43 -15.96
N PRO A 61 -7.22 -7.47 -14.85
CA PRO A 61 -8.60 -6.99 -14.82
C PRO A 61 -8.70 -5.47 -14.97
N ARG A 62 -7.55 -4.80 -14.89
CA ARG A 62 -7.51 -3.35 -15.02
C ARG A 62 -8.75 -2.71 -14.38
N ARG A 63 -9.00 -3.05 -13.12
CA ARG A 63 -10.15 -2.52 -12.40
C ARG A 63 -9.70 -1.60 -11.26
N GLU A 64 -10.13 -0.34 -11.32
CA GLU A 64 -9.77 0.65 -10.31
C GLU A 64 -10.34 0.26 -8.95
N PHE A 65 -9.48 -0.17 -8.04
CA PHE A 65 -9.90 -0.57 -6.71
C PHE A 65 -10.89 0.44 -6.12
N THR A 66 -11.89 -0.06 -5.41
CA THR A 66 -12.90 0.80 -4.79
C THR A 66 -12.63 0.99 -3.31
N ARG A 67 -13.07 2.12 -2.77
CA ARG A 67 -12.88 2.42 -1.36
C ARG A 67 -13.10 1.18 -0.50
N GLU A 68 -14.13 0.42 -0.83
CA GLU A 68 -14.45 -0.80 -0.09
C GLU A 68 -13.33 -1.83 -0.24
N ASP A 69 -12.89 -2.05 -1.47
CA ASP A 69 -11.83 -3.01 -1.75
C ASP A 69 -10.67 -2.84 -0.76
N TYR A 70 -10.30 -1.58 -0.52
CA TYR A 70 -9.21 -1.28 0.40
C TYR A 70 -9.49 -1.85 1.79
N LYS A 71 -10.76 -1.92 2.14
CA LYS A 71 -11.17 -2.46 3.44
C LYS A 71 -10.97 -3.96 3.51
N ARG A 72 -11.14 -4.63 2.36
CA ARG A 72 -10.97 -6.07 2.29
C ARG A 72 -9.51 -6.47 2.42
N ARG A 73 -9.25 -7.59 3.08
CA ARG A 73 -7.90 -8.07 3.27
C ARG A 73 -7.27 -8.49 1.95
N LEU A 74 -5.96 -8.31 1.83
CA LEU A 74 -5.24 -8.68 0.60
C LEU A 74 -5.62 -10.08 0.15
N LEU A 75 -5.43 -11.06 1.03
CA LEU A 75 -5.75 -12.45 0.71
C LEU A 75 -7.20 -12.57 0.21
N ASP A 76 -8.07 -11.70 0.71
CA ASP A 76 -9.47 -11.72 0.32
C ASP A 76 -9.63 -11.14 -1.09
N LEU A 77 -8.81 -10.15 -1.43
CA LEU A 77 -8.87 -9.52 -2.74
C LEU A 77 -8.12 -10.34 -3.78
N GLU A 78 -7.84 -11.60 -3.43
CA GLU A 78 -7.13 -12.50 -4.34
C GLU A 78 -5.70 -12.01 -4.58
N LEU A 79 -5.12 -11.38 -3.56
CA LEU A 79 -3.76 -10.86 -3.66
C LEU A 79 -2.86 -11.48 -2.60
N ALA A 80 -3.26 -12.65 -2.09
CA ALA A 80 -2.49 -13.34 -1.07
C ALA A 80 -1.11 -13.75 -1.60
N PRO A 81 -1.12 -14.58 -2.66
CA PRO A 81 0.11 -15.06 -3.29
C PRO A 81 0.87 -13.97 -4.02
N SER A 82 0.56 -13.80 -5.30
CA SER A 82 1.20 -12.78 -6.13
C SER A 82 0.21 -11.70 -6.55
N ALA A 83 0.63 -10.45 -6.48
CA ALA A 83 -0.22 -9.33 -6.86
C ALA A 83 0.59 -8.22 -7.52
N SER A 84 -0.01 -7.57 -8.51
CA SER A 84 0.65 -6.48 -9.22
C SER A 84 -0.23 -5.25 -9.30
N VAL A 85 0.06 -4.27 -8.44
CA VAL A 85 -0.72 -3.03 -8.40
C VAL A 85 0.03 -1.90 -9.10
N VAL A 86 -0.50 -1.45 -10.23
CA VAL A 86 0.11 -0.36 -10.98
C VAL A 86 -0.12 0.98 -10.31
N LEU A 87 0.96 1.69 -10.00
CA LEU A 87 0.87 2.99 -9.36
C LEU A 87 0.57 4.09 -10.37
N LEU A 88 -0.48 4.86 -10.11
CA LEU A 88 -0.86 5.94 -11.01
C LEU A 88 -0.60 7.30 -10.37
N PRO A 89 0.33 8.07 -10.97
CA PRO A 89 0.70 9.39 -10.48
C PRO A 89 -0.42 10.42 -10.67
N ALA A 90 -0.51 11.35 -9.73
CA ALA A 90 -1.54 12.39 -9.79
C ALA A 90 -0.97 13.70 -10.35
N GLY A 91 -1.07 13.86 -11.67
CA GLY A 91 -0.56 15.07 -12.29
C GLY A 91 -1.05 16.33 -11.61
N ARG A 92 -2.34 16.35 -11.27
CA ARG A 92 -2.94 17.51 -10.62
C ARG A 92 -2.29 17.77 -9.26
N PRO A 93 -1.71 18.96 -9.10
CA PRO A 93 -1.04 19.35 -7.85
C PRO A 93 -2.03 19.56 -6.70
N ALA A 94 -3.31 19.29 -6.97
CA ALA A 94 -4.35 19.43 -5.96
C ALA A 94 -4.04 18.60 -4.73
N THR A 95 -3.85 19.27 -3.59
CA THR A 95 -3.55 18.59 -2.35
C THR A 95 -4.83 18.16 -1.63
N SER A 96 -4.91 16.89 -1.27
CA SER A 96 -6.08 16.35 -0.59
C SER A 96 -6.21 16.96 0.81
N ILE A 97 -7.44 17.31 1.17
CA ILE A 97 -7.71 17.90 2.48
C ILE A 97 -7.80 16.83 3.56
N VAL A 98 -7.11 17.07 4.68
CA VAL A 98 -7.11 16.13 5.79
C VAL A 98 -7.80 16.73 7.01
N HIS A 99 -8.15 15.87 7.97
CA HIS A 99 -8.81 16.31 9.19
C HIS A 99 -7.86 16.24 10.37
N SER A 100 -7.74 17.34 11.09
CA SER A 100 -6.86 17.41 12.26
C SER A 100 -7.46 16.65 13.43
N SER A 101 -7.08 15.39 13.58
CA SER A 101 -7.60 14.55 14.66
C SER A 101 -7.08 15.04 16.02
N SER A 102 -8.00 15.39 16.90
CA SER A 102 -7.64 15.87 18.24
C SER A 102 -8.88 16.06 19.10
N GLY A 103 -8.79 15.64 20.36
CA GLY A 103 -9.90 15.77 21.27
C GLY A 103 -9.80 14.83 22.45
N ASP A 104 -10.07 15.34 23.64
CA ASP A 104 -10.01 14.53 24.86
C ASP A 104 -11.12 14.92 25.82
N ILE A 105 -11.91 13.93 26.23
CA ILE A 105 -13.02 14.16 27.16
C ILE A 105 -12.72 13.55 28.52
N LEU A 106 -13.62 13.79 29.48
CA LEU A 106 -13.46 13.27 30.82
C LEU A 106 -14.81 13.15 31.52
N MET A 107 -15.01 12.04 32.22
CA MET A 107 -16.27 11.80 32.94
C MET A 107 -16.07 11.98 34.44
N ILE A 108 -16.97 12.73 35.07
CA ILE A 108 -16.90 12.98 36.50
C ILE A 108 -18.00 12.24 37.25
N ASP A 109 -17.71 11.84 38.48
CA ASP A 109 -18.68 11.13 39.31
C ASP A 109 -19.81 12.05 39.74
N GLY A 1 -12.76 -0.56 21.78
CA GLY A 1 -11.96 -1.06 22.88
C GLY A 1 -10.55 -1.42 22.45
N SER A 2 -9.57 -1.03 23.25
CA SER A 2 -8.17 -1.31 22.95
C SER A 2 -7.47 -1.95 24.14
N SER A 3 -8.15 -2.89 24.79
CA SER A 3 -7.59 -3.57 25.96
C SER A 3 -7.94 -5.05 25.93
N GLY A 4 -6.94 -5.89 26.17
CA GLY A 4 -7.16 -7.33 26.18
C GLY A 4 -6.80 -7.97 24.85
N SER A 5 -7.67 -7.80 23.86
CA SER A 5 -7.45 -8.39 22.54
C SER A 5 -6.12 -7.92 21.96
N SER A 6 -5.32 -8.86 21.47
CA SER A 6 -4.02 -8.54 20.89
C SER A 6 -3.83 -9.26 19.56
N GLY A 7 -3.26 -8.55 18.59
CA GLY A 7 -3.03 -9.12 17.28
C GLY A 7 -1.56 -9.33 16.99
N ARG A 8 -1.07 -8.67 15.95
CA ARG A 8 0.34 -8.78 15.56
C ARG A 8 0.69 -10.23 15.21
N ASP A 9 -0.20 -10.88 14.46
CA ASP A 9 0.01 -12.26 14.06
C ASP A 9 0.22 -12.35 12.56
N ARG A 10 1.01 -13.35 12.13
CA ARG A 10 1.29 -13.55 10.72
C ARG A 10 1.17 -15.02 10.34
N SER A 11 0.16 -15.33 9.53
CA SER A 11 -0.07 -16.71 9.10
C SER A 11 0.56 -16.96 7.73
N THR A 12 0.36 -16.01 6.82
CA THR A 12 0.90 -16.14 5.47
C THR A 12 1.37 -14.78 4.94
N ILE A 13 2.44 -14.80 4.15
CA ILE A 13 2.98 -13.57 3.58
C ILE A 13 2.32 -13.25 2.25
N ALA A 14 2.38 -11.98 1.85
CA ALA A 14 1.79 -11.54 0.60
C ALA A 14 2.82 -10.83 -0.27
N ARG A 15 2.76 -11.08 -1.58
CA ARG A 15 3.69 -10.47 -2.52
C ARG A 15 3.00 -9.39 -3.34
N ILE A 16 3.29 -8.13 -3.02
CA ILE A 16 2.70 -7.01 -3.73
C ILE A 16 3.76 -6.23 -4.51
N GLN A 17 3.53 -6.10 -5.81
CA GLN A 17 4.47 -5.37 -6.67
C GLN A 17 3.98 -3.96 -6.94
N PHE A 18 4.89 -2.99 -6.82
CA PHE A 18 4.55 -1.59 -7.05
C PHE A 18 5.22 -1.06 -8.31
N ARG A 19 4.44 -0.91 -9.38
CA ARG A 19 4.96 -0.41 -10.64
C ARG A 19 4.93 1.12 -10.69
N LEU A 20 6.00 1.71 -11.21
CA LEU A 20 6.09 3.16 -11.31
C LEU A 20 6.09 3.61 -12.77
N PRO A 21 5.61 4.83 -13.01
CA PRO A 21 5.54 5.40 -14.36
C PRO A 21 6.92 5.73 -14.92
N ASP A 22 7.94 5.62 -14.06
CA ASP A 22 9.31 5.90 -14.47
C ASP A 22 9.94 4.68 -15.16
N GLY A 23 9.80 3.52 -14.52
CA GLY A 23 10.36 2.31 -15.08
C GLY A 23 10.69 1.28 -14.02
N SER A 24 11.24 1.75 -12.91
CA SER A 24 11.62 0.87 -11.81
C SER A 24 10.41 0.50 -10.95
N SER A 25 10.56 -0.50 -10.11
CA SER A 25 9.48 -0.95 -9.23
C SER A 25 10.03 -1.51 -7.93
N PHE A 26 9.14 -1.76 -6.98
CA PHE A 26 9.53 -2.30 -5.68
C PHE A 26 8.44 -3.22 -5.13
N THR A 27 8.86 -4.38 -4.62
CA THR A 27 7.92 -5.34 -4.06
C THR A 27 8.22 -5.61 -2.58
N ASN A 28 7.37 -5.09 -1.70
CA ASN A 28 7.55 -5.28 -0.27
C ASN A 28 6.91 -6.58 0.20
N GLN A 29 6.91 -6.79 1.51
CA GLN A 29 6.32 -7.99 2.09
C GLN A 29 5.23 -7.63 3.10
N PHE A 30 3.99 -8.00 2.78
CA PHE A 30 2.86 -7.73 3.65
C PHE A 30 2.11 -9.01 4.00
N PRO A 31 1.58 -9.07 5.23
CA PRO A 31 0.82 -10.23 5.71
C PRO A 31 -0.52 -10.38 5.00
N SER A 32 -0.84 -11.60 4.60
CA SER A 32 -2.10 -11.88 3.90
C SER A 32 -3.22 -10.99 4.45
N ASP A 33 -3.22 -10.79 5.76
CA ASP A 33 -4.23 -9.96 6.41
C ASP A 33 -4.12 -8.50 5.95
N ALA A 34 -2.90 -7.98 5.94
CA ALA A 34 -2.66 -6.61 5.52
C ALA A 34 -3.61 -6.20 4.41
N PRO A 35 -4.48 -5.22 4.69
CA PRO A 35 -5.45 -4.71 3.72
C PRO A 35 -4.79 -3.93 2.59
N LEU A 36 -5.37 -4.04 1.40
CA LEU A 36 -4.84 -3.35 0.22
C LEU A 36 -4.21 -2.02 0.62
N GLU A 37 -4.85 -1.31 1.53
CA GLU A 37 -4.36 -0.02 1.99
C GLU A 37 -2.87 -0.11 2.35
N GLU A 38 -2.54 -1.07 3.21
CA GLU A 38 -1.15 -1.26 3.64
C GLU A 38 -0.20 -1.09 2.47
N ALA A 39 -0.60 -1.59 1.30
CA ALA A 39 0.22 -1.48 0.11
C ALA A 39 0.26 -0.05 -0.42
N ARG A 40 -0.86 0.65 -0.28
CA ARG A 40 -0.96 2.04 -0.74
C ARG A 40 -0.13 2.96 0.16
N GLN A 41 -0.26 2.79 1.46
CA GLN A 41 0.47 3.62 2.42
C GLN A 41 1.97 3.41 2.27
N PHE A 42 2.38 2.17 2.10
CA PHE A 42 3.80 1.84 1.94
C PHE A 42 4.40 2.59 0.75
N ALA A 43 3.88 2.31 -0.44
CA ALA A 43 4.36 2.96 -1.66
C ALA A 43 4.51 4.46 -1.45
N ALA A 44 3.52 5.07 -0.79
CA ALA A 44 3.54 6.50 -0.53
C ALA A 44 4.78 6.90 0.27
N GLN A 45 5.19 6.02 1.18
CA GLN A 45 6.37 6.28 2.02
C GLN A 45 7.65 6.24 1.18
N THR A 46 7.69 5.32 0.21
CA THR A 46 8.86 5.18 -0.65
C THR A 46 8.98 6.35 -1.61
N VAL A 47 7.92 6.58 -2.38
CA VAL A 47 7.90 7.68 -3.35
C VAL A 47 7.72 9.02 -2.65
N GLY A 48 7.13 8.99 -1.46
CA GLY A 48 6.91 10.21 -0.71
C GLY A 48 6.22 11.27 -1.54
N ASN A 49 6.66 12.52 -1.38
CA ASN A 49 6.07 13.64 -2.11
C ASN A 49 6.65 13.71 -3.52
N THR A 50 6.15 12.87 -4.41
CA THR A 50 6.62 12.83 -5.79
C THR A 50 5.45 12.91 -6.77
N TYR A 51 4.45 12.08 -6.54
CA TYR A 51 3.27 12.05 -7.41
C TYR A 51 2.09 12.75 -6.73
N GLY A 52 1.86 12.43 -5.47
CA GLY A 52 0.77 13.04 -4.73
C GLY A 52 -0.26 12.01 -4.28
N ASN A 53 -1.50 12.20 -4.71
CA ASN A 53 -2.59 11.29 -4.34
C ASN A 53 -2.70 10.15 -5.34
N PHE A 54 -1.55 9.62 -5.77
CA PHE A 54 -1.53 8.54 -6.73
C PHE A 54 -2.51 7.43 -6.33
N SER A 55 -3.05 6.74 -7.33
CA SER A 55 -4.00 5.66 -7.09
C SER A 55 -3.47 4.34 -7.62
N LEU A 56 -3.84 3.25 -6.95
CA LEU A 56 -3.40 1.92 -7.34
C LEU A 56 -4.45 1.24 -8.21
N ALA A 57 -4.00 0.35 -9.09
CA ALA A 57 -4.90 -0.37 -9.99
C ALA A 57 -4.28 -1.69 -10.43
N THR A 58 -5.13 -2.61 -10.89
CA THR A 58 -4.68 -3.91 -11.35
C THR A 58 -3.89 -3.79 -12.65
N MET A 59 -3.45 -4.93 -13.17
CA MET A 59 -2.69 -4.96 -14.42
C MET A 59 -3.44 -5.72 -15.51
N PHE A 60 -4.02 -6.85 -15.12
CA PHE A 60 -4.77 -7.68 -16.07
C PHE A 60 -6.16 -7.11 -16.31
N PRO A 61 -7.01 -7.15 -15.26
CA PRO A 61 -8.39 -6.65 -15.34
C PRO A 61 -8.43 -5.13 -15.43
N ARG A 62 -7.28 -4.49 -15.25
CA ARG A 62 -7.20 -3.04 -15.32
C ARG A 62 -8.46 -2.39 -14.77
N ARG A 63 -8.81 -2.74 -13.54
CA ARG A 63 -10.01 -2.20 -12.91
C ARG A 63 -9.63 -1.34 -11.69
N GLU A 64 -10.13 -0.10 -11.68
CA GLU A 64 -9.85 0.81 -10.60
C GLU A 64 -10.47 0.33 -9.29
N PHE A 65 -9.62 0.04 -8.31
CA PHE A 65 -10.08 -0.44 -7.01
C PHE A 65 -11.10 0.52 -6.41
N THR A 66 -11.78 0.07 -5.35
CA THR A 66 -12.78 0.89 -4.69
C THR A 66 -12.44 1.09 -3.22
N ARG A 67 -13.21 1.94 -2.55
CA ARG A 67 -13.00 2.23 -1.13
C ARG A 67 -13.13 0.96 -0.29
N GLU A 68 -14.13 0.15 -0.62
CA GLU A 68 -14.38 -1.09 0.11
C GLU A 68 -13.22 -2.07 -0.09
N ASP A 69 -12.59 -2.01 -1.26
CA ASP A 69 -11.47 -2.89 -1.57
C ASP A 69 -10.33 -2.69 -0.59
N TYR A 70 -10.13 -1.45 -0.18
CA TYR A 70 -9.06 -1.12 0.77
C TYR A 70 -9.39 -1.64 2.16
N LYS A 71 -10.67 -1.88 2.42
CA LYS A 71 -11.11 -2.40 3.71
C LYS A 71 -10.98 -3.91 3.76
N ARG A 72 -11.05 -4.55 2.60
CA ARG A 72 -10.94 -6.00 2.51
C ARG A 72 -9.47 -6.43 2.49
N ARG A 73 -9.13 -7.38 3.36
CA ARG A 73 -7.76 -7.88 3.43
C ARG A 73 -7.24 -8.26 2.05
N LEU A 74 -5.93 -8.17 1.87
CA LEU A 74 -5.30 -8.50 0.59
C LEU A 74 -5.77 -9.86 0.10
N LEU A 75 -5.47 -10.91 0.88
CA LEU A 75 -5.85 -12.27 0.52
C LEU A 75 -7.32 -12.32 0.09
N ASP A 76 -8.11 -11.37 0.58
CA ASP A 76 -9.53 -11.31 0.25
C ASP A 76 -9.72 -10.92 -1.21
N LEU A 77 -8.86 -10.04 -1.70
CA LEU A 77 -8.94 -9.57 -3.08
C LEU A 77 -8.08 -10.44 -3.99
N GLU A 78 -7.78 -11.65 -3.55
CA GLU A 78 -6.97 -12.58 -4.33
C GLU A 78 -5.54 -12.05 -4.47
N LEU A 79 -5.07 -11.36 -3.44
CA LEU A 79 -3.72 -10.80 -3.45
C LEU A 79 -2.85 -11.49 -2.41
N ALA A 80 -3.26 -12.68 -1.98
CA ALA A 80 -2.51 -13.44 -0.99
C ALA A 80 -1.16 -13.87 -1.55
N PRO A 81 -1.19 -14.65 -2.64
CA PRO A 81 0.02 -15.16 -3.28
C PRO A 81 0.81 -14.05 -3.98
N SER A 82 0.51 -13.82 -5.26
CA SER A 82 1.20 -12.79 -6.02
C SER A 82 0.21 -11.74 -6.52
N ALA A 83 0.63 -10.48 -6.47
CA ALA A 83 -0.21 -9.37 -6.91
C ALA A 83 0.62 -8.26 -7.53
N SER A 84 0.05 -7.57 -8.52
CA SER A 84 0.74 -6.49 -9.20
C SER A 84 -0.13 -5.25 -9.29
N VAL A 85 0.10 -4.29 -8.39
CA VAL A 85 -0.67 -3.06 -8.35
C VAL A 85 0.09 -1.91 -9.01
N VAL A 86 -0.44 -1.40 -10.11
CA VAL A 86 0.20 -0.30 -10.83
C VAL A 86 -0.09 1.03 -10.15
N LEU A 87 0.96 1.82 -9.95
CA LEU A 87 0.82 3.13 -9.32
C LEU A 87 0.52 4.21 -10.36
N LEU A 88 -0.60 4.90 -10.17
CA LEU A 88 -1.00 5.96 -11.09
C LEU A 88 -0.82 7.33 -10.44
N PRO A 89 0.12 8.12 -10.99
CA PRO A 89 0.40 9.47 -10.48
C PRO A 89 -0.73 10.45 -10.77
N ALA A 90 -0.99 11.34 -9.82
CA ALA A 90 -2.04 12.34 -9.96
C ALA A 90 -1.48 13.75 -9.88
N GLY A 91 -1.58 14.49 -10.99
CA GLY A 91 -1.08 15.85 -11.02
C GLY A 91 -1.91 16.80 -10.17
N ARG A 92 -1.53 16.95 -8.91
CA ARG A 92 -2.26 17.82 -7.99
C ARG A 92 -1.31 18.45 -6.99
N PRO A 93 -1.48 19.76 -6.74
CA PRO A 93 -0.64 20.51 -5.80
C PRO A 93 -0.92 20.12 -4.35
N ALA A 94 -0.16 19.15 -3.86
CA ALA A 94 -0.32 18.67 -2.49
C ALA A 94 0.96 18.02 -1.97
N THR A 95 1.12 17.99 -0.66
CA THR A 95 2.30 17.40 -0.04
C THR A 95 1.91 16.38 1.03
N SER A 96 2.73 15.34 1.17
CA SER A 96 2.47 14.29 2.15
C SER A 96 3.61 14.21 3.17
N ILE A 97 3.25 14.03 4.43
CA ILE A 97 4.24 13.93 5.50
C ILE A 97 5.26 12.84 5.20
N VAL A 98 6.52 13.13 5.49
CA VAL A 98 7.60 12.17 5.26
C VAL A 98 8.18 11.65 6.57
N HIS A 99 8.78 10.47 6.52
CA HIS A 99 9.37 9.86 7.71
C HIS A 99 10.50 8.91 7.32
N SER A 100 11.48 8.78 8.22
CA SER A 100 12.62 7.90 7.97
C SER A 100 12.94 7.06 9.20
N SER A 101 13.87 6.13 9.04
CA SER A 101 14.26 5.25 10.15
C SER A 101 15.76 4.96 10.10
N SER A 102 16.30 4.51 11.23
CA SER A 102 17.73 4.20 11.32
C SER A 102 17.94 2.69 11.38
N GLY A 103 19.21 2.28 11.38
CA GLY A 103 19.53 0.87 11.42
C GLY A 103 20.11 0.45 12.76
N ASP A 104 21.00 -0.54 12.74
CA ASP A 104 21.62 -1.04 13.96
C ASP A 104 22.84 -1.89 13.64
N ILE A 105 23.89 -1.74 14.43
CA ILE A 105 25.12 -2.50 14.23
C ILE A 105 25.00 -3.90 14.82
N LEU A 106 25.76 -4.84 14.27
CA LEU A 106 25.75 -6.21 14.74
C LEU A 106 27.15 -6.79 14.79
N MET A 107 27.38 -7.73 15.70
CA MET A 107 28.68 -8.37 15.84
C MET A 107 28.57 -9.88 15.69
N ILE A 108 29.70 -10.52 15.39
CA ILE A 108 29.73 -11.97 15.23
C ILE A 108 28.74 -12.66 16.17
N ASP A 109 28.08 -13.69 15.67
CA ASP A 109 27.11 -14.44 16.47
C ASP A 109 27.55 -14.50 17.93
N GLY A 1 -9.50 10.21 14.18
CA GLY A 1 -8.81 9.63 15.32
C GLY A 1 -8.29 8.23 15.04
N SER A 2 -9.17 7.37 14.53
CA SER A 2 -8.80 5.99 14.22
C SER A 2 -9.52 5.51 12.97
N SER A 3 -9.14 4.32 12.50
CA SER A 3 -9.75 3.74 11.31
C SER A 3 -10.62 2.54 11.67
N GLY A 4 -10.08 1.66 12.50
CA GLY A 4 -10.82 0.48 12.93
C GLY A 4 -10.14 -0.81 12.51
N SER A 5 -8.82 -0.84 12.62
CA SER A 5 -8.05 -2.02 12.25
C SER A 5 -7.30 -2.59 13.46
N SER A 6 -7.39 -3.91 13.62
CA SER A 6 -6.72 -4.58 14.74
C SER A 6 -6.32 -6.00 14.36
N GLY A 7 -5.14 -6.42 14.82
CA GLY A 7 -4.66 -7.75 14.52
C GLY A 7 -3.18 -7.78 14.20
N ARG A 8 -2.35 -7.66 15.23
CA ARG A 8 -0.91 -7.67 15.06
C ARG A 8 -0.35 -9.08 15.22
N ASP A 9 -0.26 -9.79 14.10
CA ASP A 9 0.26 -11.16 14.11
C ASP A 9 0.68 -11.60 12.71
N ARG A 10 1.89 -12.14 12.61
CA ARG A 10 2.42 -12.59 11.34
C ARG A 10 2.18 -14.08 11.14
N SER A 11 1.12 -14.42 10.41
CA SER A 11 0.78 -15.81 10.16
C SER A 11 1.11 -16.19 8.72
N THR A 12 0.77 -15.31 7.78
CA THR A 12 1.03 -15.57 6.37
C THR A 12 1.61 -14.32 5.69
N ILE A 13 2.36 -14.54 4.62
CA ILE A 13 2.97 -13.44 3.87
C ILE A 13 2.30 -13.26 2.52
N ALA A 14 2.40 -12.06 1.97
CA ALA A 14 1.81 -11.75 0.68
C ALA A 14 2.75 -10.88 -0.17
N ARG A 15 2.68 -11.05 -1.48
CA ARG A 15 3.52 -10.29 -2.40
C ARG A 15 2.71 -9.19 -3.09
N ILE A 16 3.31 -8.00 -3.18
CA ILE A 16 2.65 -6.87 -3.82
C ILE A 16 3.66 -6.01 -4.57
N GLN A 17 3.60 -6.06 -5.89
CA GLN A 17 4.51 -5.28 -6.74
C GLN A 17 3.94 -3.88 -6.99
N PHE A 18 4.83 -2.90 -7.09
CA PHE A 18 4.42 -1.52 -7.33
C PHE A 18 5.11 -0.96 -8.57
N ARG A 19 4.33 -0.76 -9.63
CA ARG A 19 4.86 -0.23 -10.88
C ARG A 19 4.81 1.29 -10.90
N LEU A 20 5.92 1.92 -11.25
CA LEU A 20 6.00 3.37 -11.30
C LEU A 20 6.01 3.87 -12.74
N PRO A 21 5.52 5.11 -12.96
CA PRO A 21 5.47 5.71 -14.29
C PRO A 21 6.85 6.06 -14.82
N ASP A 22 7.85 6.01 -13.95
CA ASP A 22 9.22 6.32 -14.33
C ASP A 22 9.88 5.12 -15.01
N GLY A 23 9.79 3.95 -14.37
CA GLY A 23 10.38 2.75 -14.92
C GLY A 23 10.69 1.72 -13.86
N SER A 24 11.32 2.16 -12.77
CA SER A 24 11.69 1.27 -11.68
C SER A 24 10.45 0.82 -10.90
N SER A 25 10.61 -0.22 -10.09
CA SER A 25 9.51 -0.74 -9.30
C SER A 25 10.02 -1.35 -8.00
N PHE A 26 9.14 -1.42 -7.00
CA PHE A 26 9.50 -1.98 -5.71
C PHE A 26 8.40 -2.90 -5.18
N THR A 27 8.80 -4.07 -4.69
CA THR A 27 7.85 -5.04 -4.16
C THR A 27 8.14 -5.35 -2.70
N ASN A 28 7.22 -4.95 -1.82
CA ASN A 28 7.38 -5.18 -0.39
C ASN A 28 6.72 -6.50 0.02
N GLN A 29 6.72 -6.77 1.32
CA GLN A 29 6.11 -7.99 1.84
C GLN A 29 5.08 -7.68 2.91
N PHE A 30 3.81 -7.94 2.60
CA PHE A 30 2.72 -7.68 3.52
C PHE A 30 1.98 -8.98 3.87
N PRO A 31 1.41 -9.02 5.09
CA PRO A 31 0.67 -10.19 5.56
C PRO A 31 -0.64 -10.40 4.82
N SER A 32 -0.86 -11.61 4.34
CA SER A 32 -2.07 -11.94 3.60
C SER A 32 -3.29 -11.24 4.23
N ASP A 33 -3.20 -10.97 5.52
CA ASP A 33 -4.28 -10.31 6.24
C ASP A 33 -4.31 -8.81 5.91
N ALA A 34 -3.14 -8.19 5.91
CA ALA A 34 -3.04 -6.77 5.62
C ALA A 34 -3.85 -6.39 4.39
N PRO A 35 -4.81 -5.48 4.55
CA PRO A 35 -5.67 -5.02 3.46
C PRO A 35 -4.91 -4.18 2.43
N LEU A 36 -5.47 -4.08 1.23
CA LEU A 36 -4.84 -3.30 0.17
C LEU A 36 -4.28 -1.99 0.71
N GLU A 37 -5.04 -1.35 1.59
CA GLU A 37 -4.63 -0.08 2.18
C GLU A 37 -3.18 -0.16 2.68
N GLU A 38 -2.88 -1.21 3.44
CA GLU A 38 -1.54 -1.39 3.97
C GLU A 38 -0.49 -1.31 2.87
N ALA A 39 -0.75 -2.01 1.76
CA ALA A 39 0.17 -2.02 0.62
C ALA A 39 0.44 -0.60 0.13
N ARG A 40 -0.63 0.16 -0.06
CA ARG A 40 -0.51 1.54 -0.53
C ARG A 40 0.36 2.37 0.42
N GLN A 41 0.05 2.28 1.71
CA GLN A 41 0.80 3.01 2.72
C GLN A 41 2.30 2.94 2.45
N PHE A 42 2.80 1.74 2.24
CA PHE A 42 4.22 1.53 1.97
C PHE A 42 4.66 2.32 0.74
N ALA A 43 3.92 2.16 -0.35
CA ALA A 43 4.23 2.86 -1.60
C ALA A 43 4.28 4.36 -1.38
N ALA A 44 3.30 4.90 -0.66
CA ALA A 44 3.25 6.32 -0.38
C ALA A 44 4.52 6.81 0.30
N GLN A 45 5.13 5.92 1.09
CA GLN A 45 6.37 6.25 1.80
C GLN A 45 7.57 6.18 0.86
N THR A 46 7.52 5.26 -0.09
CA THR A 46 8.61 5.09 -1.04
C THR A 46 8.65 6.24 -2.04
N VAL A 47 7.50 6.56 -2.63
CA VAL A 47 7.40 7.64 -3.59
C VAL A 47 7.19 8.99 -2.90
N GLY A 48 6.71 8.94 -1.66
CA GLY A 48 6.47 10.16 -0.91
C GLY A 48 5.53 11.11 -1.62
N ASN A 49 5.68 12.40 -1.35
CA ASN A 49 4.83 13.40 -1.97
C ASN A 49 5.39 13.83 -3.32
N THR A 50 5.83 12.85 -4.11
CA THR A 50 6.39 13.13 -5.43
C THR A 50 5.30 13.18 -6.49
N TYR A 51 4.46 12.15 -6.52
CA TYR A 51 3.37 12.07 -7.48
C TYR A 51 2.12 12.75 -6.95
N GLY A 52 1.83 12.50 -5.66
CA GLY A 52 0.66 13.10 -5.04
C GLY A 52 -0.34 12.06 -4.58
N ASN A 53 -1.61 12.25 -4.94
CA ASN A 53 -2.66 11.32 -4.56
C ASN A 53 -2.75 10.15 -5.55
N PHE A 54 -1.59 9.68 -6.01
CA PHE A 54 -1.54 8.58 -6.96
C PHE A 54 -2.54 7.48 -6.57
N SER A 55 -3.03 6.76 -7.57
CA SER A 55 -3.99 5.69 -7.34
C SER A 55 -3.42 4.34 -7.79
N LEU A 56 -3.77 3.28 -7.06
CA LEU A 56 -3.29 1.95 -7.39
C LEU A 56 -4.35 1.17 -8.16
N ALA A 57 -3.90 0.40 -9.15
CA ALA A 57 -4.82 -0.40 -9.96
C ALA A 57 -4.16 -1.71 -10.39
N THR A 58 -4.97 -2.63 -10.89
CA THR A 58 -4.47 -3.93 -11.34
C THR A 58 -3.73 -3.82 -12.65
N MET A 59 -3.30 -4.95 -13.19
CA MET A 59 -2.58 -4.97 -14.46
C MET A 59 -3.31 -5.84 -15.48
N PHE A 60 -3.84 -6.96 -15.03
CA PHE A 60 -4.57 -7.87 -15.91
C PHE A 60 -6.01 -7.40 -16.12
N PRO A 61 -6.81 -7.44 -15.05
CA PRO A 61 -8.21 -7.02 -15.08
C PRO A 61 -8.36 -5.51 -15.25
N ARG A 62 -7.25 -4.80 -15.11
CA ARG A 62 -7.25 -3.35 -15.23
C ARG A 62 -8.51 -2.76 -14.61
N ARG A 63 -8.78 -3.12 -13.36
CA ARG A 63 -9.95 -2.62 -12.65
C ARG A 63 -9.55 -1.69 -11.51
N GLU A 64 -9.98 -0.44 -11.60
CA GLU A 64 -9.67 0.55 -10.58
C GLU A 64 -10.26 0.15 -9.22
N PHE A 65 -9.39 -0.20 -8.29
CA PHE A 65 -9.83 -0.60 -6.96
C PHE A 65 -10.84 0.39 -6.39
N THR A 66 -11.66 -0.08 -5.46
CA THR A 66 -12.68 0.76 -4.84
C THR A 66 -12.39 0.97 -3.35
N ARG A 67 -12.93 2.05 -2.80
CA ARG A 67 -12.74 2.37 -1.39
C ARG A 67 -12.93 1.13 -0.52
N GLU A 68 -13.89 0.29 -0.91
CA GLU A 68 -14.18 -0.92 -0.16
C GLU A 68 -13.00 -1.88 -0.20
N ASP A 69 -12.40 -2.02 -1.37
CA ASP A 69 -11.25 -2.91 -1.55
C ASP A 69 -10.17 -2.60 -0.52
N TYR A 70 -9.87 -1.32 -0.35
CA TYR A 70 -8.86 -0.89 0.61
C TYR A 70 -9.22 -1.31 2.03
N LYS A 71 -10.51 -1.57 2.25
CA LYS A 71 -11.00 -1.99 3.55
C LYS A 71 -10.90 -3.50 3.71
N ARG A 72 -11.02 -4.23 2.61
CA ARG A 72 -10.95 -5.68 2.62
C ARG A 72 -9.49 -6.15 2.71
N ARG A 73 -9.31 -7.37 3.23
CA ARG A 73 -7.97 -7.93 3.37
C ARG A 73 -7.38 -8.27 2.00
N LEU A 74 -6.05 -8.26 1.92
CA LEU A 74 -5.36 -8.56 0.66
C LEU A 74 -5.72 -9.96 0.18
N LEU A 75 -5.52 -10.96 1.05
CA LEU A 75 -5.82 -12.34 0.70
C LEU A 75 -7.25 -12.47 0.19
N ASP A 76 -8.14 -11.62 0.69
CA ASP A 76 -9.54 -11.63 0.28
C ASP A 76 -9.69 -11.14 -1.15
N LEU A 77 -8.85 -10.20 -1.54
CA LEU A 77 -8.89 -9.64 -2.89
C LEU A 77 -8.08 -10.50 -3.86
N GLU A 78 -7.81 -11.74 -3.46
CA GLU A 78 -7.05 -12.66 -4.30
C GLU A 78 -5.61 -12.19 -4.46
N LEU A 79 -5.14 -11.41 -3.48
CA LEU A 79 -3.78 -10.88 -3.52
C LEU A 79 -2.93 -11.53 -2.43
N ALA A 80 -3.39 -12.67 -1.92
CA ALA A 80 -2.67 -13.38 -0.88
C ALA A 80 -1.25 -13.73 -1.34
N PRO A 81 -1.15 -14.50 -2.43
CA PRO A 81 0.14 -14.92 -3.00
C PRO A 81 0.91 -13.75 -3.62
N SER A 82 0.69 -13.54 -4.92
CA SER A 82 1.36 -12.47 -5.62
C SER A 82 0.35 -11.52 -6.26
N ALA A 83 0.64 -10.22 -6.19
CA ALA A 83 -0.24 -9.21 -6.75
C ALA A 83 0.56 -8.07 -7.39
N SER A 84 0.01 -7.50 -8.46
CA SER A 84 0.68 -6.41 -9.17
C SER A 84 -0.22 -5.17 -9.22
N VAL A 85 0.15 -4.16 -8.44
CA VAL A 85 -0.62 -2.92 -8.40
C VAL A 85 0.15 -1.78 -9.06
N VAL A 86 -0.37 -1.31 -10.20
CA VAL A 86 0.26 -0.22 -10.93
C VAL A 86 -0.03 1.13 -10.28
N LEU A 87 1.00 1.96 -10.16
CA LEU A 87 0.84 3.28 -9.55
C LEU A 87 0.50 4.32 -10.61
N LEU A 88 -0.61 5.02 -10.40
CA LEU A 88 -1.05 6.05 -11.34
C LEU A 88 -0.92 7.44 -10.72
N PRO A 89 0.00 8.24 -11.26
CA PRO A 89 0.25 9.60 -10.77
C PRO A 89 -0.91 10.55 -11.10
N ALA A 90 -1.19 11.47 -10.19
CA ALA A 90 -2.27 12.43 -10.38
C ALA A 90 -1.72 13.86 -10.44
N GLY A 91 -1.49 14.34 -11.66
CA GLY A 91 -0.97 15.68 -11.84
C GLY A 91 -1.59 16.67 -10.88
N ARG A 92 -2.91 16.63 -10.75
CA ARG A 92 -3.63 17.53 -9.85
C ARG A 92 -3.38 17.17 -8.40
N PRO A 93 -2.92 18.16 -7.62
CA PRO A 93 -2.62 17.96 -6.19
C PRO A 93 -3.88 17.77 -5.36
N ALA A 94 -3.72 17.18 -4.18
CA ALA A 94 -4.85 16.95 -3.29
C ALA A 94 -4.39 16.82 -1.84
N THR A 95 -5.32 17.00 -0.91
CA THR A 95 -5.01 16.91 0.51
C THR A 95 -5.38 15.55 1.07
N SER A 96 -4.62 15.09 2.07
CA SER A 96 -4.87 13.80 2.68
C SER A 96 -4.50 13.83 4.17
N ILE A 97 -5.23 13.05 4.97
CA ILE A 97 -4.98 12.98 6.40
C ILE A 97 -3.49 12.81 6.69
N VAL A 98 -3.00 13.53 7.69
CA VAL A 98 -1.59 13.45 8.07
C VAL A 98 -1.44 12.90 9.49
N HIS A 99 -0.38 12.14 9.70
CA HIS A 99 -0.12 11.55 11.02
C HIS A 99 0.21 12.63 12.04
N SER A 100 0.35 12.23 13.29
CA SER A 100 0.66 13.16 14.38
C SER A 100 2.01 12.84 15.01
N SER A 101 2.14 11.61 15.51
CA SER A 101 3.37 11.17 16.16
C SER A 101 3.32 9.68 16.47
N SER A 102 4.48 9.11 16.77
CA SER A 102 4.57 7.68 17.08
C SER A 102 4.72 7.47 18.59
N GLY A 103 4.56 6.23 19.02
CA GLY A 103 4.67 5.91 20.44
C GLY A 103 3.86 4.69 20.82
N ASP A 104 4.44 3.84 21.67
CA ASP A 104 3.76 2.63 22.12
C ASP A 104 4.14 2.31 23.57
N ILE A 105 3.31 1.50 24.22
CA ILE A 105 3.56 1.12 25.61
C ILE A 105 4.77 0.21 25.72
N LEU A 106 5.03 -0.28 26.93
CA LEU A 106 6.16 -1.16 27.16
C LEU A 106 6.04 -1.86 28.52
N MET A 107 6.37 -3.14 28.55
CA MET A 107 6.30 -3.92 29.79
C MET A 107 7.56 -4.75 29.98
N ILE A 108 7.80 -5.18 31.21
CA ILE A 108 8.97 -5.97 31.54
C ILE A 108 8.89 -7.35 30.89
N ASP A 109 10.04 -7.87 30.47
CA ASP A 109 10.09 -9.18 29.83
C ASP A 109 9.09 -10.14 30.46
N GLY A 1 -6.52 2.21 12.25
CA GLY A 1 -6.43 0.81 12.57
C GLY A 1 -6.22 0.56 14.05
N SER A 2 -7.26 0.82 14.85
CA SER A 2 -7.17 0.63 16.30
C SER A 2 -7.87 -0.66 16.72
N SER A 3 -7.46 -1.20 17.86
CA SER A 3 -8.04 -2.44 18.37
C SER A 3 -8.42 -3.38 17.23
N GLY A 4 -7.54 -3.47 16.24
CA GLY A 4 -7.80 -4.33 15.10
C GLY A 4 -6.61 -4.43 14.17
N SER A 5 -6.64 -3.65 13.08
CA SER A 5 -5.56 -3.67 12.10
C SER A 5 -4.27 -3.15 12.72
N SER A 6 -3.17 -3.86 12.47
CA SER A 6 -1.87 -3.47 13.01
C SER A 6 -0.79 -3.62 11.94
N GLY A 7 0.32 -2.90 12.14
CA GLY A 7 1.41 -2.96 11.19
C GLY A 7 2.44 -4.02 11.56
N ARG A 8 1.99 -5.26 11.71
CA ARG A 8 2.87 -6.36 12.06
C ARG A 8 2.82 -7.46 11.01
N ASP A 9 3.97 -8.06 10.73
CA ASP A 9 4.05 -9.13 9.74
C ASP A 9 3.89 -10.50 10.40
N ARG A 10 2.76 -11.15 10.14
CA ARG A 10 2.49 -12.47 10.72
C ARG A 10 3.04 -13.58 9.82
N SER A 11 2.95 -14.82 10.31
CA SER A 11 3.44 -15.96 9.55
C SER A 11 3.15 -15.80 8.07
N THR A 12 1.86 -15.67 7.74
CA THR A 12 1.44 -15.51 6.35
C THR A 12 2.05 -14.25 5.73
N ILE A 13 2.32 -14.31 4.44
CA ILE A 13 2.90 -13.17 3.73
C ILE A 13 2.26 -13.00 2.35
N ALA A 14 2.39 -11.80 1.80
CA ALA A 14 1.82 -11.50 0.49
C ALA A 14 2.84 -10.82 -0.41
N ARG A 15 2.75 -11.07 -1.71
CA ARG A 15 3.68 -10.48 -2.67
C ARG A 15 2.99 -9.37 -3.48
N ILE A 16 3.21 -8.13 -3.09
CA ILE A 16 2.62 -6.99 -3.77
C ILE A 16 3.67 -6.21 -4.55
N GLN A 17 3.58 -6.26 -5.88
CA GLN A 17 4.52 -5.55 -6.74
C GLN A 17 3.99 -4.17 -7.11
N PHE A 18 4.81 -3.15 -6.88
CA PHE A 18 4.42 -1.78 -7.19
C PHE A 18 5.14 -1.28 -8.44
N ARG A 19 4.37 -1.05 -9.50
CA ARG A 19 4.93 -0.57 -10.75
C ARG A 19 4.85 0.95 -10.84
N LEU A 20 5.93 1.57 -11.34
CA LEU A 20 5.99 3.01 -11.47
C LEU A 20 5.95 3.43 -12.94
N PRO A 21 5.47 4.66 -13.20
CA PRO A 21 5.38 5.20 -14.56
C PRO A 21 6.75 5.50 -15.16
N ASP A 22 7.76 5.63 -14.30
CA ASP A 22 9.12 5.92 -14.74
C ASP A 22 9.73 4.69 -15.41
N GLY A 23 9.64 3.54 -14.75
CA GLY A 23 10.19 2.32 -15.29
C GLY A 23 10.54 1.31 -14.22
N SER A 24 11.13 1.79 -13.13
CA SER A 24 11.53 0.92 -12.03
C SER A 24 10.30 0.50 -11.21
N SER A 25 10.47 -0.55 -10.41
CA SER A 25 9.38 -1.05 -9.58
C SER A 25 9.92 -1.67 -8.29
N PHE A 26 9.10 -1.66 -7.25
CA PHE A 26 9.50 -2.20 -5.96
C PHE A 26 8.38 -3.07 -5.37
N THR A 27 8.76 -4.24 -4.85
CA THR A 27 7.80 -5.15 -4.26
C THR A 27 8.08 -5.38 -2.77
N ASN A 28 7.19 -4.88 -1.93
CA ASN A 28 7.35 -5.02 -0.49
C ASN A 28 6.72 -6.33 0.00
N GLN A 29 6.73 -6.53 1.32
CA GLN A 29 6.17 -7.73 1.91
C GLN A 29 5.13 -7.39 2.97
N PHE A 30 3.92 -7.91 2.79
CA PHE A 30 2.84 -7.65 3.74
C PHE A 30 2.10 -8.94 4.08
N PRO A 31 1.55 -9.00 5.30
CA PRO A 31 0.80 -10.16 5.78
C PRO A 31 -0.53 -10.35 5.06
N SER A 32 -0.81 -11.58 4.66
CA SER A 32 -2.05 -11.89 3.96
C SER A 32 -3.20 -11.05 4.50
N ASP A 33 -3.19 -10.81 5.81
CA ASP A 33 -4.24 -10.02 6.45
C ASP A 33 -4.18 -8.57 6.00
N ALA A 34 -2.97 -8.01 5.99
CA ALA A 34 -2.78 -6.62 5.58
C ALA A 34 -3.62 -6.28 4.36
N PRO A 35 -4.63 -5.43 4.56
CA PRO A 35 -5.53 -5.00 3.48
C PRO A 35 -4.84 -4.11 2.46
N LEU A 36 -5.31 -4.15 1.22
CA LEU A 36 -4.73 -3.35 0.16
C LEU A 36 -4.25 -2.00 0.69
N GLU A 37 -5.03 -1.42 1.60
CA GLU A 37 -4.67 -0.14 2.20
C GLU A 37 -3.21 -0.12 2.64
N GLU A 38 -2.85 -1.08 3.49
CA GLU A 38 -1.49 -1.17 4.00
C GLU A 38 -0.48 -0.99 2.87
N ALA A 39 -0.70 -1.68 1.75
CA ALA A 39 0.18 -1.59 0.60
C ALA A 39 0.27 -0.17 0.08
N ARG A 40 -0.84 0.56 0.18
CA ARG A 40 -0.90 1.94 -0.29
C ARG A 40 -0.05 2.84 0.59
N GLN A 41 -0.17 2.67 1.90
CA GLN A 41 0.60 3.47 2.86
C GLN A 41 2.09 3.37 2.57
N PHE A 42 2.59 2.13 2.48
CA PHE A 42 4.00 1.90 2.22
C PHE A 42 4.45 2.63 0.95
N ALA A 43 3.87 2.24 -0.18
CA ALA A 43 4.20 2.86 -1.46
C ALA A 43 4.36 4.37 -1.32
N ALA A 44 3.38 5.00 -0.68
CA ALA A 44 3.40 6.45 -0.48
C ALA A 44 4.71 6.88 0.16
N GLN A 45 5.22 6.06 1.07
CA GLN A 45 6.48 6.38 1.76
C GLN A 45 7.68 6.13 0.85
N THR A 46 7.61 5.06 0.06
CA THR A 46 8.68 4.70 -0.85
C THR A 46 8.91 5.81 -1.87
N VAL A 47 7.84 6.23 -2.54
CA VAL A 47 7.92 7.28 -3.53
C VAL A 47 7.96 8.67 -2.88
N GLY A 48 7.37 8.77 -1.70
CA GLY A 48 7.36 10.04 -1.00
C GLY A 48 6.57 11.11 -1.73
N ASN A 49 7.06 12.33 -1.69
CA ASN A 49 6.40 13.45 -2.36
C ASN A 49 6.98 13.68 -3.74
N THR A 50 7.15 12.58 -4.49
CA THR A 50 7.69 12.66 -5.84
C THR A 50 6.58 12.80 -6.88
N TYR A 51 5.55 11.98 -6.74
CA TYR A 51 4.42 12.00 -7.66
C TYR A 51 3.25 12.80 -7.08
N GLY A 52 3.01 12.63 -5.78
CA GLY A 52 1.93 13.33 -5.12
C GLY A 52 0.74 12.43 -4.84
N ASN A 53 -0.46 12.95 -5.08
CA ASN A 53 -1.68 12.18 -4.85
C ASN A 53 -1.86 11.11 -5.93
N PHE A 54 -1.08 10.04 -5.82
CA PHE A 54 -1.16 8.95 -6.77
C PHE A 54 -2.16 7.89 -6.33
N SER A 55 -2.46 6.95 -7.21
CA SER A 55 -3.42 5.88 -6.91
C SER A 55 -2.85 4.52 -7.30
N LEU A 56 -3.63 3.48 -7.04
CA LEU A 56 -3.21 2.12 -7.37
C LEU A 56 -4.30 1.39 -8.16
N ALA A 57 -3.87 0.47 -9.02
CA ALA A 57 -4.81 -0.29 -9.83
C ALA A 57 -4.23 -1.65 -10.21
N THR A 58 -5.05 -2.50 -10.82
CA THR A 58 -4.61 -3.84 -11.23
C THR A 58 -3.87 -3.78 -12.56
N MET A 59 -3.51 -4.95 -13.09
CA MET A 59 -2.80 -5.04 -14.35
C MET A 59 -3.60 -5.85 -15.36
N PHE A 60 -4.11 -7.00 -14.93
CA PHE A 60 -4.89 -7.86 -15.80
C PHE A 60 -6.28 -7.29 -16.05
N PRO A 61 -7.10 -7.27 -14.98
CA PRO A 61 -8.47 -6.74 -15.04
C PRO A 61 -8.50 -5.23 -15.22
N ARG A 62 -7.34 -4.59 -15.08
CA ARG A 62 -7.24 -3.14 -15.22
C ARG A 62 -8.48 -2.45 -14.65
N ARG A 63 -8.78 -2.74 -13.39
CA ARG A 63 -9.93 -2.14 -12.72
C ARG A 63 -9.49 -1.28 -11.54
N GLU A 64 -9.92 -0.02 -11.54
CA GLU A 64 -9.57 0.90 -10.46
C GLU A 64 -10.17 0.44 -9.13
N PHE A 65 -9.30 0.04 -8.21
CA PHE A 65 -9.74 -0.42 -6.90
C PHE A 65 -10.81 0.51 -6.32
N THR A 66 -11.62 -0.03 -5.42
CA THR A 66 -12.69 0.75 -4.79
C THR A 66 -12.46 0.89 -3.30
N ARG A 67 -12.97 1.97 -2.72
CA ARG A 67 -12.81 2.22 -1.29
C ARG A 67 -12.99 0.94 -0.49
N GLU A 68 -13.91 0.10 -0.94
CA GLU A 68 -14.19 -1.17 -0.27
C GLU A 68 -12.99 -2.12 -0.38
N ASP A 69 -12.42 -2.19 -1.57
CA ASP A 69 -11.27 -3.06 -1.81
C ASP A 69 -10.20 -2.86 -0.75
N TYR A 70 -9.95 -1.60 -0.40
CA TYR A 70 -8.95 -1.27 0.61
C TYR A 70 -9.37 -1.79 1.99
N LYS A 71 -10.68 -1.93 2.19
CA LYS A 71 -11.21 -2.42 3.45
C LYS A 71 -11.13 -3.95 3.52
N ARG A 72 -11.04 -4.58 2.36
CA ARG A 72 -10.96 -6.04 2.28
C ARG A 72 -9.51 -6.50 2.31
N ARG A 73 -9.21 -7.42 3.23
CA ARG A 73 -7.87 -7.95 3.37
C ARG A 73 -7.29 -8.36 2.01
N LEU A 74 -5.98 -8.22 1.87
CA LEU A 74 -5.31 -8.58 0.62
C LEU A 74 -5.74 -9.97 0.15
N LEU A 75 -5.52 -10.97 0.99
CA LEU A 75 -5.89 -12.35 0.66
C LEU A 75 -7.34 -12.43 0.24
N ASP A 76 -8.13 -11.46 0.67
CA ASP A 76 -9.55 -11.43 0.33
C ASP A 76 -9.76 -11.05 -1.13
N LEU A 77 -8.85 -10.22 -1.66
CA LEU A 77 -8.93 -9.80 -3.05
C LEU A 77 -8.07 -10.68 -3.95
N GLU A 78 -7.80 -11.89 -3.48
CA GLU A 78 -6.99 -12.85 -4.24
C GLU A 78 -5.56 -12.33 -4.41
N LEU A 79 -5.12 -11.51 -3.47
CA LEU A 79 -3.79 -10.94 -3.52
C LEU A 79 -2.88 -11.58 -2.46
N ALA A 80 -3.29 -12.76 -1.99
CA ALA A 80 -2.52 -13.48 -0.98
C ALA A 80 -1.14 -13.89 -1.52
N PRO A 81 -1.14 -14.68 -2.59
CA PRO A 81 0.10 -15.15 -3.22
C PRO A 81 0.85 -14.04 -3.93
N SER A 82 0.56 -13.85 -5.21
CA SER A 82 1.21 -12.81 -6.00
C SER A 82 0.22 -11.71 -6.38
N ALA A 83 0.71 -10.47 -6.37
CA ALA A 83 -0.13 -9.33 -6.73
C ALA A 83 0.68 -8.26 -7.45
N SER A 84 0.03 -7.56 -8.38
CA SER A 84 0.69 -6.51 -9.15
C SER A 84 -0.18 -5.26 -9.21
N VAL A 85 0.19 -4.24 -8.43
CA VAL A 85 -0.56 -2.99 -8.41
C VAL A 85 0.20 -1.88 -9.11
N VAL A 86 -0.42 -1.29 -10.13
CA VAL A 86 0.19 -0.21 -10.89
C VAL A 86 -0.08 1.15 -10.25
N LEU A 87 0.95 1.96 -10.13
CA LEU A 87 0.83 3.29 -9.53
C LEU A 87 0.42 4.31 -10.57
N LEU A 88 -0.69 4.99 -10.33
CA LEU A 88 -1.19 6.01 -11.25
C LEU A 88 -0.99 7.41 -10.67
N PRO A 89 -0.01 8.15 -11.23
CA PRO A 89 0.30 9.51 -10.78
C PRO A 89 -0.80 10.50 -11.15
N ALA A 90 -0.97 11.53 -10.32
CA ALA A 90 -1.99 12.54 -10.56
C ALA A 90 -1.40 13.74 -11.31
N GLY A 91 -0.28 14.24 -10.81
CA GLY A 91 0.37 15.38 -11.45
C GLY A 91 1.25 16.16 -10.49
N ARG A 92 0.65 17.11 -9.77
CA ARG A 92 1.39 17.92 -8.82
C ARG A 92 1.18 17.42 -7.39
N PRO A 93 2.22 17.55 -6.56
CA PRO A 93 2.17 17.11 -5.15
C PRO A 93 1.25 17.99 -4.31
N ALA A 94 0.74 17.42 -3.22
CA ALA A 94 -0.15 18.16 -2.32
C ALA A 94 -0.48 17.33 -1.08
N THR A 95 -0.12 17.85 0.08
CA THR A 95 -0.37 17.16 1.34
C THR A 95 -0.85 18.13 2.41
N SER A 96 -2.01 17.83 3.00
CA SER A 96 -2.58 18.67 4.04
C SER A 96 -2.39 18.05 5.42
N ILE A 97 -1.26 18.33 6.04
CA ILE A 97 -0.96 17.80 7.37
C ILE A 97 -1.33 18.78 8.46
N VAL A 98 -1.65 18.27 9.63
CA VAL A 98 -2.04 19.10 10.77
C VAL A 98 -1.17 18.81 11.99
N HIS A 99 -1.18 17.55 12.42
CA HIS A 99 -0.40 17.15 13.58
C HIS A 99 0.28 15.80 13.33
N SER A 100 1.60 15.82 13.20
CA SER A 100 2.37 14.61 12.94
C SER A 100 2.74 13.93 14.24
N SER A 101 1.83 13.11 14.77
CA SER A 101 2.06 12.39 16.02
C SER A 101 1.97 10.89 15.81
N SER A 102 2.84 10.15 16.47
CA SER A 102 2.86 8.69 16.36
C SER A 102 2.11 8.05 17.52
N GLY A 103 2.62 8.27 18.74
CA GLY A 103 1.98 7.70 19.91
C GLY A 103 2.77 6.54 20.49
N ASP A 104 4.03 6.80 20.81
CA ASP A 104 4.89 5.76 21.38
C ASP A 104 5.03 5.94 22.89
N ILE A 105 4.06 5.41 23.63
CA ILE A 105 4.08 5.50 25.08
C ILE A 105 4.89 4.37 25.71
N LEU A 106 6.02 4.73 26.30
CA LEU A 106 6.89 3.74 26.93
C LEU A 106 7.55 4.32 28.19
N MET A 107 7.22 3.74 29.34
CA MET A 107 7.78 4.20 30.61
C MET A 107 7.82 3.06 31.62
N ILE A 108 9.02 2.79 32.15
CA ILE A 108 9.20 1.74 33.13
C ILE A 108 10.13 2.18 34.25
N ASP A 109 9.66 2.03 35.48
CA ASP A 109 10.46 2.40 36.65
C ASP A 109 10.40 1.33 37.73
N GLY A 1 3.14 10.76 14.15
CA GLY A 1 1.73 10.61 14.47
C GLY A 1 1.42 9.28 15.14
N SER A 2 0.38 9.26 15.96
CA SER A 2 -0.01 8.04 16.66
C SER A 2 -1.25 7.42 16.02
N SER A 3 -1.03 6.64 14.97
CA SER A 3 -2.13 6.00 14.25
C SER A 3 -2.36 4.59 14.79
N GLY A 4 -3.58 4.09 14.63
CA GLY A 4 -3.91 2.75 15.10
C GLY A 4 -3.70 1.69 14.04
N SER A 5 -2.43 1.36 13.78
CA SER A 5 -2.10 0.36 12.77
C SER A 5 -2.35 -1.05 13.30
N SER A 6 -3.56 -1.56 13.07
CA SER A 6 -3.92 -2.89 13.53
C SER A 6 -3.55 -3.95 12.50
N GLY A 7 -3.13 -5.11 12.97
CA GLY A 7 -2.75 -6.19 12.08
C GLY A 7 -1.91 -7.25 12.77
N ARG A 8 -2.13 -8.51 12.39
CA ARG A 8 -1.39 -9.61 12.99
C ARG A 8 -0.79 -10.51 11.91
N ASP A 9 0.05 -11.45 12.32
CA ASP A 9 0.69 -12.37 11.38
C ASP A 9 0.46 -13.81 11.81
N ARG A 10 0.08 -14.65 10.85
CA ARG A 10 -0.17 -16.06 11.13
C ARG A 10 0.56 -16.95 10.12
N SER A 11 1.85 -16.69 9.93
CA SER A 11 2.66 -17.46 8.99
C SER A 11 2.12 -17.33 7.58
N THR A 12 1.75 -16.11 7.20
CA THR A 12 1.22 -15.85 5.87
C THR A 12 1.70 -14.50 5.33
N ILE A 13 2.47 -14.54 4.26
CA ILE A 13 3.00 -13.33 3.65
C ILE A 13 2.36 -13.08 2.29
N ALA A 14 2.41 -11.83 1.84
CA ALA A 14 1.84 -11.45 0.55
C ALA A 14 2.88 -10.75 -0.32
N ARG A 15 2.84 -11.04 -1.62
CA ARG A 15 3.77 -10.43 -2.56
C ARG A 15 3.09 -9.36 -3.40
N ILE A 16 3.28 -8.10 -3.03
CA ILE A 16 2.68 -6.98 -3.75
C ILE A 16 3.74 -6.22 -4.55
N GLN A 17 3.54 -6.16 -5.86
CA GLN A 17 4.47 -5.44 -6.73
C GLN A 17 3.99 -4.01 -6.99
N PHE A 18 4.91 -3.06 -6.93
CA PHE A 18 4.58 -1.67 -7.17
C PHE A 18 5.29 -1.14 -8.41
N ARG A 19 4.52 -0.90 -9.47
CA ARG A 19 5.07 -0.40 -10.73
C ARG A 19 5.01 1.12 -10.77
N LEU A 20 6.10 1.74 -11.22
CA LEU A 20 6.16 3.20 -11.32
C LEU A 20 6.18 3.64 -12.77
N PRO A 21 5.68 4.87 -13.02
CA PRO A 21 5.64 5.44 -14.37
C PRO A 21 7.03 5.78 -14.89
N ASP A 22 8.01 5.81 -14.01
CA ASP A 22 9.38 6.13 -14.38
C ASP A 22 10.04 4.94 -15.08
N GLY A 23 9.80 3.75 -14.56
CA GLY A 23 10.38 2.55 -15.16
C GLY A 23 10.72 1.50 -14.11
N SER A 24 11.23 1.95 -12.97
CA SER A 24 11.61 1.03 -11.89
C SER A 24 10.38 0.57 -11.12
N SER A 25 10.58 -0.36 -10.19
CA SER A 25 9.49 -0.89 -9.39
C SER A 25 10.01 -1.47 -8.08
N PHE A 26 9.12 -1.66 -7.12
CA PHE A 26 9.48 -2.20 -5.82
C PHE A 26 8.40 -3.13 -5.29
N THR A 27 8.81 -4.22 -4.63
CA THR A 27 7.87 -5.18 -4.08
C THR A 27 8.13 -5.41 -2.60
N ASN A 28 7.23 -4.92 -1.76
CA ASN A 28 7.36 -5.07 -0.31
C ASN A 28 6.65 -6.33 0.17
N GLN A 29 6.80 -6.65 1.45
CA GLN A 29 6.17 -7.83 2.03
C GLN A 29 5.10 -7.43 3.04
N PHE A 30 3.91 -8.01 2.88
CA PHE A 30 2.79 -7.71 3.78
C PHE A 30 2.02 -8.97 4.12
N PRO A 31 1.45 -9.01 5.34
CA PRO A 31 0.68 -10.15 5.82
C PRO A 31 -0.65 -10.30 5.09
N SER A 32 -0.89 -11.50 4.55
CA SER A 32 -2.13 -11.78 3.82
C SER A 32 -3.30 -11.03 4.45
N ASP A 33 -3.28 -10.91 5.77
CA ASP A 33 -4.34 -10.22 6.50
C ASP A 33 -4.36 -8.74 6.17
N ALA A 34 -3.17 -8.12 6.20
CA ALA A 34 -3.04 -6.71 5.90
C ALA A 34 -3.91 -6.32 4.70
N PRO A 35 -4.80 -5.33 4.90
CA PRO A 35 -5.69 -4.85 3.84
C PRO A 35 -4.95 -4.07 2.77
N LEU A 36 -5.46 -4.14 1.54
CA LEU A 36 -4.84 -3.45 0.42
C LEU A 36 -4.24 -2.12 0.86
N GLU A 37 -5.00 -1.37 1.67
CA GLU A 37 -4.53 -0.08 2.17
C GLU A 37 -3.06 -0.14 2.56
N GLU A 38 -2.72 -1.08 3.43
CA GLU A 38 -1.34 -1.24 3.88
C GLU A 38 -0.36 -1.09 2.71
N ALA A 39 -0.67 -1.75 1.61
CA ALA A 39 0.18 -1.69 0.43
C ALA A 39 0.31 -0.26 -0.08
N ARG A 40 -0.80 0.45 -0.15
CA ARG A 40 -0.81 1.83 -0.62
C ARG A 40 0.05 2.71 0.28
N GLN A 41 -0.11 2.53 1.59
CA GLN A 41 0.66 3.32 2.56
C GLN A 41 2.15 3.25 2.26
N PHE A 42 2.69 2.04 2.28
CA PHE A 42 4.11 1.83 2.01
C PHE A 42 4.54 2.60 0.76
N ALA A 43 3.95 2.26 -0.37
CA ALA A 43 4.28 2.92 -1.63
C ALA A 43 4.39 4.42 -1.44
N ALA A 44 3.48 5.00 -0.67
CA ALA A 44 3.48 6.43 -0.43
C ALA A 44 4.79 6.87 0.23
N GLN A 45 5.31 6.03 1.11
CA GLN A 45 6.57 6.34 1.81
C GLN A 45 7.76 6.15 0.88
N THR A 46 7.69 5.14 0.02
CA THR A 46 8.77 4.87 -0.92
C THR A 46 8.93 6.00 -1.93
N VAL A 47 7.82 6.40 -2.55
CA VAL A 47 7.83 7.47 -3.52
C VAL A 47 7.73 8.83 -2.85
N GLY A 48 7.14 8.86 -1.65
CA GLY A 48 6.99 10.10 -0.93
C GLY A 48 6.14 11.11 -1.67
N ASN A 49 6.34 12.39 -1.37
CA ASN A 49 5.59 13.46 -2.02
C ASN A 49 6.17 13.78 -3.39
N THR A 50 6.45 12.74 -4.17
CA THR A 50 7.00 12.92 -5.51
C THR A 50 5.89 13.02 -6.56
N TYR A 51 4.99 12.05 -6.54
CA TYR A 51 3.87 12.03 -7.49
C TYR A 51 2.67 12.78 -6.93
N GLY A 52 2.34 12.50 -5.67
CA GLY A 52 1.20 13.15 -5.05
C GLY A 52 0.14 12.17 -4.60
N ASN A 53 -1.12 12.50 -4.89
CA ASN A 53 -2.24 11.64 -4.51
C ASN A 53 -2.43 10.52 -5.53
N PHE A 54 -1.32 9.90 -5.95
CA PHE A 54 -1.37 8.82 -6.91
C PHE A 54 -2.41 7.78 -6.51
N SER A 55 -2.68 6.83 -7.41
CA SER A 55 -3.66 5.78 -7.16
C SER A 55 -3.07 4.40 -7.46
N LEU A 56 -3.83 3.36 -7.12
CA LEU A 56 -3.38 1.99 -7.35
C LEU A 56 -4.43 1.21 -8.15
N ALA A 57 -3.95 0.36 -9.05
CA ALA A 57 -4.84 -0.45 -9.88
C ALA A 57 -4.17 -1.75 -10.30
N THR A 58 -4.93 -2.62 -10.96
CA THR A 58 -4.41 -3.90 -11.41
C THR A 58 -3.65 -3.75 -12.71
N MET A 59 -3.19 -4.88 -13.25
CA MET A 59 -2.44 -4.88 -14.51
C MET A 59 -3.17 -5.68 -15.58
N PHE A 60 -3.55 -6.90 -15.23
CA PHE A 60 -4.25 -7.78 -16.16
C PHE A 60 -5.65 -7.25 -16.46
N PRO A 61 -6.53 -7.31 -15.45
CA PRO A 61 -7.91 -6.83 -15.58
C PRO A 61 -8.00 -5.32 -15.70
N ARG A 62 -6.88 -4.64 -15.51
CA ARG A 62 -6.82 -3.19 -15.59
C ARG A 62 -8.10 -2.57 -15.02
N ARG A 63 -8.44 -2.96 -13.81
CA ARG A 63 -9.64 -2.44 -13.15
C ARG A 63 -9.28 -1.63 -11.91
N GLU A 64 -9.89 -0.46 -11.78
CA GLU A 64 -9.63 0.40 -10.64
C GLU A 64 -10.28 -0.14 -9.37
N PHE A 65 -9.57 -0.05 -8.25
CA PHE A 65 -10.08 -0.54 -6.98
C PHE A 65 -11.14 0.40 -6.41
N THR A 66 -11.79 -0.03 -5.34
CA THR A 66 -12.82 0.77 -4.70
C THR A 66 -12.50 1.03 -3.23
N ARG A 67 -13.30 1.89 -2.60
CA ARG A 67 -13.10 2.23 -1.20
C ARG A 67 -13.21 0.98 -0.33
N GLU A 68 -14.26 0.20 -0.53
CA GLU A 68 -14.48 -1.02 0.24
C GLU A 68 -13.32 -1.99 0.05
N ASP A 69 -12.83 -2.09 -1.18
CA ASP A 69 -11.72 -2.99 -1.49
C ASP A 69 -10.58 -2.81 -0.49
N TYR A 70 -10.20 -1.56 -0.25
CA TYR A 70 -9.12 -1.25 0.68
C TYR A 70 -9.42 -1.80 2.07
N LYS A 71 -10.71 -1.98 2.36
CA LYS A 71 -11.14 -2.50 3.65
C LYS A 71 -11.06 -4.02 3.67
N ARG A 72 -11.11 -4.63 2.50
CA ARG A 72 -11.04 -6.08 2.39
C ARG A 72 -9.59 -6.56 2.40
N ARG A 73 -9.29 -7.50 3.30
CA ARG A 73 -7.94 -8.04 3.42
C ARG A 73 -7.38 -8.39 2.05
N LEU A 74 -6.05 -8.30 1.92
CA LEU A 74 -5.40 -8.61 0.65
C LEU A 74 -5.84 -9.96 0.13
N LEU A 75 -5.56 -11.02 0.89
CA LEU A 75 -5.93 -12.37 0.51
C LEU A 75 -7.38 -12.43 0.03
N ASP A 76 -8.19 -11.49 0.54
CA ASP A 76 -9.60 -11.43 0.17
C ASP A 76 -9.77 -11.00 -1.29
N LEU A 77 -8.89 -10.11 -1.73
CA LEU A 77 -8.94 -9.61 -3.10
C LEU A 77 -8.07 -10.46 -4.02
N GLU A 78 -7.78 -11.69 -3.59
CA GLU A 78 -6.97 -12.61 -4.38
C GLU A 78 -5.55 -12.07 -4.53
N LEU A 79 -5.08 -11.35 -3.52
CA LEU A 79 -3.74 -10.78 -3.54
C LEU A 79 -2.86 -11.43 -2.48
N ALA A 80 -3.24 -12.62 -2.05
CA ALA A 80 -2.49 -13.35 -1.03
C ALA A 80 -1.12 -13.78 -1.56
N PRO A 81 -1.12 -14.57 -2.63
CA PRO A 81 0.11 -15.06 -3.25
C PRO A 81 0.88 -13.96 -3.96
N SER A 82 0.59 -13.77 -5.25
CA SER A 82 1.26 -12.74 -6.04
C SER A 82 0.28 -11.65 -6.46
N ALA A 83 0.74 -10.41 -6.42
CA ALA A 83 -0.10 -9.27 -6.79
C ALA A 83 0.73 -8.18 -7.48
N SER A 84 0.13 -7.51 -8.45
CA SER A 84 0.81 -6.45 -9.18
C SER A 84 -0.07 -5.20 -9.28
N VAL A 85 0.19 -4.24 -8.40
CA VAL A 85 -0.58 -2.99 -8.39
C VAL A 85 0.20 -1.86 -9.06
N VAL A 86 -0.36 -1.31 -10.13
CA VAL A 86 0.28 -0.22 -10.86
C VAL A 86 0.02 1.11 -10.16
N LEU A 87 1.04 1.96 -10.16
CA LEU A 87 0.95 3.28 -9.53
C LEU A 87 0.58 4.35 -10.56
N LEU A 88 -0.59 4.95 -10.39
CA LEU A 88 -1.05 5.99 -11.31
C LEU A 88 -0.90 7.37 -10.67
N PRO A 89 0.06 8.15 -11.20
CA PRO A 89 0.33 9.51 -10.71
C PRO A 89 -0.80 10.48 -11.06
N ALA A 90 -1.07 11.41 -10.14
CA ALA A 90 -2.12 12.39 -10.35
C ALA A 90 -1.53 13.75 -10.73
N GLY A 91 -0.47 14.15 -10.01
CA GLY A 91 0.16 15.42 -10.27
C GLY A 91 1.07 15.86 -9.15
N ARG A 92 0.49 16.45 -8.11
CA ARG A 92 1.26 16.93 -6.96
C ARG A 92 0.36 17.07 -5.73
N PRO A 93 0.96 16.89 -4.55
CA PRO A 93 0.24 17.00 -3.27
C PRO A 93 -0.18 18.43 -2.97
N ALA A 94 -1.29 18.58 -2.25
CA ALA A 94 -1.80 19.90 -1.88
C ALA A 94 -2.06 20.00 -0.38
N THR A 95 -2.53 18.90 0.20
CA THR A 95 -2.82 18.86 1.63
C THR A 95 -2.81 17.43 2.15
N SER A 96 -2.45 17.27 3.42
CA SER A 96 -2.41 15.95 4.04
C SER A 96 -3.14 15.94 5.37
N ILE A 97 -4.40 15.50 5.35
CA ILE A 97 -5.21 15.44 6.56
C ILE A 97 -5.04 14.11 7.27
N VAL A 98 -5.19 14.12 8.59
CA VAL A 98 -5.07 12.92 9.40
C VAL A 98 -5.88 13.02 10.68
N HIS A 99 -6.68 11.98 10.94
CA HIS A 99 -7.53 11.95 12.13
C HIS A 99 -6.88 11.08 13.22
N SER A 100 -6.67 11.68 14.39
CA SER A 100 -6.06 10.96 15.51
C SER A 100 -6.34 11.67 16.83
N SER A 101 -6.79 10.91 17.82
CA SER A 101 -7.10 11.47 19.13
C SER A 101 -7.01 10.41 20.21
N SER A 102 -6.03 10.56 21.10
CA SER A 102 -5.83 9.61 22.19
C SER A 102 -5.94 8.18 21.67
N GLY A 103 -5.35 7.91 20.52
CA GLY A 103 -5.39 6.58 19.95
C GLY A 103 -4.40 5.64 20.58
N ASP A 104 -4.87 4.79 21.49
CA ASP A 104 -4.01 3.84 22.18
C ASP A 104 -4.84 2.71 22.79
N ILE A 105 -4.16 1.75 23.40
CA ILE A 105 -4.83 0.61 24.04
C ILE A 105 -4.98 0.84 25.53
N LEU A 106 -6.16 0.51 26.05
CA LEU A 106 -6.44 0.66 27.48
C LEU A 106 -6.99 -0.63 28.07
N MET A 107 -7.08 -0.68 29.40
CA MET A 107 -7.58 -1.85 30.08
C MET A 107 -8.25 -1.47 31.41
N ILE A 108 -9.58 -1.56 31.44
CA ILE A 108 -10.34 -1.23 32.63
C ILE A 108 -11.05 -2.46 33.21
N ASP A 109 -10.99 -2.60 34.52
CA ASP A 109 -11.63 -3.73 35.19
C ASP A 109 -13.04 -3.35 35.67
N GLY A 1 0.24 4.78 11.66
CA GLY A 1 -0.97 3.99 11.58
C GLY A 1 -1.30 3.28 12.89
N SER A 2 -2.01 2.16 12.78
CA SER A 2 -2.40 1.39 13.96
C SER A 2 -2.53 -0.08 13.63
N SER A 3 -1.71 -0.91 14.27
CA SER A 3 -1.73 -2.35 14.04
C SER A 3 -2.05 -3.09 15.34
N GLY A 4 -2.72 -4.23 15.20
CA GLY A 4 -3.07 -5.03 16.36
C GLY A 4 -3.90 -6.25 16.01
N SER A 5 -3.24 -7.38 15.83
CA SER A 5 -3.92 -8.61 15.47
C SER A 5 -3.47 -9.76 16.37
N SER A 6 -4.28 -10.82 16.42
CA SER A 6 -3.97 -11.98 17.25
C SER A 6 -3.24 -13.06 16.43
N GLY A 7 -2.55 -13.95 17.13
CA GLY A 7 -1.83 -15.01 16.46
C GLY A 7 -0.44 -14.59 16.04
N ARG A 8 0.56 -15.39 16.41
CA ARG A 8 1.95 -15.09 16.08
C ARG A 8 2.48 -16.08 15.03
N ASP A 9 1.64 -16.39 14.05
CA ASP A 9 2.02 -17.32 12.99
C ASP A 9 3.10 -16.71 12.11
N ARG A 10 2.82 -15.54 11.55
CA ARG A 10 3.77 -14.85 10.69
C ARG A 10 4.27 -15.79 9.59
N SER A 11 3.37 -16.59 9.04
CA SER A 11 3.74 -17.54 7.99
C SER A 11 3.20 -17.06 6.64
N THR A 12 1.95 -16.64 6.61
CA THR A 12 1.33 -16.16 5.39
C THR A 12 1.85 -14.79 4.99
N ILE A 13 2.03 -14.57 3.70
CA ILE A 13 2.53 -13.30 3.20
C ILE A 13 1.85 -12.91 1.88
N ALA A 14 2.01 -11.66 1.49
CA ALA A 14 1.41 -11.17 0.25
C ALA A 14 2.44 -10.40 -0.59
N ARG A 15 2.58 -10.82 -1.84
CA ARG A 15 3.53 -10.17 -2.74
C ARG A 15 2.86 -9.04 -3.53
N ILE A 16 2.97 -7.83 -3.01
CA ILE A 16 2.37 -6.66 -3.67
C ILE A 16 3.43 -5.84 -4.39
N GLN A 17 3.46 -5.95 -5.71
CA GLN A 17 4.42 -5.21 -6.52
C GLN A 17 3.83 -3.88 -6.98
N PHE A 18 4.68 -2.85 -7.02
CA PHE A 18 4.25 -1.53 -7.44
C PHE A 18 5.05 -1.04 -8.64
N ARG A 19 4.35 -0.81 -9.75
CA ARG A 19 5.00 -0.36 -10.98
C ARG A 19 5.00 1.18 -11.05
N LEU A 20 6.17 1.75 -11.25
CA LEU A 20 6.31 3.21 -11.34
C LEU A 20 6.26 3.66 -12.79
N PRO A 21 5.77 4.90 -13.01
CA PRO A 21 5.66 5.47 -14.36
C PRO A 21 7.01 5.81 -14.96
N ASP A 22 8.05 5.71 -14.14
CA ASP A 22 9.41 6.00 -14.59
C ASP A 22 10.04 4.77 -15.23
N GLY A 23 10.04 3.65 -14.50
CA GLY A 23 10.62 2.43 -15.02
C GLY A 23 10.92 1.43 -13.93
N SER A 24 11.52 1.90 -12.84
CA SER A 24 11.88 1.03 -11.73
C SER A 24 10.62 0.56 -10.99
N SER A 25 10.78 -0.45 -10.14
CA SER A 25 9.67 -0.99 -9.39
C SER A 25 10.16 -1.67 -8.11
N PHE A 26 9.32 -1.66 -7.08
CA PHE A 26 9.66 -2.28 -5.80
C PHE A 26 8.57 -3.25 -5.35
N THR A 27 8.97 -4.24 -4.55
CA THR A 27 8.03 -5.24 -4.06
C THR A 27 8.25 -5.50 -2.57
N ASN A 28 7.24 -5.17 -1.77
CA ASN A 28 7.32 -5.37 -0.32
C ASN A 28 6.65 -6.68 0.08
N GLN A 29 6.54 -6.91 1.39
CA GLN A 29 5.92 -8.13 1.90
C GLN A 29 4.94 -7.79 3.03
N PHE A 30 3.68 -8.16 2.82
CA PHE A 30 2.64 -7.90 3.83
C PHE A 30 1.89 -9.18 4.17
N PRO A 31 1.34 -9.24 5.39
CA PRO A 31 0.59 -10.40 5.87
C PRO A 31 -0.75 -10.56 5.15
N SER A 32 -0.98 -11.74 4.60
CA SER A 32 -2.22 -12.02 3.88
C SER A 32 -3.40 -11.33 4.54
N ASP A 33 -3.33 -11.18 5.86
CA ASP A 33 -4.39 -10.52 6.61
C ASP A 33 -4.43 -9.03 6.32
N ALA A 34 -3.26 -8.40 6.34
CA ALA A 34 -3.15 -6.97 6.09
C ALA A 34 -3.96 -6.58 4.85
N PRO A 35 -4.79 -5.53 4.99
CA PRO A 35 -5.64 -5.03 3.90
C PRO A 35 -4.83 -4.36 2.81
N LEU A 36 -5.43 -4.23 1.62
CA LEU A 36 -4.76 -3.60 0.49
C LEU A 36 -4.13 -2.27 0.89
N GLU A 37 -4.90 -1.47 1.63
CA GLU A 37 -4.41 -0.16 2.08
C GLU A 37 -2.96 -0.24 2.52
N GLU A 38 -2.69 -1.14 3.46
CA GLU A 38 -1.34 -1.31 3.98
C GLU A 38 -0.30 -1.08 2.89
N ALA A 39 -0.50 -1.73 1.75
CA ALA A 39 0.42 -1.58 0.61
C ALA A 39 0.48 -0.13 0.14
N ARG A 40 -0.68 0.49 -0.02
CA ARG A 40 -0.75 1.88 -0.48
C ARG A 40 0.14 2.77 0.38
N GLN A 41 0.02 2.62 1.70
CA GLN A 41 0.82 3.42 2.64
C GLN A 41 2.30 3.30 2.32
N PHE A 42 2.78 2.07 2.22
CA PHE A 42 4.20 1.82 1.93
C PHE A 42 4.62 2.55 0.65
N ALA A 43 3.94 2.26 -0.45
CA ALA A 43 4.25 2.89 -1.72
C ALA A 43 4.35 4.41 -1.58
N ALA A 44 3.47 4.98 -0.77
CA ALA A 44 3.46 6.42 -0.53
C ALA A 44 4.69 6.85 0.26
N GLN A 45 5.14 5.99 1.16
CA GLN A 45 6.31 6.28 1.99
C GLN A 45 7.56 6.40 1.13
N THR A 46 7.56 5.73 -0.02
CA THR A 46 8.70 5.75 -0.92
C THR A 46 8.56 6.87 -1.95
N VAL A 47 7.38 6.98 -2.54
CA VAL A 47 7.11 7.99 -3.55
C VAL A 47 6.29 9.15 -2.96
N GLY A 48 6.46 9.38 -1.66
CA GLY A 48 5.73 10.44 -0.99
C GLY A 48 5.80 11.75 -1.76
N ASN A 49 6.92 12.45 -1.63
CA ASN A 49 7.10 13.73 -2.32
C ASN A 49 7.65 13.52 -3.73
N THR A 50 7.07 12.54 -4.43
CA THR A 50 7.49 12.24 -5.79
C THR A 50 6.40 12.59 -6.80
N TYR A 51 5.22 12.00 -6.61
CA TYR A 51 4.09 12.24 -7.50
C TYR A 51 3.00 13.04 -6.79
N GLY A 52 2.77 12.70 -5.52
CA GLY A 52 1.75 13.39 -4.75
C GLY A 52 0.60 12.49 -4.36
N ASN A 53 -0.45 12.49 -5.17
CA ASN A 53 -1.62 11.66 -4.90
C ASN A 53 -1.88 10.68 -6.04
N PHE A 54 -1.14 9.58 -6.04
CA PHE A 54 -1.27 8.56 -7.09
C PHE A 54 -2.36 7.56 -6.72
N SER A 55 -2.71 6.69 -7.67
CA SER A 55 -3.73 5.69 -7.46
C SER A 55 -3.23 4.30 -7.84
N LEU A 56 -3.63 3.30 -7.05
CA LEU A 56 -3.21 1.93 -7.32
C LEU A 56 -4.29 1.16 -8.08
N ALA A 57 -3.87 0.33 -9.03
CA ALA A 57 -4.80 -0.45 -9.83
C ALA A 57 -4.17 -1.77 -10.27
N THR A 58 -5.00 -2.68 -10.75
CA THR A 58 -4.53 -3.98 -11.21
C THR A 58 -3.80 -3.86 -12.54
N MET A 59 -3.37 -5.00 -13.09
CA MET A 59 -2.66 -5.01 -14.36
C MET A 59 -3.46 -5.78 -15.41
N PHE A 60 -3.90 -6.98 -15.05
CA PHE A 60 -4.66 -7.82 -15.97
C PHE A 60 -6.08 -7.27 -16.15
N PRO A 61 -6.88 -7.33 -15.07
CA PRO A 61 -8.26 -6.85 -15.09
C PRO A 61 -8.34 -5.33 -15.18
N ARG A 62 -7.19 -4.66 -15.01
CA ARG A 62 -7.14 -3.21 -15.09
C ARG A 62 -8.41 -2.59 -14.52
N ARG A 63 -8.76 -2.97 -13.30
CA ARG A 63 -9.95 -2.46 -12.64
C ARG A 63 -9.58 -1.56 -11.46
N GLU A 64 -9.98 -0.29 -11.54
CA GLU A 64 -9.68 0.67 -10.49
C GLU A 64 -10.31 0.23 -9.16
N PHE A 65 -9.46 -0.16 -8.22
CA PHE A 65 -9.92 -0.61 -6.91
C PHE A 65 -10.97 0.33 -6.36
N THR A 66 -11.69 -0.12 -5.32
CA THR A 66 -12.73 0.69 -4.71
C THR A 66 -12.40 0.98 -3.24
N ARG A 67 -13.20 1.84 -2.62
CA ARG A 67 -12.99 2.21 -1.23
C ARG A 67 -13.07 0.97 -0.33
N GLU A 68 -14.06 0.12 -0.60
CA GLU A 68 -14.25 -1.10 0.18
C GLU A 68 -13.10 -2.07 -0.04
N ASP A 69 -12.67 -2.20 -1.29
CA ASP A 69 -11.57 -3.09 -1.63
C ASP A 69 -10.42 -2.94 -0.64
N TYR A 70 -10.10 -1.70 -0.29
CA TYR A 70 -9.02 -1.44 0.64
C TYR A 70 -9.34 -1.97 2.03
N LYS A 71 -10.63 -2.04 2.35
CA LYS A 71 -11.07 -2.53 3.64
C LYS A 71 -10.97 -4.05 3.70
N ARG A 72 -11.09 -4.70 2.55
CA ARG A 72 -11.02 -6.15 2.47
C ARG A 72 -9.56 -6.62 2.55
N ARG A 73 -9.31 -7.58 3.44
CA ARG A 73 -7.96 -8.12 3.62
C ARG A 73 -7.34 -8.48 2.28
N LEU A 74 -6.03 -8.34 2.18
CA LEU A 74 -5.31 -8.66 0.95
C LEU A 74 -5.72 -10.03 0.42
N LEU A 75 -5.48 -11.06 1.22
CA LEU A 75 -5.82 -12.43 0.84
C LEU A 75 -7.25 -12.50 0.32
N ASP A 76 -8.09 -11.58 0.77
CA ASP A 76 -9.49 -11.54 0.35
C ASP A 76 -9.61 -11.03 -1.08
N LEU A 77 -8.69 -10.15 -1.47
CA LEU A 77 -8.70 -9.59 -2.82
C LEU A 77 -7.89 -10.47 -3.78
N GLU A 78 -7.61 -11.69 -3.36
CA GLU A 78 -6.85 -12.63 -4.18
C GLU A 78 -5.42 -12.16 -4.36
N LEU A 79 -4.88 -11.50 -3.34
CA LEU A 79 -3.52 -10.99 -3.38
C LEU A 79 -2.63 -11.73 -2.39
N ALA A 80 -3.06 -12.93 -2.00
CA ALA A 80 -2.30 -13.74 -1.06
C ALA A 80 -0.94 -14.13 -1.65
N PRO A 81 -0.97 -14.82 -2.79
CA PRO A 81 0.24 -15.27 -3.48
C PRO A 81 1.03 -14.10 -4.09
N SER A 82 0.71 -13.79 -5.34
CA SER A 82 1.39 -12.70 -6.04
C SER A 82 0.39 -11.61 -6.43
N ALA A 83 0.84 -10.36 -6.34
CA ALA A 83 -0.01 -9.22 -6.68
C ALA A 83 0.79 -8.13 -7.39
N SER A 84 0.17 -7.48 -8.36
CA SER A 84 0.82 -6.40 -9.11
C SER A 84 -0.08 -5.18 -9.20
N VAL A 85 0.19 -4.20 -8.34
CA VAL A 85 -0.60 -2.97 -8.32
C VAL A 85 0.15 -1.84 -9.01
N VAL A 86 -0.36 -1.40 -10.16
CA VAL A 86 0.25 -0.32 -10.92
C VAL A 86 0.03 1.03 -10.24
N LEU A 87 1.06 1.86 -10.22
CA LEU A 87 0.98 3.18 -9.60
C LEU A 87 0.66 4.25 -10.64
N LEU A 88 -0.45 4.93 -10.45
CA LEU A 88 -0.87 5.99 -11.38
C LEU A 88 -0.65 7.36 -10.77
N PRO A 89 0.32 8.11 -11.32
CA PRO A 89 0.64 9.46 -10.85
C PRO A 89 -0.47 10.47 -11.16
N ALA A 90 -0.73 11.36 -10.20
CA ALA A 90 -1.76 12.37 -10.38
C ALA A 90 -1.16 13.68 -10.87
N GLY A 91 -0.20 13.59 -11.78
CA GLY A 91 0.44 14.77 -12.31
C GLY A 91 1.09 15.61 -11.24
N ARG A 92 1.52 16.82 -11.61
CA ARG A 92 2.16 17.72 -10.67
C ARG A 92 1.34 17.86 -9.39
N PRO A 93 2.03 17.89 -8.24
CA PRO A 93 1.38 18.01 -6.93
C PRO A 93 0.76 19.39 -6.72
N ALA A 94 -0.55 19.48 -6.89
CA ALA A 94 -1.27 20.74 -6.70
C ALA A 94 -1.94 20.80 -5.34
N THR A 95 -2.41 19.65 -4.88
CA THR A 95 -3.08 19.57 -3.58
C THR A 95 -2.29 18.72 -2.59
N SER A 96 -0.97 18.86 -2.64
CA SER A 96 -0.08 18.11 -1.75
C SER A 96 0.72 19.05 -0.86
N ILE A 97 0.23 19.28 0.35
CA ILE A 97 0.90 20.15 1.30
C ILE A 97 1.87 19.38 2.18
N VAL A 98 2.82 20.08 2.78
CA VAL A 98 3.81 19.46 3.65
C VAL A 98 3.46 19.66 5.12
N HIS A 99 3.48 18.56 5.87
CA HIS A 99 3.17 18.62 7.30
C HIS A 99 3.83 17.47 8.06
N SER A 100 4.24 17.74 9.29
CA SER A 100 4.90 16.74 10.12
C SER A 100 4.26 16.66 11.50
N SER A 101 3.57 15.56 11.77
CA SER A 101 2.91 15.37 13.06
C SER A 101 3.94 15.11 14.16
N SER A 102 4.13 16.10 15.03
CA SER A 102 5.07 15.98 16.13
C SER A 102 4.49 15.14 17.26
N GLY A 103 3.24 15.44 17.62
CA GLY A 103 2.59 14.70 18.69
C GLY A 103 2.91 15.26 20.07
N ASP A 104 2.38 14.63 21.10
CA ASP A 104 2.62 15.07 22.47
C ASP A 104 3.12 13.92 23.33
N ILE A 105 4.35 14.07 23.84
CA ILE A 105 4.94 13.04 24.68
C ILE A 105 4.75 13.37 26.16
N LEU A 106 4.69 12.32 26.99
CA LEU A 106 4.52 12.50 28.43
C LEU A 106 5.33 13.69 28.93
N MET A 107 4.63 14.67 29.51
CA MET A 107 5.28 15.86 30.03
C MET A 107 5.24 15.88 31.55
N ILE A 108 6.30 15.38 32.18
CA ILE A 108 6.39 15.34 33.63
C ILE A 108 6.83 16.68 34.20
N ASP A 109 6.08 17.20 35.16
CA ASP A 109 6.40 18.47 35.79
C ASP A 109 7.44 18.29 36.90
N GLY A 1 16.02 2.16 3.07
CA GLY A 1 16.80 2.51 4.24
C GLY A 1 16.93 1.37 5.23
N SER A 2 16.02 1.32 6.19
CA SER A 2 16.04 0.26 7.20
C SER A 2 15.15 -0.90 6.79
N SER A 3 15.77 -2.00 6.41
CA SER A 3 15.03 -3.20 5.98
C SER A 3 15.28 -4.35 6.94
N GLY A 4 14.55 -5.45 6.74
CA GLY A 4 14.70 -6.61 7.59
C GLY A 4 15.11 -7.85 6.82
N SER A 5 16.38 -8.20 6.89
CA SER A 5 16.89 -9.37 6.17
C SER A 5 16.39 -10.65 6.82
N SER A 6 16.74 -10.86 8.09
CA SER A 6 16.32 -12.05 8.81
C SER A 6 14.85 -11.97 9.19
N GLY A 7 14.23 -13.13 9.38
CA GLY A 7 12.83 -13.18 9.75
C GLY A 7 12.15 -14.45 9.28
N ARG A 8 12.35 -15.54 10.01
CA ARG A 8 11.76 -16.82 9.66
C ARG A 8 10.82 -17.31 10.77
N ASP A 9 9.60 -16.79 10.77
CA ASP A 9 8.61 -17.18 11.76
C ASP A 9 7.27 -17.51 11.12
N ARG A 10 6.66 -18.60 11.56
CA ARG A 10 5.37 -19.02 11.02
C ARG A 10 4.41 -17.85 10.91
N SER A 11 4.33 -17.27 9.71
CA SER A 11 3.45 -16.13 9.48
C SER A 11 3.15 -15.97 7.99
N THR A 12 1.90 -15.71 7.66
CA THR A 12 1.48 -15.53 6.27
C THR A 12 2.09 -14.27 5.68
N ILE A 13 2.40 -14.32 4.39
CA ILE A 13 2.99 -13.19 3.69
C ILE A 13 2.33 -12.97 2.33
N ALA A 14 2.42 -11.74 1.83
CA ALA A 14 1.84 -11.40 0.54
C ALA A 14 2.84 -10.66 -0.34
N ARG A 15 2.85 -10.99 -1.63
CA ARG A 15 3.76 -10.36 -2.57
C ARG A 15 3.04 -9.31 -3.41
N ILE A 16 3.20 -8.04 -3.04
CA ILE A 16 2.56 -6.95 -3.75
C ILE A 16 3.57 -6.17 -4.60
N GLN A 17 3.52 -6.36 -5.91
CA GLN A 17 4.43 -5.69 -6.82
C GLN A 17 3.94 -4.28 -7.14
N PHE A 18 4.85 -3.32 -7.11
CA PHE A 18 4.51 -1.93 -7.39
C PHE A 18 5.25 -1.43 -8.63
N ARG A 19 4.49 -1.16 -9.69
CA ARG A 19 5.06 -0.68 -10.94
C ARG A 19 5.01 0.85 -11.01
N LEU A 20 6.09 1.45 -11.49
CA LEU A 20 6.17 2.90 -11.61
C LEU A 20 6.14 3.32 -13.07
N PRO A 21 5.71 4.58 -13.31
CA PRO A 21 5.62 5.13 -14.67
C PRO A 21 7.00 5.39 -15.28
N ASP A 22 8.05 5.02 -14.54
CA ASP A 22 9.41 5.21 -15.01
C ASP A 22 10.15 3.88 -15.10
N GLY A 23 9.37 2.80 -15.27
CA GLY A 23 9.96 1.48 -15.36
C GLY A 23 10.25 0.87 -14.01
N SER A 24 11.06 1.56 -13.21
CA SER A 24 11.41 1.07 -11.88
C SER A 24 10.21 0.45 -11.19
N SER A 25 10.48 -0.44 -10.24
CA SER A 25 9.41 -1.11 -9.49
C SER A 25 9.94 -1.74 -8.22
N PHE A 26 9.15 -1.66 -7.14
CA PHE A 26 9.56 -2.22 -5.86
C PHE A 26 8.45 -3.10 -5.29
N THR A 27 8.84 -4.24 -4.71
CA THR A 27 7.88 -5.16 -4.13
C THR A 27 8.15 -5.37 -2.65
N ASN A 28 7.21 -4.94 -1.81
CA ASN A 28 7.35 -5.08 -0.36
C ASN A 28 6.75 -6.40 0.11
N GLN A 29 6.71 -6.58 1.43
CA GLN A 29 6.17 -7.80 2.02
C GLN A 29 5.11 -7.46 3.06
N PHE A 30 3.87 -7.84 2.80
CA PHE A 30 2.77 -7.58 3.72
C PHE A 30 2.04 -8.87 4.07
N PRO A 31 1.45 -8.91 5.28
CA PRO A 31 0.71 -10.08 5.75
C PRO A 31 -0.60 -10.27 5.01
N SER A 32 -0.82 -11.49 4.51
CA SER A 32 -2.04 -11.80 3.76
C SER A 32 -3.24 -11.10 4.38
N ASP A 33 -3.20 -10.91 5.69
CA ASP A 33 -4.28 -10.25 6.41
C ASP A 33 -4.32 -8.76 6.10
N ALA A 34 -3.15 -8.13 6.12
CA ALA A 34 -3.03 -6.71 5.84
C ALA A 34 -3.93 -6.30 4.67
N PRO A 35 -4.79 -5.31 4.90
CA PRO A 35 -5.72 -4.81 3.87
C PRO A 35 -4.99 -4.06 2.75
N LEU A 36 -5.52 -4.16 1.54
CA LEU A 36 -4.93 -3.50 0.39
C LEU A 36 -4.30 -2.16 0.79
N GLU A 37 -5.06 -1.37 1.55
CA GLU A 37 -4.57 -0.07 2.00
C GLU A 37 -3.12 -0.15 2.43
N GLU A 38 -2.82 -1.08 3.33
CA GLU A 38 -1.46 -1.26 3.83
C GLU A 38 -0.44 -1.00 2.72
N ALA A 39 -0.61 -1.68 1.60
CA ALA A 39 0.29 -1.53 0.47
C ALA A 39 0.35 -0.07 0.01
N ARG A 40 -0.82 0.56 -0.10
CA ARG A 40 -0.90 1.95 -0.53
C ARG A 40 -0.04 2.85 0.36
N GLN A 41 -0.08 2.60 1.66
CA GLN A 41 0.70 3.38 2.62
C GLN A 41 2.18 3.27 2.32
N PHE A 42 2.69 2.04 2.28
CA PHE A 42 4.10 1.81 2.01
C PHE A 42 4.55 2.54 0.75
N ALA A 43 3.93 2.20 -0.37
CA ALA A 43 4.27 2.83 -1.65
C ALA A 43 4.32 4.34 -1.51
N ALA A 44 3.35 4.91 -0.81
CA ALA A 44 3.29 6.35 -0.60
C ALA A 44 4.56 6.86 0.08
N GLN A 45 5.07 6.08 1.03
CA GLN A 45 6.28 6.45 1.76
C GLN A 45 7.53 6.20 0.91
N THR A 46 7.48 5.14 0.10
CA THR A 46 8.61 4.79 -0.76
C THR A 46 8.93 5.92 -1.73
N VAL A 47 7.89 6.49 -2.33
CA VAL A 47 8.06 7.58 -3.28
C VAL A 47 7.79 8.94 -2.61
N GLY A 48 6.94 8.94 -1.61
CA GLY A 48 6.63 10.17 -0.90
C GLY A 48 5.98 11.20 -1.81
N ASN A 49 6.18 12.47 -1.48
CA ASN A 49 5.61 13.56 -2.28
C ASN A 49 6.03 13.44 -3.74
N THR A 50 7.16 12.79 -3.98
CA THR A 50 7.66 12.60 -5.34
C THR A 50 6.52 12.47 -6.33
N TYR A 51 5.51 11.70 -5.97
CA TYR A 51 4.35 11.48 -6.84
C TYR A 51 3.15 12.28 -6.34
N GLY A 52 3.04 12.40 -5.02
CA GLY A 52 1.92 13.13 -4.43
C GLY A 52 0.74 12.24 -4.13
N ASN A 53 -0.42 12.58 -4.70
CA ASN A 53 -1.64 11.81 -4.49
C ASN A 53 -1.86 10.82 -5.64
N PHE A 54 -1.20 9.67 -5.54
CA PHE A 54 -1.33 8.64 -6.58
C PHE A 54 -2.33 7.57 -6.16
N SER A 55 -2.71 6.73 -7.11
CA SER A 55 -3.68 5.66 -6.84
C SER A 55 -3.08 4.30 -7.18
N LEU A 56 -3.86 3.25 -6.96
CA LEU A 56 -3.42 1.89 -7.24
C LEU A 56 -4.45 1.15 -8.09
N ALA A 57 -3.97 0.43 -9.10
CA ALA A 57 -4.84 -0.33 -9.99
C ALA A 57 -4.19 -1.64 -10.40
N THR A 58 -5.00 -2.54 -10.95
CA THR A 58 -4.50 -3.84 -11.40
C THR A 58 -3.77 -3.73 -12.73
N MET A 59 -3.28 -4.86 -13.22
CA MET A 59 -2.56 -4.88 -14.49
C MET A 59 -3.34 -5.65 -15.55
N PHE A 60 -3.80 -6.85 -15.17
CA PHE A 60 -4.58 -7.69 -16.09
C PHE A 60 -5.98 -7.13 -16.28
N PRO A 61 -6.79 -7.20 -15.22
CA PRO A 61 -8.18 -6.71 -15.25
C PRO A 61 -8.25 -5.19 -15.34
N ARG A 62 -7.10 -4.53 -15.19
CA ARG A 62 -7.04 -3.08 -15.25
C ARG A 62 -8.32 -2.46 -14.70
N ARG A 63 -8.67 -2.82 -13.47
CA ARG A 63 -9.87 -2.30 -12.83
C ARG A 63 -9.51 -1.47 -11.59
N GLU A 64 -9.84 -0.19 -11.63
CA GLU A 64 -9.55 0.70 -10.52
C GLU A 64 -10.24 0.23 -9.24
N PHE A 65 -9.45 -0.16 -8.26
CA PHE A 65 -9.97 -0.64 -6.99
C PHE A 65 -11.03 0.32 -6.44
N THR A 66 -11.72 -0.11 -5.39
CA THR A 66 -12.75 0.71 -4.77
C THR A 66 -12.49 0.88 -3.28
N ARG A 67 -12.92 2.03 -2.74
CA ARG A 67 -12.73 2.32 -1.32
C ARG A 67 -12.99 1.07 -0.47
N GLU A 68 -14.00 0.29 -0.85
CA GLU A 68 -14.35 -0.91 -0.12
C GLU A 68 -13.22 -1.93 -0.18
N ASP A 69 -12.59 -2.04 -1.35
CA ASP A 69 -11.49 -2.97 -1.54
C ASP A 69 -10.38 -2.72 -0.52
N TYR A 70 -10.13 -1.45 -0.23
CA TYR A 70 -9.09 -1.07 0.72
C TYR A 70 -9.44 -1.56 2.13
N LYS A 71 -10.73 -1.72 2.38
CA LYS A 71 -11.22 -2.17 3.68
C LYS A 71 -11.07 -3.69 3.81
N ARG A 72 -11.15 -4.39 2.68
CA ARG A 72 -11.02 -5.84 2.69
C ARG A 72 -9.55 -6.26 2.79
N ARG A 73 -9.33 -7.50 3.19
CA ARG A 73 -7.98 -8.03 3.33
C ARG A 73 -7.39 -8.38 1.97
N LEU A 74 -6.05 -8.35 1.89
CA LEU A 74 -5.36 -8.67 0.65
C LEU A 74 -5.75 -10.06 0.14
N LEU A 75 -5.47 -11.08 0.94
CA LEU A 75 -5.80 -12.45 0.57
C LEU A 75 -7.24 -12.55 0.07
N ASP A 76 -8.13 -11.78 0.66
CA ASP A 76 -9.53 -11.77 0.27
C ASP A 76 -9.69 -11.26 -1.16
N LEU A 77 -8.83 -10.34 -1.55
CA LEU A 77 -8.88 -9.76 -2.89
C LEU A 77 -8.06 -10.59 -3.87
N GLU A 78 -7.73 -11.82 -3.47
CA GLU A 78 -6.94 -12.72 -4.31
C GLU A 78 -5.53 -12.18 -4.50
N LEU A 79 -5.01 -11.52 -3.47
CA LEU A 79 -3.67 -10.96 -3.53
C LEU A 79 -2.77 -11.59 -2.47
N ALA A 80 -3.14 -12.79 -2.03
CA ALA A 80 -2.37 -13.50 -1.01
C ALA A 80 -0.99 -13.89 -1.55
N PRO A 81 -0.98 -14.69 -2.63
CA PRO A 81 0.26 -15.15 -3.27
C PRO A 81 1.00 -14.02 -3.98
N SER A 82 0.69 -13.84 -5.26
CA SER A 82 1.34 -12.80 -6.05
C SER A 82 0.31 -11.75 -6.50
N ALA A 83 0.72 -10.48 -6.47
CA ALA A 83 -0.15 -9.39 -6.87
C ALA A 83 0.64 -8.26 -7.52
N SER A 84 -0.03 -7.50 -8.38
CA SER A 84 0.62 -6.39 -9.08
C SER A 84 -0.29 -5.16 -9.09
N VAL A 85 0.18 -4.07 -8.47
CA VAL A 85 -0.58 -2.83 -8.42
C VAL A 85 0.17 -1.69 -9.10
N VAL A 86 -0.40 -1.18 -10.18
CA VAL A 86 0.22 -0.09 -10.93
C VAL A 86 0.01 1.24 -10.21
N LEU A 87 1.12 1.96 -10.01
CA LEU A 87 1.06 3.26 -9.34
C LEU A 87 0.69 4.37 -10.32
N LEU A 88 -0.39 5.07 -10.04
CA LEU A 88 -0.85 6.16 -10.89
C LEU A 88 -0.69 7.50 -10.18
N PRO A 89 0.32 8.28 -10.61
CA PRO A 89 0.59 9.59 -10.04
C PRO A 89 -0.47 10.62 -10.40
N ALA A 90 -0.73 11.56 -9.48
CA ALA A 90 -1.72 12.59 -9.71
C ALA A 90 -1.10 13.81 -10.37
N GLY A 91 -0.90 13.72 -11.68
CA GLY A 91 -0.31 14.83 -12.43
C GLY A 91 -1.33 15.88 -12.81
N ARG A 92 -1.37 16.22 -14.09
CA ARG A 92 -2.30 17.23 -14.59
C ARG A 92 -3.44 16.56 -15.38
N PRO A 93 -4.53 16.24 -14.68
CA PRO A 93 -5.69 15.60 -15.29
C PRO A 93 -6.46 16.54 -16.22
N ALA A 94 -7.20 15.96 -17.16
CA ALA A 94 -7.97 16.75 -18.11
C ALA A 94 -9.21 17.36 -17.45
N THR A 95 -9.79 16.61 -16.52
CA THR A 95 -10.99 17.07 -15.80
C THR A 95 -11.08 16.43 -14.42
N SER A 96 -11.77 17.11 -13.52
CA SER A 96 -11.94 16.61 -12.15
C SER A 96 -12.98 15.50 -12.12
N ILE A 97 -12.75 14.52 -11.25
CA ILE A 97 -13.67 13.39 -11.11
C ILE A 97 -15.09 13.87 -10.85
N VAL A 98 -16.01 13.47 -11.71
CA VAL A 98 -17.41 13.86 -11.57
C VAL A 98 -18.31 12.64 -11.40
N HIS A 99 -19.54 12.87 -11.00
CA HIS A 99 -20.51 11.79 -10.81
C HIS A 99 -21.93 12.28 -11.07
N SER A 100 -22.59 11.66 -12.04
CA SER A 100 -23.95 12.02 -12.40
C SER A 100 -24.52 11.07 -13.45
N SER A 101 -25.79 11.27 -13.80
CA SER A 101 -26.44 10.43 -14.80
C SER A 101 -26.81 11.24 -16.03
N SER A 102 -25.84 11.43 -16.92
CA SER A 102 -26.07 12.20 -18.14
C SER A 102 -26.19 11.27 -19.34
N GLY A 103 -25.20 10.39 -19.51
CA GLY A 103 -25.21 9.46 -20.62
C GLY A 103 -24.43 9.97 -21.81
N ASP A 104 -25.14 10.41 -22.85
CA ASP A 104 -24.51 10.93 -24.05
C ASP A 104 -25.55 11.47 -25.02
N ILE A 105 -25.08 12.16 -26.06
CA ILE A 105 -25.97 12.72 -27.07
C ILE A 105 -26.08 11.81 -28.29
N LEU A 106 -27.27 11.78 -28.89
CA LEU A 106 -27.49 10.96 -30.07
C LEU A 106 -28.23 11.75 -31.15
N MET A 107 -28.10 11.29 -32.40
CA MET A 107 -28.75 11.95 -33.52
C MET A 107 -28.13 13.33 -33.76
N ILE A 108 -26.80 13.39 -33.77
CA ILE A 108 -26.10 14.64 -34.00
C ILE A 108 -26.23 15.09 -35.45
N ASP A 109 -26.26 16.40 -35.66
CA ASP A 109 -26.38 16.96 -37.00
C ASP A 109 -25.17 16.58 -37.85
N GLY A 1 5.19 7.14 11.18
CA GLY A 1 5.86 7.03 12.46
C GLY A 1 5.55 5.73 13.19
N SER A 2 5.23 5.84 14.47
CA SER A 2 4.91 4.65 15.27
C SER A 2 3.42 4.37 15.25
N SER A 3 3.06 3.21 14.68
CA SER A 3 1.67 2.82 14.58
C SER A 3 1.34 1.70 15.58
N GLY A 4 2.08 0.60 15.47
CA GLY A 4 1.86 -0.53 16.36
C GLY A 4 0.94 -1.57 15.76
N SER A 5 1.22 -1.96 14.51
CA SER A 5 0.40 -2.96 13.83
C SER A 5 -0.09 -4.03 14.80
N SER A 6 -1.38 -4.35 14.71
CA SER A 6 -1.97 -5.35 15.58
C SER A 6 -2.36 -6.59 14.80
N GLY A 7 -1.70 -7.71 15.11
CA GLY A 7 -1.99 -8.95 14.42
C GLY A 7 -1.06 -9.20 13.25
N ARG A 8 0.20 -9.51 13.55
CA ARG A 8 1.19 -9.76 12.51
C ARG A 8 1.39 -11.26 12.30
N ASP A 9 0.81 -11.79 11.24
CA ASP A 9 0.93 -13.22 10.93
C ASP A 9 2.04 -13.46 9.93
N ARG A 10 3.19 -13.93 10.43
CA ARG A 10 4.34 -14.20 9.56
C ARG A 10 4.08 -15.44 8.70
N SER A 11 3.54 -16.48 9.31
CA SER A 11 3.25 -17.72 8.60
C SER A 11 2.81 -17.44 7.17
N THR A 12 1.94 -16.44 7.01
CA THR A 12 1.43 -16.07 5.69
C THR A 12 2.06 -14.77 5.22
N ILE A 13 2.22 -14.64 3.91
CA ILE A 13 2.80 -13.43 3.33
C ILE A 13 2.12 -13.07 2.02
N ALA A 14 2.20 -11.80 1.64
CA ALA A 14 1.60 -11.32 0.41
C ALA A 14 2.63 -10.64 -0.49
N ARG A 15 2.78 -11.15 -1.70
CA ARG A 15 3.74 -10.59 -2.66
C ARG A 15 3.10 -9.49 -3.49
N ILE A 16 3.18 -8.25 -2.99
CA ILE A 16 2.61 -7.11 -3.69
C ILE A 16 3.68 -6.36 -4.46
N GLN A 17 3.54 -6.33 -5.79
CA GLN A 17 4.50 -5.64 -6.64
C GLN A 17 4.00 -4.24 -6.99
N PHE A 18 4.85 -3.24 -6.78
CA PHE A 18 4.50 -1.86 -7.07
C PHE A 18 5.19 -1.37 -8.33
N ARG A 19 4.41 -1.09 -9.37
CA ARG A 19 4.95 -0.63 -10.64
C ARG A 19 4.85 0.89 -10.74
N LEU A 20 5.92 1.52 -11.23
CA LEU A 20 5.95 2.97 -11.37
C LEU A 20 5.94 3.37 -12.85
N PRO A 21 5.45 4.58 -13.13
CA PRO A 21 5.38 5.10 -14.50
C PRO A 21 6.76 5.42 -15.08
N ASP A 22 7.73 5.61 -14.20
CA ASP A 22 9.09 5.91 -14.61
C ASP A 22 9.74 4.71 -15.27
N GLY A 23 9.65 3.55 -14.62
CA GLY A 23 10.24 2.35 -15.16
C GLY A 23 10.59 1.33 -14.07
N SER A 24 11.17 1.82 -12.99
CA SER A 24 11.57 0.95 -11.88
C SER A 24 10.34 0.51 -11.09
N SER A 25 10.51 -0.55 -10.29
CA SER A 25 9.41 -1.08 -9.48
C SER A 25 9.95 -1.71 -8.20
N PHE A 26 9.14 -1.66 -7.15
CA PHE A 26 9.54 -2.23 -5.86
C PHE A 26 8.43 -3.13 -5.31
N THR A 27 8.83 -4.30 -4.81
CA THR A 27 7.88 -5.26 -4.25
C THR A 27 8.11 -5.46 -2.77
N ASN A 28 7.18 -4.96 -1.96
CA ASN A 28 7.28 -5.08 -0.51
C ASN A 28 6.71 -6.42 -0.03
N GLN A 29 6.66 -6.59 1.28
CA GLN A 29 6.13 -7.82 1.86
C GLN A 29 5.14 -7.52 2.99
N PHE A 30 3.88 -7.89 2.77
CA PHE A 30 2.84 -7.66 3.77
C PHE A 30 2.11 -8.95 4.10
N PRO A 31 1.56 -9.03 5.33
CA PRO A 31 0.84 -10.21 5.80
C PRO A 31 -0.50 -10.38 5.10
N SER A 32 -0.79 -11.61 4.68
CA SER A 32 -2.04 -11.91 3.99
C SER A 32 -3.17 -11.06 4.52
N ASP A 33 -3.19 -10.86 5.84
CA ASP A 33 -4.23 -10.06 6.47
C ASP A 33 -4.14 -8.59 6.04
N ALA A 34 -2.92 -8.05 6.04
CA ALA A 34 -2.70 -6.67 5.65
C ALA A 34 -3.65 -6.26 4.54
N PRO A 35 -4.51 -5.27 4.83
CA PRO A 35 -5.49 -4.76 3.87
C PRO A 35 -4.84 -4.00 2.72
N LEU A 36 -5.43 -4.10 1.53
CA LEU A 36 -4.89 -3.42 0.36
C LEU A 36 -4.27 -2.08 0.74
N GLU A 37 -4.93 -1.35 1.63
CA GLU A 37 -4.44 -0.06 2.08
C GLU A 37 -2.95 -0.13 2.43
N GLU A 38 -2.59 -1.11 3.25
CA GLU A 38 -1.20 -1.28 3.65
C GLU A 38 -0.26 -1.09 2.47
N ALA A 39 -0.66 -1.59 1.32
CA ALA A 39 0.14 -1.47 0.11
C ALA A 39 0.23 -0.02 -0.36
N ARG A 40 -0.85 0.72 -0.16
CA ARG A 40 -0.91 2.13 -0.55
C ARG A 40 -0.06 2.99 0.38
N GLN A 41 -0.28 2.84 1.68
CA GLN A 41 0.47 3.60 2.68
C GLN A 41 1.97 3.43 2.49
N PHE A 42 2.40 2.18 2.35
CA PHE A 42 3.82 1.87 2.17
C PHE A 42 4.38 2.64 0.98
N ALA A 43 3.86 2.36 -0.21
CA ALA A 43 4.32 3.04 -1.42
C ALA A 43 4.44 4.54 -1.20
N ALA A 44 3.45 5.12 -0.54
CA ALA A 44 3.45 6.56 -0.26
C ALA A 44 4.68 6.96 0.53
N GLN A 45 5.16 6.07 1.38
CA GLN A 45 6.34 6.34 2.19
C GLN A 45 7.61 6.29 1.34
N THR A 46 7.63 5.38 0.38
CA THR A 46 8.79 5.23 -0.50
C THR A 46 8.87 6.39 -1.49
N VAL A 47 7.82 6.56 -2.28
CA VAL A 47 7.77 7.63 -3.27
C VAL A 47 7.58 8.99 -2.60
N GLY A 48 7.00 8.98 -1.41
CA GLY A 48 6.77 10.22 -0.69
C GLY A 48 5.92 11.19 -1.48
N ASN A 49 6.42 12.42 -1.62
CA ASN A 49 5.70 13.46 -2.36
C ASN A 49 6.30 13.65 -3.75
N THR A 50 6.59 12.54 -4.43
CA THR A 50 7.18 12.59 -5.76
C THR A 50 6.10 12.73 -6.83
N TYR A 51 5.09 11.86 -6.76
CA TYR A 51 3.99 11.89 -7.72
C TYR A 51 2.80 12.65 -7.16
N GLY A 52 2.54 12.47 -5.87
CA GLY A 52 1.43 13.14 -5.23
C GLY A 52 0.35 12.18 -4.78
N ASN A 53 -0.91 12.56 -4.97
CA ASN A 53 -2.03 11.72 -4.58
C ASN A 53 -2.26 10.59 -5.58
N PHE A 54 -1.17 9.94 -5.99
CA PHE A 54 -1.26 8.85 -6.94
C PHE A 54 -2.29 7.81 -6.50
N SER A 55 -2.57 6.84 -7.37
CA SER A 55 -3.53 5.80 -7.08
C SER A 55 -2.98 4.42 -7.43
N LEU A 56 -3.77 3.38 -7.17
CA LEU A 56 -3.35 2.02 -7.47
C LEU A 56 -4.41 1.29 -8.28
N ALA A 57 -3.97 0.35 -9.11
CA ALA A 57 -4.88 -0.42 -9.95
C ALA A 57 -4.27 -1.77 -10.33
N THR A 58 -5.12 -2.68 -10.81
CA THR A 58 -4.66 -4.00 -11.21
C THR A 58 -3.92 -3.96 -12.54
N MET A 59 -3.53 -5.12 -13.04
CA MET A 59 -2.82 -5.22 -14.30
C MET A 59 -3.60 -6.06 -15.31
N PHE A 60 -4.13 -7.19 -14.84
CA PHE A 60 -4.89 -8.09 -15.70
C PHE A 60 -6.29 -7.53 -15.95
N PRO A 61 -7.11 -7.51 -14.89
CA PRO A 61 -8.49 -7.01 -14.97
C PRO A 61 -8.55 -5.50 -15.16
N ARG A 62 -7.40 -4.84 -15.02
CA ARG A 62 -7.32 -3.39 -15.18
C ARG A 62 -8.56 -2.71 -14.62
N ARG A 63 -8.85 -2.98 -13.34
CA ARG A 63 -10.02 -2.40 -12.69
C ARG A 63 -9.58 -1.52 -11.52
N GLU A 64 -9.95 -0.24 -11.58
CA GLU A 64 -9.61 0.71 -10.53
C GLU A 64 -10.23 0.29 -9.19
N PHE A 65 -9.39 -0.16 -8.27
CA PHE A 65 -9.85 -0.59 -6.96
C PHE A 65 -10.85 0.41 -6.38
N THR A 66 -11.67 -0.06 -5.45
CA THR A 66 -12.68 0.78 -4.82
C THR A 66 -12.36 1.01 -3.35
N ARG A 67 -13.08 1.94 -2.72
CA ARG A 67 -12.88 2.26 -1.31
C ARG A 67 -12.99 1.00 -0.46
N GLU A 68 -14.02 0.19 -0.72
CA GLU A 68 -14.24 -1.03 0.03
C GLU A 68 -13.04 -1.97 -0.09
N ASP A 69 -12.52 -2.12 -1.29
CA ASP A 69 -11.37 -2.98 -1.54
C ASP A 69 -10.27 -2.73 -0.50
N TYR A 70 -10.07 -1.46 -0.15
CA TYR A 70 -9.07 -1.10 0.83
C TYR A 70 -9.46 -1.57 2.24
N LYS A 71 -10.77 -1.67 2.46
CA LYS A 71 -11.28 -2.11 3.75
C LYS A 71 -11.13 -3.62 3.91
N ARG A 72 -11.06 -4.32 2.79
CA ARG A 72 -10.91 -5.78 2.80
C ARG A 72 -9.45 -6.18 2.91
N ARG A 73 -9.20 -7.42 3.31
CA ARG A 73 -7.83 -7.92 3.45
C ARG A 73 -7.25 -8.30 2.10
N LEU A 74 -5.94 -8.20 1.98
CA LEU A 74 -5.25 -8.54 0.73
C LEU A 74 -5.68 -9.91 0.22
N LEU A 75 -5.35 -10.95 0.99
CA LEU A 75 -5.71 -12.32 0.62
C LEU A 75 -7.16 -12.39 0.16
N ASP A 76 -7.99 -11.50 0.68
CA ASP A 76 -9.40 -11.47 0.32
C ASP A 76 -9.58 -11.06 -1.15
N LEU A 77 -8.79 -10.09 -1.58
CA LEU A 77 -8.86 -9.60 -2.95
C LEU A 77 -8.03 -10.49 -3.88
N GLU A 78 -7.73 -11.70 -3.44
CA GLU A 78 -6.95 -12.63 -4.23
C GLU A 78 -5.51 -12.12 -4.41
N LEU A 79 -4.99 -11.50 -3.36
CA LEU A 79 -3.62 -10.98 -3.40
C LEU A 79 -2.73 -11.69 -2.39
N ALA A 80 -3.17 -12.86 -1.95
CA ALA A 80 -2.40 -13.65 -1.00
C ALA A 80 -1.07 -14.07 -1.58
N PRO A 81 -1.11 -14.80 -2.71
CA PRO A 81 0.10 -15.28 -3.39
C PRO A 81 0.89 -14.15 -4.05
N SER A 82 0.58 -13.86 -5.30
CA SER A 82 1.25 -12.80 -6.04
C SER A 82 0.27 -11.73 -6.49
N ALA A 83 0.69 -10.48 -6.44
CA ALA A 83 -0.15 -9.37 -6.85
C ALA A 83 0.67 -8.25 -7.48
N SER A 84 0.09 -7.59 -8.48
CA SER A 84 0.78 -6.51 -9.18
C SER A 84 -0.11 -5.27 -9.26
N VAL A 85 0.16 -4.30 -8.38
CA VAL A 85 -0.60 -3.07 -8.35
C VAL A 85 0.15 -1.94 -9.06
N VAL A 86 -0.44 -1.45 -10.16
CA VAL A 86 0.17 -0.38 -10.93
C VAL A 86 -0.11 0.97 -10.28
N LEU A 87 0.94 1.76 -10.09
CA LEU A 87 0.82 3.08 -9.48
C LEU A 87 0.47 4.13 -10.54
N LEU A 88 -0.68 4.77 -10.37
CA LEU A 88 -1.12 5.81 -11.30
C LEU A 88 -0.89 7.20 -10.73
N PRO A 89 0.04 7.95 -11.35
CA PRO A 89 0.37 9.31 -10.92
C PRO A 89 -0.76 10.30 -11.21
N ALA A 90 -0.91 11.28 -10.32
CA ALA A 90 -1.95 12.29 -10.48
C ALA A 90 -1.39 13.54 -11.17
N GLY A 91 -0.23 13.99 -10.72
CA GLY A 91 0.39 15.17 -11.30
C GLY A 91 0.31 16.37 -10.38
N ARG A 92 1.17 16.40 -9.36
CA ARG A 92 1.18 17.50 -8.41
C ARG A 92 -0.23 18.02 -8.16
N PRO A 93 -1.13 17.12 -7.76
CA PRO A 93 -2.53 17.47 -7.47
C PRO A 93 -2.67 18.31 -6.21
N ALA A 94 -3.86 18.87 -6.00
CA ALA A 94 -4.12 19.70 -4.83
C ALA A 94 -4.74 18.88 -3.72
N THR A 95 -4.04 18.78 -2.59
CA THR A 95 -4.53 18.02 -1.45
C THR A 95 -4.16 18.71 -0.13
N SER A 96 -5.10 18.71 0.80
CA SER A 96 -4.88 19.33 2.10
C SER A 96 -3.91 18.52 2.94
N ILE A 97 -3.16 19.20 3.80
CA ILE A 97 -2.19 18.54 4.66
C ILE A 97 -2.88 17.81 5.80
N VAL A 98 -2.11 17.03 6.56
CA VAL A 98 -2.65 16.28 7.69
C VAL A 98 -1.64 16.22 8.84
N HIS A 99 -2.14 16.34 10.06
CA HIS A 99 -1.29 16.28 11.24
C HIS A 99 -2.10 15.91 12.48
N SER A 100 -1.51 15.07 13.33
CA SER A 100 -2.18 14.63 14.55
C SER A 100 -1.34 14.97 15.78
N SER A 101 -2.02 15.24 16.89
CA SER A 101 -1.35 15.58 18.14
C SER A 101 -1.16 14.35 19.01
N SER A 102 -0.78 13.24 18.39
CA SER A 102 -0.56 11.99 19.11
C SER A 102 0.08 10.94 18.21
N GLY A 103 0.89 10.08 18.81
CA GLY A 103 1.56 9.03 18.04
C GLY A 103 2.76 8.47 18.77
N ASP A 104 2.55 7.98 19.98
CA ASP A 104 3.63 7.41 20.78
C ASP A 104 3.08 6.39 21.78
N ILE A 105 3.55 5.15 21.68
CA ILE A 105 3.11 4.09 22.58
C ILE A 105 4.11 3.87 23.70
N LEU A 106 3.61 3.64 24.90
CA LEU A 106 4.46 3.40 26.07
C LEU A 106 3.91 2.29 26.94
N MET A 107 4.56 1.14 26.92
CA MET A 107 4.13 -0.01 27.71
C MET A 107 5.32 -0.87 28.12
N ILE A 108 5.31 -1.32 29.37
CA ILE A 108 6.39 -2.15 29.88
C ILE A 108 5.85 -3.38 30.62
N ASP A 109 6.40 -4.54 30.32
CA ASP A 109 5.97 -5.78 30.95
C ASP A 109 5.98 -5.64 32.47
N GLY A 1 -9.05 8.12 7.09
CA GLY A 1 -8.16 6.97 7.21
C GLY A 1 -7.81 6.67 8.65
N SER A 2 -8.83 6.42 9.47
CA SER A 2 -8.63 6.12 10.88
C SER A 2 -8.68 4.61 11.13
N SER A 3 -7.57 4.07 11.64
CA SER A 3 -7.48 2.64 11.92
C SER A 3 -6.54 2.36 13.08
N GLY A 4 -6.73 1.23 13.73
CA GLY A 4 -5.89 0.86 14.86
C GLY A 4 -5.22 -0.48 14.68
N SER A 5 -4.72 -0.73 13.48
CA SER A 5 -4.06 -1.99 13.17
C SER A 5 -2.57 -1.92 13.49
N SER A 6 -2.14 -2.67 14.50
CA SER A 6 -0.74 -2.69 14.91
C SER A 6 -0.22 -4.12 15.03
N GLY A 7 0.21 -4.68 13.91
CA GLY A 7 0.72 -6.05 13.91
C GLY A 7 0.87 -6.61 12.51
N ARG A 8 2.05 -6.45 11.94
CA ARG A 8 2.33 -6.95 10.59
C ARG A 8 3.30 -8.12 10.64
N ASP A 9 3.25 -8.88 11.73
CA ASP A 9 4.13 -10.03 11.88
C ASP A 9 3.31 -11.32 11.99
N ARG A 10 3.33 -12.11 10.92
CA ARG A 10 2.59 -13.37 10.88
C ARG A 10 3.23 -14.35 9.90
N SER A 11 2.91 -15.62 10.07
CA SER A 11 3.46 -16.66 9.19
C SER A 11 3.12 -16.38 7.73
N THR A 12 1.84 -16.11 7.47
CA THR A 12 1.39 -15.82 6.11
C THR A 12 2.08 -14.59 5.54
N ILE A 13 2.24 -14.56 4.23
CA ILE A 13 2.88 -13.44 3.56
C ILE A 13 2.22 -13.13 2.23
N ALA A 14 2.36 -11.89 1.77
CA ALA A 14 1.77 -11.47 0.50
C ALA A 14 2.80 -10.77 -0.36
N ARG A 15 2.81 -11.09 -1.66
CA ARG A 15 3.74 -10.49 -2.60
C ARG A 15 3.05 -9.40 -3.42
N ILE A 16 3.28 -8.15 -3.05
CA ILE A 16 2.68 -7.02 -3.75
C ILE A 16 3.73 -6.27 -4.56
N GLN A 17 3.53 -6.21 -5.88
CA GLN A 17 4.45 -5.51 -6.76
C GLN A 17 3.95 -4.10 -7.08
N PHE A 18 4.85 -3.12 -6.94
CA PHE A 18 4.50 -1.73 -7.21
C PHE A 18 5.24 -1.21 -8.44
N ARG A 19 4.50 -0.97 -9.52
CA ARG A 19 5.08 -0.46 -10.75
C ARG A 19 4.99 1.05 -10.82
N LEU A 20 6.11 1.69 -11.16
CA LEU A 20 6.16 3.15 -11.25
C LEU A 20 6.05 3.59 -12.71
N PRO A 21 5.55 4.82 -12.91
CA PRO A 21 5.39 5.40 -14.25
C PRO A 21 6.73 5.72 -14.91
N ASP A 22 7.81 5.54 -14.16
CA ASP A 22 9.15 5.81 -14.68
C ASP A 22 9.75 4.56 -15.31
N GLY A 23 9.81 3.48 -14.53
CA GLY A 23 10.37 2.24 -15.02
C GLY A 23 10.71 1.27 -13.91
N SER A 24 11.29 1.78 -12.82
CA SER A 24 11.68 0.96 -11.69
C SER A 24 10.43 0.46 -10.95
N SER A 25 10.65 -0.50 -10.05
CA SER A 25 9.55 -1.07 -9.28
C SER A 25 10.07 -1.73 -7.99
N PHE A 26 9.24 -1.71 -6.96
CA PHE A 26 9.62 -2.30 -5.67
C PHE A 26 8.51 -3.22 -5.15
N THR A 27 8.90 -4.39 -4.68
CA THR A 27 7.95 -5.36 -4.15
C THR A 27 8.19 -5.61 -2.67
N ASN A 28 7.30 -5.09 -1.82
CA ASN A 28 7.42 -5.27 -0.38
C ASN A 28 6.74 -6.55 0.07
N GLN A 29 6.80 -6.82 1.37
CA GLN A 29 6.18 -8.02 1.92
C GLN A 29 5.15 -7.66 2.99
N PHE A 30 3.90 -8.03 2.74
CA PHE A 30 2.81 -7.75 3.67
C PHE A 30 2.05 -9.02 4.01
N PRO A 31 1.44 -9.04 5.21
CA PRO A 31 0.67 -10.19 5.68
C PRO A 31 -0.63 -10.37 4.92
N SER A 32 -0.85 -11.56 4.39
CA SER A 32 -2.05 -11.87 3.63
C SER A 32 -3.27 -11.16 4.23
N ASP A 33 -3.23 -10.94 5.55
CA ASP A 33 -4.32 -10.27 6.24
C ASP A 33 -4.31 -8.78 5.95
N ALA A 34 -3.12 -8.17 6.01
CA ALA A 34 -2.98 -6.74 5.75
C ALA A 34 -3.89 -6.30 4.61
N PRO A 35 -4.73 -5.28 4.88
CA PRO A 35 -5.66 -4.75 3.89
C PRO A 35 -4.95 -3.99 2.77
N LEU A 36 -5.48 -4.10 1.55
CA LEU A 36 -4.88 -3.43 0.41
C LEU A 36 -4.29 -2.07 0.81
N GLU A 37 -5.02 -1.33 1.63
CA GLU A 37 -4.57 -0.03 2.09
C GLU A 37 -3.09 -0.08 2.47
N GLU A 38 -2.74 -0.99 3.38
CA GLU A 38 -1.37 -1.15 3.83
C GLU A 38 -0.39 -0.86 2.70
N ALA A 39 -0.62 -1.47 1.54
CA ALA A 39 0.23 -1.28 0.39
C ALA A 39 0.27 0.18 -0.04
N ARG A 40 -0.90 0.82 -0.09
CA ARG A 40 -0.99 2.21 -0.48
C ARG A 40 -0.10 3.09 0.40
N GLN A 41 -0.09 2.79 1.70
CA GLN A 41 0.71 3.56 2.64
C GLN A 41 2.20 3.33 2.39
N PHE A 42 2.59 2.07 2.20
CA PHE A 42 3.98 1.72 1.94
C PHE A 42 4.50 2.46 0.71
N ALA A 43 3.82 2.27 -0.41
CA ALA A 43 4.22 2.90 -1.66
C ALA A 43 4.39 4.42 -1.47
N ALA A 44 3.50 5.01 -0.69
CA ALA A 44 3.55 6.44 -0.43
C ALA A 44 4.83 6.82 0.31
N GLN A 45 5.27 5.93 1.20
CA GLN A 45 6.48 6.17 1.98
C GLN A 45 7.71 6.23 1.08
N THR A 46 7.63 5.56 -0.06
CA THR A 46 8.74 5.53 -1.01
C THR A 46 8.58 6.61 -2.08
N VAL A 47 7.35 6.78 -2.56
CA VAL A 47 7.07 7.78 -3.58
C VAL A 47 6.34 8.98 -2.99
N GLY A 48 6.59 9.24 -1.70
CA GLY A 48 5.95 10.36 -1.03
C GLY A 48 6.33 11.69 -1.63
N ASN A 49 5.41 12.65 -1.59
CA ASN A 49 5.67 13.98 -2.15
C ASN A 49 6.45 13.88 -3.45
N THR A 50 6.14 12.88 -4.25
CA THR A 50 6.82 12.68 -5.53
C THR A 50 5.85 12.83 -6.69
N TYR A 51 4.77 12.04 -6.66
CA TYR A 51 3.77 12.08 -7.72
C TYR A 51 2.53 12.86 -7.27
N GLY A 52 2.19 12.71 -6.00
CA GLY A 52 1.03 13.40 -5.46
C GLY A 52 -0.03 12.44 -4.97
N ASN A 53 -1.29 12.75 -5.25
CA ASN A 53 -2.41 11.92 -4.83
C ASN A 53 -2.56 10.71 -5.76
N PHE A 54 -1.45 10.05 -6.06
CA PHE A 54 -1.47 8.89 -6.94
C PHE A 54 -2.39 7.81 -6.39
N SER A 55 -2.75 6.86 -7.25
CA SER A 55 -3.64 5.77 -6.85
C SER A 55 -3.08 4.41 -7.30
N LEU A 56 -3.75 3.35 -6.89
CA LEU A 56 -3.32 1.99 -7.25
C LEU A 56 -4.38 1.29 -8.09
N ALA A 57 -3.94 0.42 -8.98
CA ALA A 57 -4.86 -0.33 -9.83
C ALA A 57 -4.24 -1.65 -10.28
N THR A 58 -5.09 -2.56 -10.77
CA THR A 58 -4.63 -3.87 -11.22
C THR A 58 -3.89 -3.76 -12.55
N MET A 59 -3.49 -4.91 -13.09
CA MET A 59 -2.77 -4.94 -14.36
C MET A 59 -3.54 -5.75 -15.40
N PHE A 60 -4.04 -6.90 -14.98
CA PHE A 60 -4.79 -7.78 -15.87
C PHE A 60 -6.21 -7.24 -16.11
N PRO A 61 -7.02 -7.26 -15.05
CA PRO A 61 -8.40 -6.76 -15.10
C PRO A 61 -8.48 -5.25 -15.26
N ARG A 62 -7.34 -4.59 -15.10
CA ARG A 62 -7.28 -3.14 -15.22
C ARG A 62 -8.53 -2.49 -14.63
N ARG A 63 -8.81 -2.82 -13.37
CA ARG A 63 -9.98 -2.26 -12.69
C ARG A 63 -9.56 -1.43 -11.49
N GLU A 64 -9.97 -0.16 -11.48
CA GLU A 64 -9.63 0.75 -10.38
C GLU A 64 -10.25 0.27 -9.07
N PHE A 65 -9.40 -0.16 -8.15
CA PHE A 65 -9.85 -0.64 -6.85
C PHE A 65 -10.95 0.25 -6.29
N THR A 66 -11.78 -0.32 -5.42
CA THR A 66 -12.88 0.43 -4.82
C THR A 66 -12.59 0.73 -3.34
N ARG A 67 -13.27 1.74 -2.81
CA ARG A 67 -13.08 2.13 -1.42
C ARG A 67 -13.19 0.92 -0.49
N GLU A 68 -14.11 0.03 -0.81
CA GLU A 68 -14.31 -1.18 -0.01
C GLU A 68 -13.10 -2.10 -0.09
N ASP A 69 -12.59 -2.27 -1.31
CA ASP A 69 -11.43 -3.14 -1.53
C ASP A 69 -10.32 -2.84 -0.53
N TYR A 70 -10.13 -1.55 -0.24
CA TYR A 70 -9.10 -1.13 0.70
C TYR A 70 -9.44 -1.58 2.12
N LYS A 71 -10.74 -1.72 2.39
CA LYS A 71 -11.21 -2.15 3.71
C LYS A 71 -11.04 -3.66 3.88
N ARG A 72 -11.10 -4.38 2.77
CA ARG A 72 -10.96 -5.83 2.80
C ARG A 72 -9.49 -6.24 2.90
N ARG A 73 -9.25 -7.48 3.32
CA ARG A 73 -7.89 -7.98 3.46
C ARG A 73 -7.31 -8.38 2.11
N LEU A 74 -6.00 -8.21 1.95
CA LEU A 74 -5.32 -8.55 0.71
C LEU A 74 -5.75 -9.92 0.21
N LEU A 75 -5.47 -10.95 1.01
CA LEU A 75 -5.83 -12.31 0.66
C LEU A 75 -7.28 -12.40 0.21
N ASP A 76 -8.09 -11.45 0.68
CA ASP A 76 -9.51 -11.41 0.33
C ASP A 76 -9.69 -11.02 -1.14
N LEU A 77 -8.84 -10.14 -1.62
CA LEU A 77 -8.91 -9.68 -3.00
C LEU A 77 -8.05 -10.55 -3.91
N GLU A 78 -7.74 -11.76 -3.44
CA GLU A 78 -6.93 -12.69 -4.21
C GLU A 78 -5.51 -12.16 -4.38
N LEU A 79 -5.01 -11.47 -3.37
CA LEU A 79 -3.66 -10.91 -3.41
C LEU A 79 -2.76 -11.60 -2.41
N ALA A 80 -3.17 -12.78 -1.95
CA ALA A 80 -2.39 -13.55 -0.99
C ALA A 80 -1.05 -13.98 -1.58
N PRO A 81 -1.12 -14.73 -2.69
CA PRO A 81 0.08 -15.23 -3.38
C PRO A 81 0.86 -14.11 -4.06
N SER A 82 0.54 -13.85 -5.32
CA SER A 82 1.21 -12.81 -6.09
C SER A 82 0.23 -11.72 -6.52
N ALA A 83 0.67 -10.48 -6.49
CA ALA A 83 -0.16 -9.35 -6.88
C ALA A 83 0.67 -8.25 -7.54
N SER A 84 0.06 -7.54 -8.47
CA SER A 84 0.74 -6.46 -9.19
C SER A 84 -0.13 -5.21 -9.25
N VAL A 85 0.16 -4.24 -8.39
CA VAL A 85 -0.60 -3.00 -8.35
C VAL A 85 0.17 -1.86 -9.02
N VAL A 86 -0.40 -1.34 -10.11
CA VAL A 86 0.22 -0.26 -10.85
C VAL A 86 -0.01 1.08 -10.16
N LEU A 87 1.02 1.92 -10.16
CA LEU A 87 0.92 3.24 -9.54
C LEU A 87 0.50 4.30 -10.56
N LEU A 88 -0.61 4.97 -10.28
CA LEU A 88 -1.12 6.01 -11.16
C LEU A 88 -0.89 7.40 -10.57
N PRO A 89 0.09 8.13 -11.12
CA PRO A 89 0.42 9.48 -10.66
C PRO A 89 -0.65 10.50 -11.01
N ALA A 90 -0.85 11.46 -10.12
CA ALA A 90 -1.85 12.50 -10.33
C ALA A 90 -1.22 13.88 -10.42
N GLY A 91 -0.56 14.15 -11.55
CA GLY A 91 0.09 15.43 -11.74
C GLY A 91 1.27 15.63 -10.81
N ARG A 92 1.55 16.88 -10.45
CA ARG A 92 2.66 17.19 -9.57
C ARG A 92 2.17 17.40 -8.14
N PRO A 93 2.96 16.89 -7.17
CA PRO A 93 2.62 17.01 -5.75
C PRO A 93 2.76 18.44 -5.24
N ALA A 94 3.85 19.09 -5.60
CA ALA A 94 4.09 20.46 -5.18
C ALA A 94 3.67 20.68 -3.74
N THR A 95 3.93 19.69 -2.89
CA THR A 95 3.57 19.76 -1.48
C THR A 95 4.74 20.30 -0.65
N SER A 96 4.42 21.04 0.41
CA SER A 96 5.44 21.61 1.28
C SER A 96 5.96 20.55 2.26
N ILE A 97 7.10 20.84 2.86
CA ILE A 97 7.71 19.93 3.82
C ILE A 97 7.35 20.30 5.25
N VAL A 98 7.15 19.28 6.09
CA VAL A 98 6.80 19.50 7.48
C VAL A 98 8.03 19.91 8.31
N HIS A 99 7.81 20.79 9.28
CA HIS A 99 8.89 21.26 10.14
C HIS A 99 8.67 20.80 11.58
N SER A 100 9.78 20.51 12.27
CA SER A 100 9.70 20.07 13.66
C SER A 100 10.54 20.97 14.57
N SER A 101 9.99 21.28 15.74
CA SER A 101 10.69 22.14 16.70
C SER A 101 10.31 21.78 18.13
N SER A 102 11.31 21.43 18.93
CA SER A 102 11.07 21.07 20.33
C SER A 102 12.37 21.12 21.12
N GLY A 103 12.25 21.01 22.45
CA GLY A 103 13.42 21.05 23.31
C GLY A 103 13.18 21.85 24.58
N ASP A 104 13.46 21.22 25.72
CA ASP A 104 13.27 21.89 27.01
C ASP A 104 14.25 21.33 28.04
N ILE A 105 15.13 22.20 28.52
CA ILE A 105 16.13 21.80 29.52
C ILE A 105 15.71 22.25 30.92
N LEU A 106 15.66 21.31 31.85
CA LEU A 106 15.28 21.61 33.23
C LEU A 106 16.50 21.59 34.14
N MET A 107 16.45 22.40 35.20
CA MET A 107 17.54 22.47 36.16
C MET A 107 17.05 22.90 37.53
N ILE A 108 17.90 22.78 38.53
CA ILE A 108 17.55 23.16 39.90
C ILE A 108 17.36 24.66 40.02
N ASP A 109 16.57 25.07 41.01
CA ASP A 109 16.31 26.49 41.25
C ASP A 109 17.59 27.31 41.12
N GLY A 1 -14.49 2.98 9.32
CA GLY A 1 -14.02 2.77 10.68
C GLY A 1 -12.67 3.42 10.94
N SER A 2 -11.86 2.78 11.78
CA SER A 2 -10.54 3.30 12.09
C SER A 2 -9.63 2.18 12.61
N SER A 3 -8.36 2.52 12.83
CA SER A 3 -7.39 1.55 13.33
C SER A 3 -7.91 0.83 14.57
N GLY A 4 -8.20 -0.46 14.42
CA GLY A 4 -8.72 -1.24 15.53
C GLY A 4 -8.82 -2.71 15.21
N SER A 5 -7.70 -3.30 14.78
CA SER A 5 -7.68 -4.71 14.42
C SER A 5 -6.56 -5.44 15.16
N SER A 6 -6.94 -6.36 16.05
CA SER A 6 -5.97 -7.12 16.83
C SER A 6 -5.90 -8.56 16.35
N GLY A 7 -4.68 -9.05 16.10
CA GLY A 7 -4.51 -10.41 15.65
C GLY A 7 -3.91 -10.49 14.26
N ARG A 8 -2.58 -10.43 14.19
CA ARG A 8 -1.88 -10.48 12.91
C ARG A 8 -1.19 -11.82 12.73
N ASP A 9 -0.72 -12.08 11.51
CA ASP A 9 -0.03 -13.33 11.21
C ASP A 9 1.36 -13.06 10.62
N ARG A 10 2.31 -13.91 10.98
CA ARG A 10 3.69 -13.76 10.49
C ARG A 10 4.03 -14.85 9.49
N SER A 11 3.62 -16.09 9.80
CA SER A 11 3.90 -17.22 8.93
C SER A 11 3.44 -16.93 7.50
N THR A 12 2.23 -16.40 7.37
CA THR A 12 1.66 -16.08 6.07
C THR A 12 2.23 -14.77 5.53
N ILE A 13 2.46 -14.72 4.22
CA ILE A 13 3.00 -13.53 3.59
C ILE A 13 2.33 -13.26 2.25
N ALA A 14 2.39 -12.02 1.80
CA ALA A 14 1.79 -11.64 0.51
C ALA A 14 2.80 -10.93 -0.37
N ARG A 15 2.72 -11.18 -1.68
CA ARG A 15 3.62 -10.57 -2.63
C ARG A 15 2.92 -9.46 -3.41
N ILE A 16 3.24 -8.22 -3.09
CA ILE A 16 2.64 -7.07 -3.75
C ILE A 16 3.70 -6.24 -4.49
N GLN A 17 3.50 -6.07 -5.79
CA GLN A 17 4.44 -5.30 -6.61
C GLN A 17 3.89 -3.90 -6.90
N PHE A 18 4.78 -2.92 -6.91
CA PHE A 18 4.38 -1.54 -7.18
C PHE A 18 5.19 -0.96 -8.33
N ARG A 19 4.52 -0.71 -9.45
CA ARG A 19 5.17 -0.14 -10.62
C ARG A 19 5.08 1.37 -10.63
N LEU A 20 6.09 2.03 -11.21
CA LEU A 20 6.11 3.48 -11.28
C LEU A 20 6.02 3.96 -12.73
N PRO A 21 5.50 5.18 -12.92
CA PRO A 21 5.34 5.78 -14.25
C PRO A 21 6.69 6.15 -14.87
N ASP A 22 7.77 5.85 -14.17
CA ASP A 22 9.11 6.14 -14.66
C ASP A 22 9.73 4.91 -15.31
N GLY A 23 9.61 3.77 -14.65
CA GLY A 23 10.16 2.53 -15.19
C GLY A 23 10.52 1.55 -14.10
N SER A 24 11.09 2.04 -13.00
CA SER A 24 11.47 1.19 -11.89
C SER A 24 10.26 0.77 -11.08
N SER A 25 10.45 -0.23 -10.22
CA SER A 25 9.37 -0.74 -9.38
C SER A 25 9.91 -1.35 -8.09
N PHE A 26 9.02 -1.58 -7.13
CA PHE A 26 9.42 -2.16 -5.85
C PHE A 26 8.32 -3.07 -5.31
N THR A 27 8.71 -4.28 -4.93
CA THR A 27 7.75 -5.26 -4.39
C THR A 27 8.00 -5.50 -2.90
N ASN A 28 7.08 -5.04 -2.07
CA ASN A 28 7.20 -5.21 -0.63
C ASN A 28 6.51 -6.49 -0.18
N GLN A 29 6.67 -6.83 1.10
CA GLN A 29 6.06 -8.04 1.66
C GLN A 29 5.09 -7.69 2.77
N PHE A 30 3.82 -8.07 2.59
CA PHE A 30 2.80 -7.80 3.59
C PHE A 30 2.07 -9.08 3.98
N PRO A 31 1.55 -9.11 5.21
CA PRO A 31 0.82 -10.27 5.74
C PRO A 31 -0.53 -10.47 5.05
N SER A 32 -0.79 -11.70 4.63
CA SER A 32 -2.05 -12.02 3.95
C SER A 32 -3.21 -11.28 4.60
N ASP A 33 -3.07 -10.95 5.87
CA ASP A 33 -4.10 -10.23 6.61
C ASP A 33 -4.06 -8.74 6.30
N ALA A 34 -2.86 -8.19 6.24
CA ALA A 34 -2.69 -6.77 5.96
C ALA A 34 -3.67 -6.29 4.89
N PRO A 35 -4.42 -5.22 5.22
CA PRO A 35 -5.42 -4.65 4.31
C PRO A 35 -4.77 -3.97 3.09
N LEU A 36 -5.43 -4.07 1.95
CA LEU A 36 -4.92 -3.46 0.72
C LEU A 36 -4.28 -2.11 1.01
N GLU A 37 -4.92 -1.33 1.87
CA GLU A 37 -4.41 -0.01 2.23
C GLU A 37 -2.91 -0.06 2.49
N GLU A 38 -2.48 -1.05 3.28
CA GLU A 38 -1.07 -1.21 3.60
C GLU A 38 -0.20 -0.99 2.38
N ALA A 39 -0.65 -1.50 1.23
CA ALA A 39 0.09 -1.36 -0.01
C ALA A 39 0.11 0.10 -0.48
N ARG A 40 -0.98 0.81 -0.22
CA ARG A 40 -1.09 2.21 -0.62
C ARG A 40 -0.22 3.09 0.27
N GLN A 41 -0.31 2.88 1.58
CA GLN A 41 0.48 3.66 2.54
C GLN A 41 1.96 3.43 2.34
N PHE A 42 2.35 2.16 2.16
CA PHE A 42 3.74 1.80 1.97
C PHE A 42 4.33 2.57 0.78
N ALA A 43 3.73 2.40 -0.38
CA ALA A 43 4.20 3.07 -1.59
C ALA A 43 4.39 4.56 -1.35
N ALA A 44 3.56 5.13 -0.49
CA ALA A 44 3.64 6.55 -0.16
C ALA A 44 4.88 6.86 0.66
N GLN A 45 5.30 5.90 1.47
CA GLN A 45 6.48 6.06 2.31
C GLN A 45 7.75 6.12 1.47
N THR A 46 7.68 5.53 0.28
CA THR A 46 8.83 5.51 -0.63
C THR A 46 8.74 6.65 -1.65
N VAL A 47 7.56 6.83 -2.22
CA VAL A 47 7.35 7.88 -3.20
C VAL A 47 6.59 9.06 -2.60
N GLY A 48 6.76 9.26 -1.30
CA GLY A 48 6.10 10.35 -0.61
C GLY A 48 6.42 11.70 -1.23
N ASN A 49 5.38 12.43 -1.63
CA ASN A 49 5.56 13.74 -2.24
C ASN A 49 6.30 13.62 -3.58
N THR A 50 5.92 12.62 -4.36
CA THR A 50 6.54 12.39 -5.67
C THR A 50 5.50 12.48 -6.79
N TYR A 51 4.36 11.84 -6.57
CA TYR A 51 3.29 11.84 -7.56
C TYR A 51 2.01 12.44 -7.00
N GLY A 52 2.16 13.30 -5.99
CA GLY A 52 1.01 13.92 -5.36
C GLY A 52 0.03 12.91 -4.83
N ASN A 53 -1.09 12.75 -5.52
CA ASN A 53 -2.13 11.80 -5.11
C ASN A 53 -2.26 10.67 -6.13
N PHE A 54 -1.29 9.77 -6.13
CA PHE A 54 -1.30 8.64 -7.04
C PHE A 54 -2.33 7.60 -6.62
N SER A 55 -2.64 6.67 -7.52
CA SER A 55 -3.63 5.63 -7.23
C SER A 55 -3.03 4.25 -7.48
N LEU A 56 -3.80 3.22 -7.16
CA LEU A 56 -3.34 1.84 -7.34
C LEU A 56 -4.33 1.05 -8.21
N ALA A 57 -3.81 0.24 -9.11
CA ALA A 57 -4.64 -0.56 -10.00
C ALA A 57 -3.98 -1.90 -10.31
N THR A 58 -4.73 -2.80 -10.93
CA THR A 58 -4.22 -4.11 -11.29
C THR A 58 -3.42 -4.07 -12.59
N MET A 59 -3.00 -5.24 -13.06
CA MET A 59 -2.23 -5.33 -14.30
C MET A 59 -2.91 -6.27 -15.29
N PHE A 60 -3.31 -7.44 -14.81
CA PHE A 60 -3.98 -8.43 -15.66
C PHE A 60 -5.36 -7.94 -16.09
N PRO A 61 -6.29 -7.88 -15.12
CA PRO A 61 -7.66 -7.43 -15.37
C PRO A 61 -7.73 -5.94 -15.68
N ARG A 62 -6.62 -5.24 -15.51
CA ARG A 62 -6.56 -3.81 -15.77
C ARG A 62 -7.80 -3.11 -15.24
N ARG A 63 -8.09 -3.34 -13.96
CA ARG A 63 -9.26 -2.73 -13.32
C ARG A 63 -8.85 -1.90 -12.12
N GLU A 64 -9.62 -0.86 -11.82
CA GLU A 64 -9.34 0.02 -10.69
C GLU A 64 -10.05 -0.47 -9.43
N PHE A 65 -9.36 -0.40 -8.30
CA PHE A 65 -9.92 -0.83 -7.03
C PHE A 65 -10.99 0.15 -6.54
N THR A 66 -11.59 -0.16 -5.40
CA THR A 66 -12.62 0.70 -4.83
C THR A 66 -12.31 1.06 -3.38
N ARG A 67 -13.08 1.98 -2.82
CA ARG A 67 -12.87 2.42 -1.45
C ARG A 67 -13.06 1.26 -0.47
N GLU A 68 -13.99 0.36 -0.81
CA GLU A 68 -14.27 -0.80 0.03
C GLU A 68 -13.16 -1.85 -0.09
N ASP A 69 -12.53 -1.89 -1.26
CA ASP A 69 -11.46 -2.85 -1.52
C ASP A 69 -10.34 -2.70 -0.48
N TYR A 70 -10.23 -1.50 0.08
CA TYR A 70 -9.20 -1.22 1.08
C TYR A 70 -9.64 -1.73 2.46
N LYS A 71 -10.93 -1.99 2.60
CA LYS A 71 -11.47 -2.47 3.87
C LYS A 71 -11.33 -3.99 3.97
N ARG A 72 -11.15 -4.65 2.83
CA ARG A 72 -11.00 -6.10 2.80
C ARG A 72 -9.52 -6.48 2.75
N ARG A 73 -9.14 -7.46 3.57
CA ARG A 73 -7.77 -7.92 3.62
C ARG A 73 -7.26 -8.27 2.22
N LEU A 74 -5.94 -8.28 2.06
CA LEU A 74 -5.32 -8.59 0.78
C LEU A 74 -5.77 -9.97 0.28
N LEU A 75 -5.48 -11.00 1.05
CA LEU A 75 -5.85 -12.36 0.70
C LEU A 75 -7.31 -12.42 0.22
N ASP A 76 -8.11 -11.48 0.68
CA ASP A 76 -9.52 -11.41 0.30
C ASP A 76 -9.66 -11.06 -1.18
N LEU A 77 -8.83 -10.14 -1.65
CA LEU A 77 -8.86 -9.72 -3.04
C LEU A 77 -8.01 -10.64 -3.92
N GLU A 78 -7.73 -11.84 -3.41
CA GLU A 78 -6.94 -12.81 -4.15
C GLU A 78 -5.51 -12.33 -4.32
N LEU A 79 -5.03 -11.56 -3.35
CA LEU A 79 -3.67 -11.02 -3.39
C LEU A 79 -2.77 -11.73 -2.37
N ALA A 80 -3.22 -12.90 -1.91
CA ALA A 80 -2.46 -13.67 -0.94
C ALA A 80 -1.11 -14.09 -1.51
N PRO A 81 -1.15 -14.86 -2.61
CA PRO A 81 0.06 -15.35 -3.28
C PRO A 81 0.84 -14.24 -3.97
N SER A 82 0.53 -13.99 -5.23
CA SER A 82 1.21 -12.95 -6.00
C SER A 82 0.23 -11.85 -6.40
N ALA A 83 0.73 -10.62 -6.49
CA ALA A 83 -0.09 -9.49 -6.86
C ALA A 83 0.77 -8.33 -7.37
N SER A 84 0.25 -7.61 -8.37
CA SER A 84 0.96 -6.49 -8.96
C SER A 84 0.07 -5.27 -9.06
N VAL A 85 0.28 -4.31 -8.16
CA VAL A 85 -0.52 -3.09 -8.16
C VAL A 85 0.25 -1.94 -8.80
N VAL A 86 -0.22 -1.48 -9.96
CA VAL A 86 0.41 -0.39 -10.68
C VAL A 86 0.10 0.95 -10.01
N LEU A 87 1.06 1.86 -10.06
CA LEU A 87 0.89 3.18 -9.46
C LEU A 87 0.58 4.22 -10.54
N LEU A 88 -0.62 4.81 -10.46
CA LEU A 88 -1.03 5.81 -11.42
C LEU A 88 -0.82 7.22 -10.86
N PRO A 89 0.12 7.97 -11.47
CA PRO A 89 0.44 9.33 -11.04
C PRO A 89 -0.68 10.31 -11.37
N ALA A 90 -0.95 11.22 -10.44
CA ALA A 90 -1.98 12.22 -10.63
C ALA A 90 -1.42 13.51 -11.22
N GLY A 91 -0.44 14.08 -10.53
CA GLY A 91 0.18 15.31 -11.01
C GLY A 91 1.05 15.97 -9.95
N ARG A 92 1.02 17.29 -9.90
CA ARG A 92 1.80 18.04 -8.94
C ARG A 92 1.39 17.70 -7.51
N PRO A 93 2.30 17.92 -6.55
CA PRO A 93 2.05 17.64 -5.14
C PRO A 93 1.04 18.61 -4.53
N ALA A 94 -0.10 18.07 -4.10
CA ALA A 94 -1.15 18.87 -3.49
C ALA A 94 -1.08 18.81 -1.97
N THR A 95 -1.51 19.89 -1.31
CA THR A 95 -1.50 19.95 0.14
C THR A 95 -0.31 19.18 0.71
N SER A 96 0.85 19.32 0.07
CA SER A 96 2.06 18.65 0.52
C SER A 96 2.22 18.77 2.03
N ILE A 97 2.49 17.65 2.68
CA ILE A 97 2.67 17.63 4.13
C ILE A 97 4.12 17.32 4.49
N VAL A 98 4.62 17.98 5.54
CA VAL A 98 5.99 17.77 5.99
C VAL A 98 6.03 16.83 7.18
N HIS A 99 6.99 15.90 7.16
CA HIS A 99 7.14 14.94 8.25
C HIS A 99 8.42 14.14 8.09
N SER A 100 9.41 14.44 8.92
CA SER A 100 10.70 13.76 8.86
C SER A 100 11.24 13.51 10.27
N SER A 101 11.99 12.42 10.42
CA SER A 101 12.56 12.08 11.72
C SER A 101 14.08 12.26 11.70
N SER A 102 14.61 12.92 12.73
CA SER A 102 16.04 13.17 12.84
C SER A 102 16.82 11.86 12.77
N GLY A 103 16.42 10.90 13.59
CA GLY A 103 17.09 9.61 13.61
C GLY A 103 18.41 9.66 14.35
N ASP A 104 18.43 9.07 15.55
CA ASP A 104 19.65 9.04 16.36
C ASP A 104 20.06 7.61 16.68
N ILE A 105 20.92 7.05 15.85
CA ILE A 105 21.39 5.68 16.04
C ILE A 105 22.42 5.61 17.17
N LEU A 106 22.09 4.91 18.24
CA LEU A 106 22.98 4.76 19.38
C LEU A 106 23.85 3.51 19.23
N MET A 107 25.10 3.62 19.66
CA MET A 107 26.03 2.49 19.58
C MET A 107 26.99 2.49 20.78
N ILE A 108 27.50 1.32 21.11
CA ILE A 108 28.42 1.18 22.24
C ILE A 108 28.20 2.28 23.27
N ASP A 109 26.94 2.47 23.67
CA ASP A 109 26.60 3.48 24.66
C ASP A 109 27.56 3.44 25.84
N GLY A 1 -0.77 0.34 27.58
CA GLY A 1 -0.42 0.65 26.19
C GLY A 1 0.34 -0.46 25.53
N SER A 2 0.50 -0.37 24.21
CA SER A 2 1.22 -1.38 23.45
C SER A 2 2.56 -1.70 24.09
N SER A 3 2.70 -2.92 24.60
CA SER A 3 3.93 -3.35 25.25
C SER A 3 4.93 -3.88 24.23
N GLY A 4 4.48 -4.82 23.40
CA GLY A 4 5.34 -5.39 22.38
C GLY A 4 4.57 -6.21 21.36
N SER A 5 5.06 -7.42 21.09
CA SER A 5 4.41 -8.30 20.14
C SER A 5 3.37 -9.18 20.81
N SER A 6 2.21 -9.34 20.17
CA SER A 6 1.13 -10.15 20.71
C SER A 6 1.37 -11.62 20.43
N GLY A 7 1.69 -11.94 19.18
CA GLY A 7 1.93 -13.32 18.79
C GLY A 7 1.64 -13.57 17.32
N ARG A 8 2.03 -14.75 16.84
CA ARG A 8 1.82 -15.11 15.45
C ARG A 8 0.92 -16.34 15.34
N ASP A 9 -0.39 -16.11 15.35
CA ASP A 9 -1.36 -17.19 15.25
C ASP A 9 -1.31 -17.85 13.88
N ARG A 10 -1.14 -17.03 12.84
CA ARG A 10 -1.08 -17.53 11.47
C ARG A 10 0.12 -16.94 10.73
N SER A 11 0.74 -17.73 9.88
CA SER A 11 1.90 -17.29 9.11
C SER A 11 1.57 -17.23 7.62
N THR A 12 1.29 -16.03 7.12
CA THR A 12 0.98 -15.85 5.71
C THR A 12 1.61 -14.57 5.17
N ILE A 13 2.18 -14.67 3.97
CA ILE A 13 2.82 -13.53 3.34
C ILE A 13 2.08 -13.11 2.08
N ALA A 14 2.16 -11.83 1.75
CA ALA A 14 1.50 -11.30 0.56
C ALA A 14 2.48 -10.53 -0.32
N ARG A 15 2.66 -11.03 -1.55
CA ARG A 15 3.57 -10.39 -2.49
C ARG A 15 2.87 -9.27 -3.27
N ILE A 16 3.20 -8.03 -2.94
CA ILE A 16 2.60 -6.88 -3.60
C ILE A 16 3.63 -6.11 -4.40
N GLN A 17 3.61 -6.29 -5.72
CA GLN A 17 4.55 -5.60 -6.60
C GLN A 17 4.02 -4.23 -7.00
N PHE A 18 4.83 -3.21 -6.78
CA PHE A 18 4.45 -1.84 -7.11
C PHE A 18 5.15 -1.37 -8.38
N ARG A 19 4.36 -0.98 -9.37
CA ARG A 19 4.89 -0.51 -10.65
C ARG A 19 4.82 1.01 -10.74
N LEU A 20 5.92 1.62 -11.19
CA LEU A 20 5.98 3.07 -11.33
C LEU A 20 5.91 3.48 -12.79
N PRO A 21 5.44 4.70 -13.04
CA PRO A 21 5.31 5.25 -14.40
C PRO A 21 6.67 5.54 -15.03
N ASP A 22 7.73 5.31 -14.28
CA ASP A 22 9.09 5.55 -14.76
C ASP A 22 9.88 4.25 -14.83
N GLY A 23 9.18 3.15 -15.10
CA GLY A 23 9.83 1.86 -15.20
C GLY A 23 10.11 1.25 -13.84
N SER A 24 10.91 1.96 -13.03
CA SER A 24 11.26 1.48 -11.70
C SER A 24 10.09 0.75 -11.05
N SER A 25 10.40 -0.19 -10.16
CA SER A 25 9.38 -0.96 -9.48
C SER A 25 9.95 -1.63 -8.23
N PHE A 26 9.14 -1.66 -7.16
CA PHE A 26 9.57 -2.27 -5.91
C PHE A 26 8.49 -3.22 -5.37
N THR A 27 8.92 -4.36 -4.86
CA THR A 27 7.99 -5.35 -4.32
C THR A 27 8.21 -5.53 -2.82
N ASN A 28 7.24 -5.09 -2.03
CA ASN A 28 7.33 -5.21 -0.58
C ASN A 28 6.72 -6.53 -0.11
N GLN A 29 6.65 -6.71 1.22
CA GLN A 29 6.10 -7.93 1.79
C GLN A 29 5.12 -7.59 2.92
N PHE A 30 3.86 -7.96 2.73
CA PHE A 30 2.82 -7.70 3.72
C PHE A 30 2.05 -8.98 4.04
N PRO A 31 1.51 -9.05 5.27
CA PRO A 31 0.74 -10.20 5.73
C PRO A 31 -0.61 -10.32 5.02
N SER A 32 -0.85 -11.47 4.41
CA SER A 32 -2.09 -11.71 3.70
C SER A 32 -3.26 -11.05 4.41
N ASP A 33 -3.17 -10.96 5.74
CA ASP A 33 -4.22 -10.35 6.54
C ASP A 33 -4.25 -8.84 6.33
N ALA A 34 -3.08 -8.22 6.37
CA ALA A 34 -2.98 -6.78 6.19
C ALA A 34 -3.89 -6.30 5.07
N PRO A 35 -4.65 -5.23 5.34
CA PRO A 35 -5.59 -4.65 4.37
C PRO A 35 -4.87 -3.97 3.21
N LEU A 36 -5.43 -4.10 2.01
CA LEU A 36 -4.85 -3.49 0.82
C LEU A 36 -4.21 -2.14 1.15
N GLU A 37 -4.91 -1.35 1.96
CA GLU A 37 -4.42 -0.04 2.37
C GLU A 37 -2.92 -0.08 2.67
N GLU A 38 -2.54 -1.00 3.55
CA GLU A 38 -1.14 -1.15 3.93
C GLU A 38 -0.22 -0.84 2.75
N ALA A 39 -0.47 -1.50 1.63
CA ALA A 39 0.33 -1.30 0.42
C ALA A 39 0.32 0.17 -0.01
N ARG A 40 -0.85 0.76 -0.02
CA ARG A 40 -1.00 2.16 -0.42
C ARG A 40 -0.13 3.05 0.47
N GLN A 41 -0.12 2.78 1.76
CA GLN A 41 0.66 3.55 2.71
C GLN A 41 2.15 3.40 2.44
N PHE A 42 2.62 2.16 2.40
CA PHE A 42 4.03 1.87 2.14
C PHE A 42 4.49 2.54 0.84
N ALA A 43 3.77 2.28 -0.23
CA ALA A 43 4.11 2.85 -1.54
C ALA A 43 4.21 4.37 -1.46
N ALA A 44 3.29 4.98 -0.73
CA ALA A 44 3.28 6.43 -0.57
C ALA A 44 4.55 6.92 0.10
N GLN A 45 5.05 6.13 1.05
CA GLN A 45 6.27 6.49 1.77
C GLN A 45 7.50 6.28 0.90
N THR A 46 7.49 5.21 0.10
CA THR A 46 8.60 4.90 -0.78
C THR A 46 8.86 6.04 -1.76
N VAL A 47 7.82 6.43 -2.49
CA VAL A 47 7.93 7.51 -3.47
C VAL A 47 7.78 8.87 -2.80
N GLY A 48 7.06 8.90 -1.68
CA GLY A 48 6.84 10.14 -0.97
C GLY A 48 6.08 11.17 -1.80
N ASN A 49 6.81 12.15 -2.32
CA ASN A 49 6.19 13.20 -3.14
C ASN A 49 6.75 13.18 -4.56
N THR A 50 6.88 11.98 -5.12
CA THR A 50 7.40 11.82 -6.47
C THR A 50 6.30 12.00 -7.51
N TYR A 51 5.12 11.46 -7.21
CA TYR A 51 3.99 11.57 -8.11
C TYR A 51 2.76 12.14 -7.40
N GLY A 52 2.99 13.11 -6.53
CA GLY A 52 1.91 13.72 -5.78
C GLY A 52 0.93 12.70 -5.24
N ASN A 53 -0.36 12.93 -5.48
CA ASN A 53 -1.40 12.02 -5.00
C ASN A 53 -1.70 10.95 -6.05
N PHE A 54 -0.83 9.94 -6.13
CA PHE A 54 -1.00 8.85 -7.08
C PHE A 54 -2.08 7.88 -6.61
N SER A 55 -2.35 6.87 -7.42
CA SER A 55 -3.36 5.87 -7.09
C SER A 55 -2.86 4.47 -7.41
N LEU A 56 -3.67 3.47 -7.08
CA LEU A 56 -3.31 2.07 -7.33
C LEU A 56 -4.39 1.37 -8.16
N ALA A 57 -3.96 0.46 -9.03
CA ALA A 57 -4.87 -0.28 -9.88
C ALA A 57 -4.28 -1.62 -10.31
N THR A 58 -5.14 -2.53 -10.74
CA THR A 58 -4.69 -3.85 -11.17
C THR A 58 -3.94 -3.77 -12.50
N MET A 59 -3.54 -4.93 -13.01
CA MET A 59 -2.82 -4.99 -14.28
C MET A 59 -3.61 -5.76 -15.32
N PHE A 60 -4.24 -6.86 -14.89
CA PHE A 60 -5.03 -7.68 -15.80
C PHE A 60 -6.43 -7.09 -15.99
N PRO A 61 -7.23 -7.12 -14.92
CA PRO A 61 -8.60 -6.60 -14.96
C PRO A 61 -8.64 -5.08 -15.06
N ARG A 62 -7.47 -4.46 -14.95
CA ARG A 62 -7.37 -3.00 -15.04
C ARG A 62 -8.60 -2.33 -14.44
N ARG A 63 -8.90 -2.67 -13.19
CA ARG A 63 -10.05 -2.11 -12.49
C ARG A 63 -9.61 -1.23 -11.33
N GLU A 64 -9.99 0.04 -11.37
CA GLU A 64 -9.63 0.98 -10.31
C GLU A 64 -10.18 0.51 -8.96
N PHE A 65 -9.29 -0.01 -8.12
CA PHE A 65 -9.69 -0.48 -6.80
C PHE A 65 -10.70 0.45 -6.16
N THR A 66 -11.67 -0.12 -5.47
CA THR A 66 -12.71 0.67 -4.81
C THR A 66 -12.46 0.76 -3.31
N ARG A 67 -12.97 1.81 -2.69
CA ARG A 67 -12.81 2.02 -1.26
C ARG A 67 -12.94 0.70 -0.50
N GLU A 68 -13.89 -0.12 -0.93
CA GLU A 68 -14.13 -1.42 -0.30
C GLU A 68 -12.89 -2.31 -0.38
N ASP A 69 -12.24 -2.28 -1.55
CA ASP A 69 -11.04 -3.08 -1.77
C ASP A 69 -10.02 -2.87 -0.65
N TYR A 70 -10.08 -1.69 -0.04
CA TYR A 70 -9.16 -1.35 1.05
C TYR A 70 -9.70 -1.85 2.39
N LYS A 71 -11.01 -2.10 2.45
CA LYS A 71 -11.64 -2.58 3.66
C LYS A 71 -11.43 -4.08 3.84
N ARG A 72 -11.34 -4.79 2.72
CA ARG A 72 -11.13 -6.23 2.74
C ARG A 72 -9.64 -6.58 2.70
N ARG A 73 -9.23 -7.52 3.54
CA ARG A 73 -7.84 -7.93 3.60
C ARG A 73 -7.29 -8.19 2.20
N LEU A 74 -5.97 -8.28 2.09
CA LEU A 74 -5.32 -8.53 0.81
C LEU A 74 -5.74 -9.88 0.24
N LEU A 75 -5.50 -10.93 1.01
CA LEU A 75 -5.85 -12.29 0.58
C LEU A 75 -7.29 -12.34 0.08
N ASP A 76 -8.11 -11.41 0.54
CA ASP A 76 -9.51 -11.35 0.13
C ASP A 76 -9.62 -10.96 -1.34
N LEU A 77 -8.71 -10.13 -1.80
CA LEU A 77 -8.70 -9.68 -3.19
C LEU A 77 -7.79 -10.55 -4.04
N GLU A 78 -7.67 -11.82 -3.67
CA GLU A 78 -6.82 -12.76 -4.39
C GLU A 78 -5.40 -12.22 -4.53
N LEU A 79 -4.93 -11.56 -3.48
CA LEU A 79 -3.58 -10.99 -3.48
C LEU A 79 -2.67 -11.74 -2.51
N ALA A 80 -3.24 -12.71 -1.80
CA ALA A 80 -2.49 -13.50 -0.84
C ALA A 80 -1.16 -13.97 -1.45
N PRO A 81 -1.25 -14.67 -2.58
CA PRO A 81 -0.06 -15.19 -3.28
C PRO A 81 0.77 -14.07 -3.91
N SER A 82 0.46 -13.75 -5.16
CA SER A 82 1.18 -12.70 -5.88
C SER A 82 0.21 -11.68 -6.47
N ALA A 83 0.53 -10.41 -6.29
CA ALA A 83 -0.31 -9.33 -6.80
C ALA A 83 0.54 -8.20 -7.37
N SER A 84 0.01 -7.53 -8.39
CA SER A 84 0.73 -6.42 -9.03
C SER A 84 -0.16 -5.18 -9.12
N VAL A 85 0.10 -4.21 -8.26
CA VAL A 85 -0.67 -2.97 -8.23
C VAL A 85 0.09 -1.85 -8.92
N VAL A 86 -0.44 -1.38 -10.05
CA VAL A 86 0.18 -0.31 -10.81
C VAL A 86 -0.07 1.04 -10.14
N LEU A 87 0.97 1.87 -10.09
CA LEU A 87 0.87 3.20 -9.48
C LEU A 87 0.56 4.26 -10.53
N LEU A 88 -0.61 4.87 -10.44
CA LEU A 88 -1.02 5.90 -11.38
C LEU A 88 -0.69 7.29 -10.84
N PRO A 89 0.25 7.98 -11.50
CA PRO A 89 0.68 9.32 -11.10
C PRO A 89 -0.40 10.37 -11.36
N ALA A 90 -0.54 11.31 -10.43
CA ALA A 90 -1.53 12.37 -10.57
C ALA A 90 -0.87 13.72 -10.75
N GLY A 91 0.16 13.99 -9.96
CA GLY A 91 0.87 15.25 -10.05
C GLY A 91 0.15 16.38 -9.33
N ARG A 92 -0.15 16.16 -8.05
CA ARG A 92 -0.84 17.16 -7.25
C ARG A 92 -0.08 17.46 -5.97
N PRO A 93 0.04 18.76 -5.63
CA PRO A 93 0.75 19.20 -4.44
C PRO A 93 0.01 18.84 -3.15
N ALA A 94 0.64 17.99 -2.33
CA ALA A 94 0.05 17.57 -1.07
C ALA A 94 1.04 17.70 0.08
N THR A 95 0.51 17.76 1.30
CA THR A 95 1.35 17.90 2.49
C THR A 95 2.44 16.83 2.52
N SER A 96 3.61 17.21 3.00
CA SER A 96 4.74 16.28 3.08
C SER A 96 5.01 15.88 4.53
N ILE A 97 4.47 14.73 4.93
CA ILE A 97 4.65 14.25 6.29
C ILE A 97 5.07 12.77 6.30
N VAL A 98 6.04 12.43 7.14
CA VAL A 98 6.52 11.06 7.24
C VAL A 98 7.13 10.80 8.62
N HIS A 99 6.84 9.63 9.17
CA HIS A 99 7.36 9.24 10.48
C HIS A 99 8.53 8.29 10.33
N SER A 100 9.71 8.73 10.77
CA SER A 100 10.91 7.90 10.69
C SER A 100 11.24 7.28 12.04
N SER A 101 11.18 5.96 12.11
CA SER A 101 11.46 5.23 13.34
C SER A 101 12.79 4.49 13.24
N SER A 102 13.43 4.27 14.38
CA SER A 102 14.70 3.56 14.42
C SER A 102 14.86 2.79 15.73
N GLY A 103 15.49 1.62 15.64
CA GLY A 103 15.68 0.80 16.83
C GLY A 103 15.60 -0.68 16.52
N ASP A 104 16.75 -1.35 16.54
CA ASP A 104 16.81 -2.78 16.27
C ASP A 104 17.78 -3.47 17.21
N ILE A 105 17.49 -4.73 17.54
CA ILE A 105 18.33 -5.50 18.44
C ILE A 105 19.34 -6.35 17.65
N LEU A 106 20.51 -6.56 18.24
CA LEU A 106 21.56 -7.34 17.60
C LEU A 106 22.16 -8.33 18.58
N MET A 107 21.30 -9.08 19.27
CA MET A 107 21.75 -10.08 20.23
C MET A 107 22.98 -9.58 21.00
N ILE A 108 22.93 -8.33 21.43
CA ILE A 108 24.03 -7.72 22.17
C ILE A 108 24.08 -8.25 23.60
N ASP A 109 25.28 -8.48 24.10
CA ASP A 109 25.48 -8.99 25.46
C ASP A 109 24.70 -8.14 26.46
N GLY A 1 4.30 3.74 14.64
CA GLY A 1 5.15 2.96 15.52
C GLY A 1 6.33 2.35 14.78
N SER A 2 7.43 3.09 14.72
CA SER A 2 8.63 2.61 14.04
C SER A 2 9.25 1.43 14.79
N SER A 3 9.67 1.67 16.03
CA SER A 3 10.28 0.64 16.84
C SER A 3 9.21 -0.17 17.58
N GLY A 4 9.34 -1.50 17.52
CA GLY A 4 8.37 -2.36 18.18
C GLY A 4 8.06 -3.60 17.37
N SER A 5 7.22 -3.44 16.36
CA SER A 5 6.83 -4.56 15.50
C SER A 5 6.04 -4.08 14.29
N SER A 6 6.60 -4.28 13.11
CA SER A 6 5.96 -3.86 11.87
C SER A 6 5.25 -5.03 11.20
N GLY A 7 4.02 -5.31 11.65
CA GLY A 7 3.25 -6.40 11.09
C GLY A 7 3.86 -7.75 11.39
N ARG A 8 3.45 -8.34 12.52
CA ARG A 8 3.96 -9.64 12.93
C ARG A 8 4.23 -10.52 11.72
N ASP A 9 5.46 -11.04 11.62
CA ASP A 9 5.84 -11.90 10.51
C ASP A 9 5.51 -13.36 10.82
N ARG A 10 4.34 -13.59 11.40
CA ARG A 10 3.91 -14.93 11.74
C ARG A 10 2.85 -15.44 10.77
N SER A 11 1.87 -14.59 10.47
CA SER A 11 0.80 -14.96 9.55
C SER A 11 1.31 -15.01 8.11
N THR A 12 0.58 -15.71 7.26
CA THR A 12 0.96 -15.85 5.85
C THR A 12 1.50 -14.53 5.30
N ILE A 13 2.26 -14.62 4.22
CA ILE A 13 2.84 -13.43 3.61
C ILE A 13 2.16 -13.12 2.27
N ALA A 14 2.23 -11.86 1.86
CA ALA A 14 1.63 -11.44 0.60
C ALA A 14 2.63 -10.69 -0.27
N ARG A 15 2.71 -11.07 -1.54
CA ARG A 15 3.63 -10.42 -2.47
C ARG A 15 2.93 -9.33 -3.27
N ILE A 16 3.26 -8.08 -2.97
CA ILE A 16 2.65 -6.95 -3.66
C ILE A 16 3.69 -6.17 -4.47
N GLN A 17 3.52 -6.15 -5.79
CA GLN A 17 4.44 -5.45 -6.66
C GLN A 17 3.92 -4.06 -7.00
N PHE A 18 4.80 -3.07 -6.92
CA PHE A 18 4.44 -1.68 -7.21
C PHE A 18 5.16 -1.18 -8.46
N ARG A 19 4.40 -0.86 -9.49
CA ARG A 19 4.98 -0.37 -10.74
C ARG A 19 4.94 1.15 -10.79
N LEU A 20 5.94 1.75 -11.43
CA LEU A 20 6.02 3.20 -11.55
C LEU A 20 5.95 3.64 -13.01
N PRO A 21 5.50 4.87 -13.24
CA PRO A 21 5.37 5.43 -14.59
C PRO A 21 6.73 5.71 -15.23
N ASP A 22 7.78 5.67 -14.41
CA ASP A 22 9.14 5.91 -14.90
C ASP A 22 9.71 4.65 -15.53
N GLY A 23 9.79 3.58 -14.75
CA GLY A 23 10.33 2.33 -15.25
C GLY A 23 10.71 1.37 -14.14
N SER A 24 11.27 1.91 -13.06
CA SER A 24 11.69 1.10 -11.94
C SER A 24 10.49 0.73 -11.06
N SER A 25 10.52 -0.49 -10.51
CA SER A 25 9.44 -0.97 -9.66
C SER A 25 9.99 -1.65 -8.42
N PHE A 26 9.20 -1.64 -7.35
CA PHE A 26 9.60 -2.26 -6.09
C PHE A 26 8.49 -3.13 -5.53
N THR A 27 8.86 -4.29 -5.00
CA THR A 27 7.90 -5.22 -4.43
C THR A 27 8.13 -5.40 -2.92
N ASN A 28 7.23 -4.85 -2.12
CA ASN A 28 7.33 -4.94 -0.68
C ASN A 28 6.67 -6.22 -0.17
N GLN A 29 6.59 -6.36 1.15
CA GLN A 29 5.98 -7.54 1.76
C GLN A 29 4.92 -7.14 2.78
N PHE A 30 3.88 -7.96 2.90
CA PHE A 30 2.80 -7.69 3.84
C PHE A 30 2.03 -8.97 4.14
N PRO A 31 1.45 -9.03 5.36
CA PRO A 31 0.68 -10.19 5.82
C PRO A 31 -0.65 -10.33 5.07
N SER A 32 -0.85 -11.49 4.46
CA SER A 32 -2.08 -11.76 3.71
C SER A 32 -3.28 -11.13 4.41
N ASP A 33 -3.19 -10.99 5.72
CA ASP A 33 -4.28 -10.41 6.51
C ASP A 33 -4.36 -8.91 6.29
N ALA A 34 -3.21 -8.25 6.33
CA ALA A 34 -3.15 -6.80 6.13
C ALA A 34 -4.00 -6.38 4.94
N PRO A 35 -4.86 -5.37 5.15
CA PRO A 35 -5.74 -4.85 4.10
C PRO A 35 -4.97 -4.09 3.02
N LEU A 36 -5.45 -4.19 1.78
CA LEU A 36 -4.81 -3.52 0.66
C LEU A 36 -4.26 -2.16 1.09
N GLU A 37 -5.00 -1.46 1.93
CA GLU A 37 -4.58 -0.15 2.42
C GLU A 37 -3.10 -0.16 2.80
N GLU A 38 -2.75 -1.05 3.73
CA GLU A 38 -1.36 -1.16 4.18
C GLU A 38 -0.40 -1.03 3.02
N ALA A 39 -0.65 -1.79 1.95
CA ALA A 39 0.19 -1.77 0.77
C ALA A 39 0.31 -0.36 0.20
N ARG A 40 -0.81 0.35 0.16
CA ARG A 40 -0.84 1.71 -0.36
C ARG A 40 0.04 2.63 0.48
N GLN A 41 -0.06 2.50 1.80
CA GLN A 41 0.73 3.32 2.71
C GLN A 41 2.21 3.26 2.35
N PHE A 42 2.76 2.05 2.36
CA PHE A 42 4.17 1.85 2.04
C PHE A 42 4.56 2.62 0.77
N ALA A 43 3.90 2.29 -0.33
CA ALA A 43 4.16 2.94 -1.62
C ALA A 43 4.28 4.44 -1.44
N ALA A 44 3.34 5.03 -0.70
CA ALA A 44 3.35 6.47 -0.45
C ALA A 44 4.66 6.92 0.18
N GLN A 45 5.19 6.09 1.07
CA GLN A 45 6.44 6.40 1.76
C GLN A 45 7.63 6.23 0.82
N THR A 46 7.58 5.18 0.01
CA THR A 46 8.65 4.90 -0.93
C THR A 46 8.84 6.04 -1.93
N VAL A 47 7.76 6.38 -2.62
CA VAL A 47 7.79 7.46 -3.60
C VAL A 47 7.71 8.83 -2.93
N GLY A 48 7.12 8.85 -1.74
CA GLY A 48 6.99 10.09 -1.00
C GLY A 48 6.15 11.12 -1.73
N ASN A 49 6.65 12.35 -1.81
CA ASN A 49 5.94 13.42 -2.49
C ASN A 49 6.49 13.65 -3.90
N THR A 50 6.80 12.55 -4.58
CA THR A 50 7.34 12.61 -5.94
C THR A 50 6.22 12.74 -6.97
N TYR A 51 5.22 11.88 -6.84
CA TYR A 51 4.09 11.90 -7.77
C TYR A 51 2.92 12.68 -7.19
N GLY A 52 2.66 12.48 -5.90
CA GLY A 52 1.57 13.19 -5.26
C GLY A 52 0.46 12.24 -4.80
N ASN A 53 -0.78 12.57 -5.14
CA ASN A 53 -1.91 11.75 -4.77
C ASN A 53 -2.11 10.60 -5.74
N PHE A 54 -1.01 9.94 -6.09
CA PHE A 54 -1.05 8.81 -7.01
C PHE A 54 -2.06 7.77 -6.56
N SER A 55 -2.52 6.94 -7.50
CA SER A 55 -3.50 5.90 -7.19
C SER A 55 -2.93 4.52 -7.47
N LEU A 56 -3.72 3.49 -7.19
CA LEU A 56 -3.29 2.11 -7.41
C LEU A 56 -4.34 1.34 -8.20
N ALA A 57 -3.87 0.42 -9.04
CA ALA A 57 -4.76 -0.40 -9.86
C ALA A 57 -4.09 -1.71 -10.26
N THR A 58 -4.89 -2.63 -10.80
CA THR A 58 -4.37 -3.93 -11.23
C THR A 58 -3.61 -3.79 -12.54
N MET A 59 -3.19 -4.94 -13.09
CA MET A 59 -2.45 -4.95 -14.34
C MET A 59 -3.23 -5.72 -15.41
N PHE A 60 -3.63 -6.94 -15.09
CA PHE A 60 -4.38 -7.78 -16.02
C PHE A 60 -5.78 -7.21 -16.26
N PRO A 61 -6.62 -7.28 -15.22
CA PRO A 61 -8.00 -6.78 -15.30
C PRO A 61 -8.06 -5.25 -15.38
N ARG A 62 -6.92 -4.61 -15.19
CA ARG A 62 -6.83 -3.16 -15.24
C ARG A 62 -8.10 -2.52 -14.66
N ARG A 63 -8.46 -2.94 -13.45
CA ARG A 63 -9.65 -2.41 -12.79
C ARG A 63 -9.26 -1.61 -11.55
N GLU A 64 -9.77 -0.39 -11.46
CA GLU A 64 -9.48 0.48 -10.32
C GLU A 64 -10.13 -0.06 -9.04
N PHE A 65 -9.38 -0.03 -7.95
CA PHE A 65 -9.88 -0.53 -6.67
C PHE A 65 -10.89 0.45 -6.08
N THR A 66 -11.86 -0.09 -5.33
CA THR A 66 -12.88 0.72 -4.70
C THR A 66 -12.68 0.82 -3.20
N ARG A 67 -13.09 1.94 -2.62
CA ARG A 67 -12.93 2.16 -1.18
C ARG A 67 -13.14 0.87 -0.41
N GLU A 68 -14.14 0.09 -0.82
CA GLU A 68 -14.44 -1.18 -0.17
C GLU A 68 -13.26 -2.15 -0.28
N ASP A 69 -12.68 -2.22 -1.48
CA ASP A 69 -11.54 -3.11 -1.71
C ASP A 69 -10.48 -2.93 -0.63
N TYR A 70 -10.15 -1.68 -0.33
CA TYR A 70 -9.14 -1.39 0.69
C TYR A 70 -9.56 -1.94 2.05
N LYS A 71 -10.87 -2.11 2.24
CA LYS A 71 -11.40 -2.63 3.49
C LYS A 71 -11.25 -4.15 3.55
N ARG A 72 -11.23 -4.78 2.38
CA ARG A 72 -11.09 -6.23 2.30
C ARG A 72 -9.62 -6.65 2.38
N ARG A 73 -9.33 -7.60 3.26
CA ARG A 73 -7.97 -8.08 3.44
C ARG A 73 -7.33 -8.42 2.09
N LEU A 74 -6.01 -8.30 2.02
CA LEU A 74 -5.28 -8.59 0.80
C LEU A 74 -5.67 -9.95 0.23
N LEU A 75 -5.57 -10.97 1.08
CA LEU A 75 -5.90 -12.34 0.67
C LEU A 75 -7.33 -12.41 0.14
N ASP A 76 -8.16 -11.45 0.56
CA ASP A 76 -9.55 -11.39 0.13
C ASP A 76 -9.65 -10.99 -1.34
N LEU A 77 -8.69 -10.18 -1.79
CA LEU A 77 -8.67 -9.72 -3.17
C LEU A 77 -7.74 -10.59 -4.02
N GLU A 78 -7.71 -11.88 -3.72
CA GLU A 78 -6.87 -12.82 -4.45
C GLU A 78 -5.46 -12.27 -4.63
N LEU A 79 -4.92 -11.69 -3.56
CA LEU A 79 -3.58 -11.12 -3.59
C LEU A 79 -2.64 -11.86 -2.65
N ALA A 80 -3.21 -12.75 -1.84
CA ALA A 80 -2.43 -13.52 -0.88
C ALA A 80 -1.11 -13.97 -1.49
N PRO A 81 -1.18 -14.70 -2.62
CA PRO A 81 0.00 -15.19 -3.31
C PRO A 81 0.80 -14.08 -3.97
N SER A 82 0.47 -13.79 -5.23
CA SER A 82 1.16 -12.73 -5.97
C SER A 82 0.19 -11.62 -6.37
N ALA A 83 0.67 -10.38 -6.32
CA ALA A 83 -0.15 -9.23 -6.67
C ALA A 83 0.67 -8.16 -7.36
N SER A 84 0.06 -7.47 -8.32
CA SER A 84 0.75 -6.42 -9.07
C SER A 84 -0.11 -5.16 -9.15
N VAL A 85 0.18 -4.20 -8.29
CA VAL A 85 -0.57 -2.95 -8.27
C VAL A 85 0.22 -1.82 -8.93
N VAL A 86 -0.28 -1.33 -10.06
CA VAL A 86 0.38 -0.26 -10.79
C VAL A 86 0.11 1.10 -10.13
N LEU A 87 1.15 1.93 -10.06
CA LEU A 87 1.03 3.25 -9.46
C LEU A 87 0.71 4.30 -10.50
N LEU A 88 -0.45 4.94 -10.35
CA LEU A 88 -0.88 5.97 -11.29
C LEU A 88 -0.62 7.37 -10.72
N PRO A 89 0.29 8.11 -11.37
CA PRO A 89 0.64 9.47 -10.95
C PRO A 89 -0.48 10.46 -11.19
N ALA A 90 -0.68 11.36 -10.24
CA ALA A 90 -1.73 12.38 -10.34
C ALA A 90 -1.19 13.67 -10.92
N GLY A 91 -0.04 14.11 -10.42
CA GLY A 91 0.57 15.34 -10.90
C GLY A 91 1.40 16.03 -9.84
N ARG A 92 1.09 17.30 -9.57
CA ARG A 92 1.82 18.07 -8.58
C ARG A 92 1.45 17.62 -7.17
N PRO A 93 2.47 17.49 -6.30
CA PRO A 93 2.27 17.08 -4.91
C PRO A 93 1.58 18.15 -4.08
N ALA A 94 2.08 19.37 -4.13
CA ALA A 94 1.51 20.48 -3.39
C ALA A 94 1.30 20.11 -1.92
N THR A 95 2.28 19.42 -1.35
CA THR A 95 2.21 19.00 0.05
C THR A 95 3.56 19.10 0.73
N SER A 96 3.57 18.97 2.05
CA SER A 96 4.81 19.05 2.82
C SER A 96 4.86 17.95 3.88
N ILE A 97 6.07 17.55 4.24
CA ILE A 97 6.26 16.51 5.24
C ILE A 97 6.77 17.09 6.55
N VAL A 98 6.05 16.83 7.64
CA VAL A 98 6.43 17.32 8.95
C VAL A 98 6.93 16.20 9.84
N HIS A 99 8.13 16.37 10.38
CA HIS A 99 8.73 15.35 11.25
C HIS A 99 7.98 15.28 12.58
N SER A 100 7.18 14.22 12.74
CA SER A 100 6.41 14.04 13.96
C SER A 100 7.24 13.34 15.03
N SER A 101 7.70 14.12 16.02
CA SER A 101 8.52 13.58 17.09
C SER A 101 7.68 13.37 18.35
N SER A 102 7.84 12.21 18.98
CA SER A 102 7.09 11.88 20.19
C SER A 102 8.03 11.77 21.39
N GLY A 103 8.98 10.84 21.30
CA GLY A 103 9.92 10.64 22.38
C GLY A 103 10.51 9.24 22.41
N ASP A 104 11.83 9.16 22.45
CA ASP A 104 12.51 7.86 22.47
C ASP A 104 12.48 7.25 23.86
N ILE A 105 12.29 5.94 23.93
CA ILE A 105 12.24 5.24 25.20
C ILE A 105 13.57 4.55 25.49
N LEU A 106 14.16 4.87 26.64
CA LEU A 106 15.43 4.28 27.05
C LEU A 106 15.44 3.99 28.54
N MET A 107 15.98 2.83 28.91
CA MET A 107 16.05 2.43 30.31
C MET A 107 17.50 2.19 30.73
N ILE A 108 17.69 1.71 31.95
CA ILE A 108 19.03 1.44 32.47
C ILE A 108 19.10 0.06 33.11
N ASP A 109 20.27 -0.55 33.07
CA ASP A 109 20.47 -1.87 33.65
C ASP A 109 19.77 -1.99 35.00
N GLY A 1 -19.47 -4.10 5.31
CA GLY A 1 -18.67 -5.04 6.07
C GLY A 1 -18.45 -4.60 7.50
N SER A 2 -17.76 -5.42 8.28
CA SER A 2 -17.49 -5.11 9.67
C SER A 2 -16.14 -5.69 10.11
N SER A 3 -15.36 -4.89 10.81
CA SER A 3 -14.05 -5.32 11.28
C SER A 3 -13.90 -5.06 12.78
N GLY A 4 -13.01 -5.82 13.42
CA GLY A 4 -12.79 -5.65 14.85
C GLY A 4 -11.34 -5.87 15.24
N SER A 5 -11.11 -6.22 16.50
CA SER A 5 -9.77 -6.46 16.99
C SER A 5 -9.43 -7.94 16.97
N SER A 6 -9.04 -8.43 15.80
CA SER A 6 -8.68 -9.84 15.64
C SER A 6 -8.06 -10.09 14.27
N GLY A 7 -7.51 -11.29 14.09
CA GLY A 7 -6.89 -11.63 12.82
C GLY A 7 -5.49 -12.20 13.00
N ARG A 8 -5.38 -13.25 13.80
CA ARG A 8 -4.10 -13.89 14.05
C ARG A 8 -4.02 -15.26 13.40
N ASP A 9 -3.29 -15.36 12.30
CA ASP A 9 -3.14 -16.62 11.58
C ASP A 9 -1.67 -17.04 11.52
N ARG A 10 -1.44 -18.28 11.10
CA ARG A 10 -0.08 -18.80 11.00
C ARG A 10 0.74 -17.99 10.00
N SER A 11 1.98 -18.44 9.76
CA SER A 11 2.86 -17.75 8.83
C SER A 11 2.19 -17.55 7.47
N THR A 12 2.08 -16.29 7.04
CA THR A 12 1.45 -15.96 5.77
C THR A 12 1.98 -14.64 5.22
N ILE A 13 2.55 -14.69 4.01
CA ILE A 13 3.08 -13.50 3.37
C ILE A 13 2.31 -13.15 2.11
N ALA A 14 2.32 -11.87 1.75
CA ALA A 14 1.61 -11.41 0.56
C ALA A 14 2.55 -10.64 -0.37
N ARG A 15 2.64 -11.10 -1.61
CA ARG A 15 3.51 -10.46 -2.59
C ARG A 15 2.79 -9.30 -3.29
N ILE A 16 3.25 -8.08 -3.06
CA ILE A 16 2.65 -6.91 -3.66
C ILE A 16 3.69 -6.07 -4.40
N GLN A 17 3.68 -6.18 -5.72
CA GLN A 17 4.62 -5.43 -6.56
C GLN A 17 4.08 -4.03 -6.86
N PHE A 18 4.98 -3.05 -6.82
CA PHE A 18 4.60 -1.66 -7.08
C PHE A 18 5.31 -1.14 -8.33
N ARG A 19 4.55 -1.00 -9.42
CA ARG A 19 5.10 -0.51 -10.68
C ARG A 19 5.07 1.01 -10.73
N LEU A 20 6.15 1.61 -11.24
CA LEU A 20 6.24 3.06 -11.34
C LEU A 20 6.24 3.50 -12.80
N PRO A 21 5.79 4.73 -13.05
CA PRO A 21 5.73 5.31 -14.40
C PRO A 21 7.12 5.59 -14.96
N ASP A 22 8.11 5.69 -14.08
CA ASP A 22 9.48 5.95 -14.50
C ASP A 22 10.08 4.75 -15.22
N GLY A 23 10.04 3.60 -14.57
CA GLY A 23 10.58 2.39 -15.17
C GLY A 23 10.86 1.31 -14.15
N SER A 24 11.44 1.71 -13.02
CA SER A 24 11.78 0.77 -11.96
C SER A 24 10.55 0.43 -11.12
N SER A 25 10.59 -0.72 -10.46
CA SER A 25 9.47 -1.16 -9.62
C SER A 25 9.98 -1.86 -8.37
N PHE A 26 9.25 -1.69 -7.27
CA PHE A 26 9.62 -2.30 -6.00
C PHE A 26 8.48 -3.15 -5.45
N THR A 27 8.81 -4.35 -4.98
CA THR A 27 7.81 -5.25 -4.42
C THR A 27 8.10 -5.55 -2.95
N ASN A 28 7.28 -4.99 -2.07
CA ASN A 28 7.45 -5.20 -0.64
C ASN A 28 6.81 -6.51 -0.20
N GLN A 29 6.79 -6.75 1.12
CA GLN A 29 6.21 -7.96 1.66
C GLN A 29 5.23 -7.64 2.79
N PHE A 30 3.95 -7.88 2.54
CA PHE A 30 2.92 -7.62 3.54
C PHE A 30 2.16 -8.89 3.89
N PRO A 31 1.62 -8.94 5.12
CA PRO A 31 0.86 -10.09 5.61
C PRO A 31 -0.49 -10.25 4.91
N SER A 32 -0.73 -11.43 4.36
CA SER A 32 -1.97 -11.71 3.65
C SER A 32 -3.16 -11.05 4.36
N ASP A 33 -3.02 -10.86 5.67
CA ASP A 33 -4.07 -10.25 6.47
C ASP A 33 -4.11 -8.74 6.25
N ALA A 34 -2.94 -8.13 6.21
CA ALA A 34 -2.84 -6.69 6.00
C ALA A 34 -3.81 -6.22 4.91
N PRO A 35 -4.53 -5.12 5.20
CA PRO A 35 -5.51 -4.55 4.26
C PRO A 35 -4.84 -3.91 3.05
N LEU A 36 -5.50 -3.99 1.90
CA LEU A 36 -4.98 -3.42 0.67
C LEU A 36 -4.33 -2.06 0.93
N GLU A 37 -4.99 -1.24 1.76
CA GLU A 37 -4.48 0.08 2.09
C GLU A 37 -2.99 0.03 2.39
N GLU A 38 -2.58 -1.00 3.13
CA GLU A 38 -1.17 -1.16 3.48
C GLU A 38 -0.27 -0.91 2.28
N ALA A 39 -0.63 -1.51 1.15
CA ALA A 39 0.14 -1.35 -0.08
C ALA A 39 0.12 0.10 -0.57
N ARG A 40 -0.94 0.82 -0.21
CA ARG A 40 -1.08 2.21 -0.61
C ARG A 40 -0.27 3.13 0.29
N GLN A 41 -0.28 2.83 1.59
CA GLN A 41 0.47 3.62 2.55
C GLN A 41 1.97 3.40 2.41
N PHE A 42 2.35 2.15 2.17
CA PHE A 42 3.76 1.80 2.01
C PHE A 42 4.38 2.58 0.85
N ALA A 43 3.88 2.32 -0.35
CA ALA A 43 4.39 2.98 -1.55
C ALA A 43 4.45 4.50 -1.35
N ALA A 44 3.52 5.01 -0.55
CA ALA A 44 3.46 6.45 -0.28
C ALA A 44 4.63 6.88 0.60
N GLN A 45 5.09 5.98 1.46
CA GLN A 45 6.20 6.26 2.37
C GLN A 45 7.49 6.44 1.59
N THR A 46 7.60 5.75 0.46
CA THR A 46 8.79 5.82 -0.37
C THR A 46 8.63 6.86 -1.48
N VAL A 47 7.48 6.84 -2.14
CA VAL A 47 7.21 7.77 -3.23
C VAL A 47 6.22 8.85 -2.78
N GLY A 48 6.23 9.16 -1.48
CA GLY A 48 5.33 10.16 -0.95
C GLY A 48 5.55 11.53 -1.57
N ASN A 49 6.81 11.82 -1.91
CA ASN A 49 7.16 13.11 -2.51
C ASN A 49 7.29 12.98 -4.02
N THR A 50 7.81 11.83 -4.47
CA THR A 50 8.00 11.59 -5.90
C THR A 50 6.80 12.08 -6.70
N TYR A 51 5.63 11.50 -6.41
CA TYR A 51 4.41 11.88 -7.11
C TYR A 51 3.43 12.56 -6.17
N GLY A 52 3.28 12.00 -4.97
CA GLY A 52 2.36 12.57 -3.99
C GLY A 52 1.12 11.72 -3.80
N ASN A 53 -0.01 12.23 -4.28
CA ASN A 53 -1.28 11.51 -4.16
C ASN A 53 -1.51 10.60 -5.36
N PHE A 54 -0.82 9.46 -5.37
CA PHE A 54 -0.95 8.50 -6.47
C PHE A 54 -2.08 7.51 -6.19
N SER A 55 -2.37 6.67 -7.17
CA SER A 55 -3.44 5.67 -7.04
C SER A 55 -2.90 4.28 -7.33
N LEU A 56 -3.73 3.27 -7.07
CA LEU A 56 -3.35 1.89 -7.31
C LEU A 56 -4.38 1.17 -8.17
N ALA A 57 -3.91 0.35 -9.10
CA ALA A 57 -4.79 -0.39 -9.99
C ALA A 57 -4.17 -1.73 -10.38
N THR A 58 -5.01 -2.63 -10.88
CA THR A 58 -4.55 -3.96 -11.29
C THR A 58 -3.77 -3.89 -12.60
N MET A 59 -3.39 -5.05 -13.11
CA MET A 59 -2.64 -5.13 -14.36
C MET A 59 -3.43 -5.88 -15.43
N PHE A 60 -3.93 -7.06 -15.06
CA PHE A 60 -4.71 -7.88 -16.00
C PHE A 60 -6.08 -7.26 -16.24
N PRO A 61 -6.94 -7.27 -15.20
CA PRO A 61 -8.28 -6.71 -15.29
C PRO A 61 -8.29 -5.19 -15.39
N ARG A 62 -7.12 -4.59 -15.18
CA ARG A 62 -6.99 -3.14 -15.26
C ARG A 62 -8.25 -2.45 -14.73
N ARG A 63 -8.63 -2.79 -13.50
CA ARG A 63 -9.81 -2.21 -12.88
C ARG A 63 -9.42 -1.38 -11.66
N GLU A 64 -9.77 -0.10 -11.68
CA GLU A 64 -9.46 0.79 -10.57
C GLU A 64 -10.10 0.30 -9.28
N PHE A 65 -9.28 -0.04 -8.29
CA PHE A 65 -9.77 -0.52 -7.01
C PHE A 65 -10.85 0.40 -6.45
N THR A 66 -11.53 -0.06 -5.41
CA THR A 66 -12.59 0.73 -4.79
C THR A 66 -12.35 0.87 -3.29
N ARG A 67 -13.04 1.83 -2.68
CA ARG A 67 -12.91 2.08 -1.25
C ARG A 67 -13.06 0.78 -0.46
N GLU A 68 -14.01 -0.05 -0.86
CA GLU A 68 -14.26 -1.32 -0.20
C GLU A 68 -13.03 -2.22 -0.27
N ASP A 69 -12.41 -2.26 -1.43
CA ASP A 69 -11.21 -3.08 -1.63
C ASP A 69 -10.15 -2.76 -0.58
N TYR A 70 -10.17 -1.53 -0.09
CA TYR A 70 -9.21 -1.10 0.93
C TYR A 70 -9.69 -1.45 2.32
N LYS A 71 -10.97 -1.78 2.43
CA LYS A 71 -11.57 -2.15 3.71
C LYS A 71 -11.34 -3.62 4.02
N ARG A 72 -11.25 -4.44 2.97
CA ARG A 72 -11.04 -5.87 3.13
C ARG A 72 -9.56 -6.21 3.07
N ARG A 73 -9.20 -7.38 3.60
CA ARG A 73 -7.81 -7.82 3.61
C ARG A 73 -7.32 -8.10 2.19
N LEU A 74 -6.01 -8.21 2.04
CA LEU A 74 -5.40 -8.48 0.73
C LEU A 74 -5.83 -9.85 0.22
N LEU A 75 -5.49 -10.89 0.98
CA LEU A 75 -5.84 -12.26 0.62
C LEU A 75 -7.31 -12.36 0.19
N ASP A 76 -8.13 -11.51 0.77
CA ASP A 76 -9.56 -11.50 0.46
C ASP A 76 -9.79 -11.08 -0.99
N LEU A 77 -8.94 -10.20 -1.49
CA LEU A 77 -9.06 -9.72 -2.86
C LEU A 77 -8.22 -10.57 -3.81
N GLU A 78 -7.94 -11.80 -3.39
CA GLU A 78 -7.15 -12.72 -4.21
C GLU A 78 -5.73 -12.20 -4.40
N LEU A 79 -5.25 -11.46 -3.40
CA LEU A 79 -3.90 -10.90 -3.46
C LEU A 79 -3.00 -11.52 -2.41
N ALA A 80 -3.43 -12.66 -1.88
CA ALA A 80 -2.65 -13.37 -0.86
C ALA A 80 -1.32 -13.86 -1.42
N PRO A 81 -1.39 -14.64 -2.51
CA PRO A 81 -0.20 -15.19 -3.17
C PRO A 81 0.64 -14.11 -3.85
N SER A 82 0.34 -13.86 -5.12
CA SER A 82 1.08 -12.87 -5.89
C SER A 82 0.11 -11.84 -6.50
N ALA A 83 0.44 -10.56 -6.32
CA ALA A 83 -0.39 -9.48 -6.84
C ALA A 83 0.47 -8.37 -7.44
N SER A 84 -0.09 -7.66 -8.42
CA SER A 84 0.63 -6.58 -9.08
C SER A 84 -0.24 -5.32 -9.15
N VAL A 85 0.07 -4.35 -8.30
CA VAL A 85 -0.68 -3.10 -8.26
C VAL A 85 0.11 -1.97 -8.91
N VAL A 86 -0.37 -1.49 -10.06
CA VAL A 86 0.29 -0.41 -10.78
C VAL A 86 0.05 0.92 -10.09
N LEU A 87 1.12 1.69 -9.92
CA LEU A 87 1.04 3.00 -9.28
C LEU A 87 0.76 4.09 -10.31
N LEU A 88 -0.31 4.85 -10.09
CA LEU A 88 -0.68 5.93 -11.00
C LEU A 88 -0.45 7.30 -10.35
N PRO A 89 0.48 8.07 -10.93
CA PRO A 89 0.81 9.41 -10.42
C PRO A 89 -0.32 10.42 -10.63
N ALA A 90 -0.44 11.36 -9.71
CA ALA A 90 -1.48 12.38 -9.80
C ALA A 90 -1.03 13.55 -10.66
N GLY A 91 0.21 14.00 -10.44
CA GLY A 91 0.75 15.11 -11.19
C GLY A 91 1.60 16.04 -10.35
N ARG A 92 0.96 16.78 -9.45
CA ARG A 92 1.67 17.70 -8.57
C ARG A 92 2.12 17.01 -7.29
N PRO A 93 3.30 17.38 -6.80
CA PRO A 93 3.87 16.81 -5.58
C PRO A 93 3.11 17.24 -4.32
N ALA A 94 2.28 16.34 -3.80
CA ALA A 94 1.50 16.62 -2.61
C ALA A 94 2.35 16.49 -1.36
N THR A 95 1.88 17.08 -0.26
CA THR A 95 2.59 17.03 1.01
C THR A 95 1.81 16.23 2.05
N SER A 96 2.54 15.46 2.86
CA SER A 96 1.90 14.64 3.89
C SER A 96 2.60 14.85 5.23
N ILE A 97 1.80 15.05 6.28
CA ILE A 97 2.34 15.26 7.62
C ILE A 97 2.27 13.98 8.44
N VAL A 98 3.28 13.77 9.29
CA VAL A 98 3.33 12.59 10.14
C VAL A 98 3.61 12.96 11.59
N HIS A 99 2.63 12.72 12.46
CA HIS A 99 2.76 13.02 13.87
C HIS A 99 2.51 11.79 14.72
N SER A 100 3.58 11.18 15.22
CA SER A 100 3.48 9.98 16.04
C SER A 100 4.84 9.58 16.59
N SER A 101 4.84 8.95 17.77
CA SER A 101 6.07 8.52 18.41
C SER A 101 6.41 7.08 18.01
N SER A 102 7.54 6.60 18.50
CA SER A 102 7.99 5.25 18.20
C SER A 102 8.00 4.38 19.46
N GLY A 103 8.85 4.76 20.41
CA GLY A 103 8.94 4.01 21.66
C GLY A 103 9.60 2.66 21.47
N ASP A 104 10.78 2.49 22.06
CA ASP A 104 11.52 1.23 21.96
C ASP A 104 11.30 0.37 23.20
N ILE A 105 11.33 -0.94 23.01
CA ILE A 105 11.14 -1.87 24.12
C ILE A 105 12.47 -2.37 24.65
N LEU A 106 12.50 -2.74 25.93
CA LEU A 106 13.72 -3.25 26.56
C LEU A 106 13.40 -4.41 27.49
N MET A 107 14.27 -5.43 27.47
CA MET A 107 14.08 -6.59 28.31
C MET A 107 15.39 -6.99 28.99
N ILE A 108 15.29 -7.51 30.22
CA ILE A 108 16.48 -7.92 30.96
C ILE A 108 16.54 -9.44 31.06
N ASP A 109 17.77 -9.97 31.05
CA ASP A 109 17.98 -11.41 31.13
C ASP A 109 16.97 -12.05 32.08
N GLY A 1 -12.07 -0.61 10.37
CA GLY A 1 -12.69 -0.17 11.61
C GLY A 1 -12.56 -1.21 12.72
N SER A 2 -12.73 -2.47 12.37
CA SER A 2 -12.64 -3.56 13.34
C SER A 2 -11.64 -4.61 12.88
N SER A 3 -11.70 -4.96 11.60
CA SER A 3 -10.81 -5.97 11.03
C SER A 3 -9.40 -5.40 10.86
N GLY A 4 -8.39 -6.26 11.05
CA GLY A 4 -7.02 -5.83 10.92
C GLY A 4 -6.16 -6.25 12.10
N SER A 5 -6.68 -6.02 13.31
CA SER A 5 -5.95 -6.37 14.52
C SER A 5 -5.44 -7.81 14.45
N SER A 6 -4.28 -8.05 15.04
CA SER A 6 -3.67 -9.37 15.05
C SER A 6 -4.65 -10.41 15.57
N GLY A 7 -4.28 -11.69 15.46
CA GLY A 7 -5.13 -12.76 15.93
C GLY A 7 -4.55 -14.13 15.66
N ARG A 8 -4.40 -14.46 14.38
CA ARG A 8 -3.85 -15.75 13.97
C ARG A 8 -2.34 -15.78 14.18
N ASP A 9 -1.89 -16.74 14.99
CA ASP A 9 -0.47 -16.89 15.27
C ASP A 9 0.36 -16.70 14.01
N ARG A 10 0.16 -17.57 13.04
CA ARG A 10 0.89 -17.50 11.78
C ARG A 10 0.20 -16.56 10.80
N SER A 11 0.92 -15.53 10.36
CA SER A 11 0.38 -14.55 9.44
C SER A 11 1.04 -14.68 8.06
N THR A 12 0.43 -15.48 7.19
CA THR A 12 0.96 -15.69 5.84
C THR A 12 1.43 -14.37 5.23
N ILE A 13 2.42 -14.46 4.35
CA ILE A 13 2.96 -13.28 3.70
C ILE A 13 2.35 -13.09 2.31
N ALA A 14 2.41 -11.87 1.80
CA ALA A 14 1.87 -11.57 0.48
C ALA A 14 2.88 -10.81 -0.37
N ARG A 15 2.82 -11.03 -1.67
CA ARG A 15 3.74 -10.36 -2.60
C ARG A 15 3.02 -9.25 -3.37
N ILE A 16 3.40 -8.01 -3.11
CA ILE A 16 2.80 -6.86 -3.79
C ILE A 16 3.84 -6.07 -4.57
N GLN A 17 3.82 -6.21 -5.88
CA GLN A 17 4.76 -5.50 -6.75
C GLN A 17 4.24 -4.11 -7.08
N PHE A 18 5.11 -3.11 -6.92
CA PHE A 18 4.74 -1.72 -7.21
C PHE A 18 5.45 -1.22 -8.46
N ARG A 19 4.71 -1.13 -9.56
CA ARG A 19 5.28 -0.66 -10.82
C ARG A 19 5.16 0.86 -10.94
N LEU A 20 6.29 1.50 -11.19
CA LEU A 20 6.32 2.96 -11.33
C LEU A 20 6.23 3.36 -12.79
N PRO A 21 5.68 4.57 -13.04
CA PRO A 21 5.52 5.11 -14.40
C PRO A 21 6.86 5.48 -15.03
N ASP A 22 7.94 5.27 -14.28
CA ASP A 22 9.28 5.57 -14.77
C ASP A 22 9.94 4.34 -15.38
N GLY A 23 9.82 3.22 -14.69
CA GLY A 23 10.41 1.98 -15.17
C GLY A 23 10.76 1.02 -14.05
N SER A 24 11.31 1.57 -12.96
CA SER A 24 11.70 0.75 -11.82
C SER A 24 10.47 0.30 -11.04
N SER A 25 10.69 -0.62 -10.10
CA SER A 25 9.60 -1.15 -9.28
C SER A 25 10.12 -1.70 -7.96
N PHE A 26 9.22 -1.91 -7.01
CA PHE A 26 9.59 -2.43 -5.69
C PHE A 26 8.48 -3.30 -5.12
N THR A 27 8.86 -4.44 -4.57
CA THR A 27 7.90 -5.37 -3.98
C THR A 27 8.20 -5.62 -2.51
N ASN A 28 7.31 -5.16 -1.64
CA ASN A 28 7.49 -5.33 -0.20
C ASN A 28 6.77 -6.59 0.28
N GLN A 29 6.90 -6.87 1.57
CA GLN A 29 6.26 -8.05 2.16
C GLN A 29 5.17 -7.64 3.15
N PHE A 30 3.95 -8.08 2.88
CA PHE A 30 2.81 -7.75 3.74
C PHE A 30 2.02 -9.01 4.09
N PRO A 31 1.42 -9.02 5.29
CA PRO A 31 0.63 -10.16 5.77
C PRO A 31 -0.69 -10.30 5.01
N SER A 32 -0.92 -11.50 4.47
CA SER A 32 -2.14 -11.77 3.72
C SER A 32 -3.34 -11.05 4.34
N ASP A 33 -3.30 -10.88 5.66
CA ASP A 33 -4.37 -10.20 6.37
C ASP A 33 -4.36 -8.71 6.09
N ALA A 34 -3.19 -8.11 6.12
CA ALA A 34 -3.03 -6.68 5.86
C ALA A 34 -3.93 -6.24 4.70
N PRO A 35 -4.80 -5.25 4.97
CA PRO A 35 -5.72 -4.72 3.96
C PRO A 35 -4.99 -3.93 2.88
N LEU A 36 -5.52 -3.98 1.66
CA LEU A 36 -4.93 -3.27 0.53
C LEU A 36 -4.30 -1.96 0.98
N GLU A 37 -5.01 -1.25 1.85
CA GLU A 37 -4.52 0.04 2.36
C GLU A 37 -3.05 -0.06 2.75
N GLU A 38 -2.73 -1.04 3.60
CA GLU A 38 -1.35 -1.24 4.06
C GLU A 38 -0.37 -1.07 2.89
N ALA A 39 -0.69 -1.69 1.76
CA ALA A 39 0.17 -1.61 0.59
C ALA A 39 0.25 -0.18 0.06
N ARG A 40 -0.90 0.50 0.02
CA ARG A 40 -0.96 1.87 -0.46
C ARG A 40 -0.04 2.76 0.36
N GLN A 41 -0.11 2.64 1.68
CA GLN A 41 0.72 3.45 2.57
C GLN A 41 2.20 3.26 2.25
N PHE A 42 2.68 2.03 2.38
CA PHE A 42 4.08 1.71 2.11
C PHE A 42 4.56 2.44 0.86
N ALA A 43 3.89 2.19 -0.27
CA ALA A 43 4.25 2.82 -1.53
C ALA A 43 4.34 4.33 -1.39
N ALA A 44 3.39 4.91 -0.66
CA ALA A 44 3.37 6.35 -0.44
C ALA A 44 4.60 6.81 0.32
N GLN A 45 5.08 5.98 1.24
CA GLN A 45 6.26 6.31 2.03
C GLN A 45 7.50 6.41 1.15
N THR A 46 7.45 5.75 -0.01
CA THR A 46 8.57 5.76 -0.94
C THR A 46 8.37 6.83 -2.01
N VAL A 47 7.21 6.83 -2.64
CA VAL A 47 6.90 7.80 -3.68
C VAL A 47 6.08 8.96 -3.13
N GLY A 48 6.26 9.24 -1.84
CA GLY A 48 5.53 10.33 -1.21
C GLY A 48 5.53 11.59 -2.04
N ASN A 49 6.66 12.31 -2.02
CA ASN A 49 6.79 13.55 -2.78
C ASN A 49 7.31 13.26 -4.19
N THR A 50 6.76 12.25 -4.83
CA THR A 50 7.16 11.87 -6.18
C THR A 50 6.05 12.16 -7.18
N TYR A 51 4.85 11.70 -6.87
CA TYR A 51 3.70 11.91 -7.75
C TYR A 51 2.59 12.68 -7.04
N GLY A 52 2.33 12.32 -5.78
CA GLY A 52 1.31 12.98 -5.01
C GLY A 52 0.18 12.04 -4.62
N ASN A 53 -1.04 12.37 -5.04
CA ASN A 53 -2.20 11.55 -4.73
C ASN A 53 -2.34 10.40 -5.72
N PHE A 54 -1.22 9.79 -6.08
CA PHE A 54 -1.22 8.68 -7.02
C PHE A 54 -2.22 7.61 -6.60
N SER A 55 -2.80 6.93 -7.59
CA SER A 55 -3.79 5.89 -7.32
C SER A 55 -3.18 4.50 -7.56
N LEU A 56 -3.98 3.46 -7.31
CA LEU A 56 -3.52 2.09 -7.51
C LEU A 56 -4.55 1.30 -8.31
N ALA A 57 -4.04 0.39 -9.15
CA ALA A 57 -4.92 -0.44 -9.98
C ALA A 57 -4.22 -1.75 -10.35
N THR A 58 -4.97 -2.66 -10.97
CA THR A 58 -4.44 -3.95 -11.38
C THR A 58 -3.76 -3.85 -12.75
N MET A 59 -3.30 -4.99 -13.25
CA MET A 59 -2.64 -5.04 -14.55
C MET A 59 -3.35 -6.00 -15.49
N PHE A 60 -3.68 -7.18 -14.99
CA PHE A 60 -4.36 -8.20 -15.79
C PHE A 60 -5.79 -7.77 -16.08
N PRO A 61 -6.64 -7.76 -15.05
CA PRO A 61 -8.05 -7.37 -15.18
C PRO A 61 -8.22 -5.89 -15.46
N ARG A 62 -7.12 -5.13 -15.35
CA ARG A 62 -7.15 -3.70 -15.60
C ARG A 62 -8.39 -3.07 -14.96
N ARG A 63 -8.57 -3.29 -13.67
CA ARG A 63 -9.71 -2.75 -12.95
C ARG A 63 -9.25 -1.91 -11.76
N GLU A 64 -9.95 -0.80 -11.53
CA GLU A 64 -9.62 0.09 -10.41
C GLU A 64 -10.28 -0.38 -9.12
N PHE A 65 -9.55 -0.30 -8.02
CA PHE A 65 -10.05 -0.72 -6.72
C PHE A 65 -11.05 0.30 -6.18
N THR A 66 -11.80 -0.10 -5.16
CA THR A 66 -12.79 0.78 -4.54
C THR A 66 -12.57 0.88 -3.03
N ARG A 67 -13.01 1.99 -2.46
CA ARG A 67 -12.87 2.21 -1.02
C ARG A 67 -13.07 0.92 -0.25
N GLU A 68 -14.12 0.17 -0.61
CA GLU A 68 -14.42 -1.09 0.06
C GLU A 68 -13.21 -2.03 0.02
N ASP A 69 -12.55 -2.08 -1.14
CA ASP A 69 -11.38 -2.94 -1.31
C ASP A 69 -10.34 -2.65 -0.24
N TYR A 70 -10.06 -1.38 -0.01
CA TYR A 70 -9.08 -0.97 0.99
C TYR A 70 -9.48 -1.47 2.37
N LYS A 71 -10.77 -1.65 2.59
CA LYS A 71 -11.28 -2.13 3.87
C LYS A 71 -11.14 -3.65 3.98
N ARG A 72 -11.10 -4.32 2.83
CA ARG A 72 -10.98 -5.78 2.80
C ARG A 72 -9.51 -6.19 2.87
N ARG A 73 -9.28 -7.45 3.23
CA ARG A 73 -7.92 -7.97 3.34
C ARG A 73 -7.35 -8.29 1.96
N LEU A 74 -6.03 -8.30 1.86
CA LEU A 74 -5.36 -8.59 0.59
C LEU A 74 -5.77 -9.96 0.07
N LEU A 75 -5.51 -11.00 0.86
CA LEU A 75 -5.86 -12.36 0.47
C LEU A 75 -7.29 -12.43 -0.04
N ASP A 76 -8.17 -11.62 0.55
CA ASP A 76 -9.58 -11.60 0.14
C ASP A 76 -9.73 -11.05 -1.28
N LEU A 77 -8.89 -10.09 -1.63
CA LEU A 77 -8.92 -9.49 -2.96
C LEU A 77 -8.07 -10.29 -3.94
N GLU A 78 -7.77 -11.54 -3.58
CA GLU A 78 -6.97 -12.40 -4.44
C GLU A 78 -5.56 -11.87 -4.59
N LEU A 79 -5.06 -11.22 -3.53
CA LEU A 79 -3.72 -10.66 -3.54
C LEU A 79 -2.83 -11.33 -2.49
N ALA A 80 -3.22 -12.53 -2.08
CA ALA A 80 -2.47 -13.28 -1.09
C ALA A 80 -1.11 -13.72 -1.64
N PRO A 81 -1.15 -14.53 -2.71
CA PRO A 81 0.06 -15.03 -3.36
C PRO A 81 0.84 -13.94 -4.09
N SER A 82 0.54 -13.74 -5.36
CA SER A 82 1.20 -12.73 -6.17
C SER A 82 0.20 -11.70 -6.69
N ALA A 83 0.57 -10.43 -6.61
CA ALA A 83 -0.29 -9.35 -7.08
C ALA A 83 0.52 -8.24 -7.73
N SER A 84 -0.06 -7.59 -8.74
CA SER A 84 0.60 -6.51 -9.45
C SER A 84 -0.25 -5.25 -9.45
N VAL A 85 0.18 -4.26 -8.68
CA VAL A 85 -0.54 -2.99 -8.59
C VAL A 85 0.21 -1.88 -9.31
N VAL A 86 -0.42 -1.31 -10.34
CA VAL A 86 0.18 -0.23 -11.11
C VAL A 86 0.04 1.11 -10.39
N LEU A 87 1.08 1.93 -10.50
CA LEU A 87 1.07 3.25 -9.86
C LEU A 87 0.57 4.32 -10.82
N LEU A 88 -0.58 4.90 -10.49
CA LEU A 88 -1.17 5.95 -11.32
C LEU A 88 -0.88 7.33 -10.76
N PRO A 89 0.13 8.01 -11.33
CA PRO A 89 0.54 9.35 -10.90
C PRO A 89 -0.51 10.40 -11.25
N ALA A 90 -0.72 11.34 -10.34
CA ALA A 90 -1.68 12.42 -10.55
C ALA A 90 -1.03 13.62 -11.21
N GLY A 91 -0.09 14.24 -10.50
CA GLY A 91 0.60 15.40 -11.02
C GLY A 91 1.48 16.07 -9.98
N ARG A 92 0.87 16.93 -9.17
CA ARG A 92 1.60 17.64 -8.13
C ARG A 92 1.76 16.79 -6.88
N PRO A 93 2.99 16.72 -6.35
CA PRO A 93 3.28 15.94 -5.15
C PRO A 93 2.67 16.54 -3.90
N ALA A 94 2.96 15.92 -2.75
CA ALA A 94 2.44 16.41 -1.48
C ALA A 94 3.32 15.95 -0.31
N THR A 95 4.06 16.88 0.27
CA THR A 95 4.94 16.57 1.38
C THR A 95 4.20 15.82 2.48
N SER A 96 4.86 14.81 3.04
CA SER A 96 4.26 14.00 4.10
C SER A 96 5.31 13.54 5.10
N ILE A 97 5.09 13.85 6.37
CA ILE A 97 6.02 13.46 7.42
C ILE A 97 6.03 11.95 7.63
N VAL A 98 7.22 11.39 7.79
CA VAL A 98 7.37 9.95 8.00
C VAL A 98 7.65 9.63 9.47
N HIS A 99 7.10 8.52 9.94
CA HIS A 99 7.30 8.10 11.32
C HIS A 99 7.99 6.75 11.39
N SER A 100 9.28 6.76 11.73
CA SER A 100 10.06 5.53 11.83
C SER A 100 10.67 5.39 13.22
N SER A 101 10.49 4.21 13.81
CA SER A 101 11.01 3.93 15.14
C SER A 101 11.25 2.43 15.34
N SER A 102 12.43 2.09 15.84
CA SER A 102 12.78 0.70 16.07
C SER A 102 13.44 0.52 17.43
N GLY A 103 13.51 -0.73 17.89
CA GLY A 103 14.12 -1.00 19.17
C GLY A 103 15.49 -1.64 19.05
N ASP A 104 16.48 -1.04 19.70
CA ASP A 104 17.85 -1.54 19.66
C ASP A 104 18.42 -1.69 21.06
N ILE A 105 17.96 -0.85 21.98
CA ILE A 105 18.42 -0.88 23.36
C ILE A 105 17.47 -1.68 24.24
N LEU A 106 18.02 -2.52 25.11
CA LEU A 106 17.22 -3.34 26.01
C LEU A 106 18.03 -3.74 27.24
N MET A 107 17.32 -4.00 28.34
CA MET A 107 17.97 -4.39 29.58
C MET A 107 17.61 -5.82 29.95
N ILE A 108 18.53 -6.50 30.64
CA ILE A 108 18.32 -7.88 31.05
C ILE A 108 18.38 -8.02 32.57
N ASP A 109 17.36 -8.66 33.14
CA ASP A 109 17.30 -8.87 34.58
C ASP A 109 18.10 -10.10 35.00
N GLY A 1 -7.07 3.96 14.32
CA GLY A 1 -7.49 4.55 15.58
C GLY A 1 -7.96 3.50 16.57
N SER A 2 -8.74 2.54 16.09
CA SER A 2 -9.26 1.48 16.96
C SER A 2 -8.13 0.67 17.57
N SER A 3 -7.69 1.08 18.76
CA SER A 3 -6.61 0.40 19.45
C SER A 3 -6.89 -1.10 19.57
N GLY A 4 -6.23 -1.88 18.72
CA GLY A 4 -6.43 -3.33 18.74
C GLY A 4 -5.17 -4.07 19.13
N SER A 5 -4.69 -4.92 18.23
CA SER A 5 -3.48 -5.70 18.48
C SER A 5 -3.00 -6.38 17.20
N SER A 6 -1.68 -6.55 17.10
CA SER A 6 -1.09 -7.18 15.92
C SER A 6 0.41 -7.39 16.12
N GLY A 7 1.08 -7.90 15.10
CA GLY A 7 2.50 -8.15 15.18
C GLY A 7 2.90 -9.46 14.53
N ARG A 8 3.80 -10.19 15.19
CA ARG A 8 4.27 -11.47 14.67
C ARG A 8 3.36 -12.60 15.13
N ASP A 9 2.84 -13.37 14.18
CA ASP A 9 1.96 -14.49 14.48
C ASP A 9 1.85 -15.44 13.29
N ARG A 10 1.28 -16.62 13.53
CA ARG A 10 1.12 -17.61 12.48
C ARG A 10 0.25 -17.09 11.35
N SER A 11 0.89 -16.51 10.33
CA SER A 11 0.18 -15.97 9.18
C SER A 11 0.97 -16.18 7.89
N THR A 12 0.32 -15.92 6.77
CA THR A 12 0.97 -16.08 5.46
C THR A 12 1.42 -14.73 4.91
N ILE A 13 2.52 -14.74 4.17
CA ILE A 13 3.05 -13.51 3.58
C ILE A 13 2.43 -13.25 2.22
N ALA A 14 2.40 -11.98 1.82
CA ALA A 14 1.82 -11.59 0.54
C ALA A 14 2.86 -10.87 -0.33
N ARG A 15 2.82 -11.14 -1.62
CA ARG A 15 3.75 -10.52 -2.56
C ARG A 15 3.06 -9.44 -3.39
N ILE A 16 3.28 -8.18 -3.02
CA ILE A 16 2.68 -7.06 -3.73
C ILE A 16 3.71 -6.29 -4.54
N GLN A 17 3.51 -6.24 -5.86
CA GLN A 17 4.43 -5.55 -6.74
C GLN A 17 3.93 -4.14 -7.04
N PHE A 18 4.83 -3.16 -6.90
CA PHE A 18 4.47 -1.77 -7.16
C PHE A 18 5.17 -1.25 -8.42
N ARG A 19 4.37 -0.99 -9.46
CA ARG A 19 4.92 -0.50 -10.71
C ARG A 19 4.89 1.02 -10.76
N LEU A 20 5.99 1.62 -11.19
CA LEU A 20 6.10 3.07 -11.27
C LEU A 20 6.11 3.53 -12.73
N PRO A 21 5.61 4.75 -12.97
CA PRO A 21 5.57 5.33 -14.32
C PRO A 21 6.95 5.69 -14.85
N ASP A 22 7.95 5.63 -13.96
CA ASP A 22 9.32 5.94 -14.35
C ASP A 22 9.98 4.74 -15.02
N GLY A 23 9.82 3.56 -14.43
CA GLY A 23 10.41 2.37 -14.99
C GLY A 23 10.74 1.34 -13.93
N SER A 24 11.32 1.79 -12.83
CA SER A 24 11.70 0.90 -11.73
C SER A 24 10.49 0.53 -10.89
N SER A 25 10.63 -0.51 -10.08
CA SER A 25 9.55 -0.96 -9.22
C SER A 25 10.08 -1.49 -7.89
N PHE A 26 9.18 -1.75 -6.96
CA PHE A 26 9.56 -2.24 -5.63
C PHE A 26 8.45 -3.10 -5.03
N THR A 27 8.81 -4.26 -4.51
CA THR A 27 7.85 -5.18 -3.91
C THR A 27 8.21 -5.46 -2.46
N ASN A 28 7.34 -4.99 -1.55
CA ASN A 28 7.57 -5.21 -0.12
C ASN A 28 6.87 -6.48 0.36
N GLN A 29 6.93 -6.73 1.66
CA GLN A 29 6.31 -7.91 2.24
C GLN A 29 5.19 -7.51 3.20
N PHE A 30 3.98 -8.00 2.91
CA PHE A 30 2.82 -7.70 3.74
C PHE A 30 2.06 -8.97 4.09
N PRO A 31 1.46 -8.99 5.29
CA PRO A 31 0.69 -10.15 5.78
C PRO A 31 -0.61 -10.33 5.01
N SER A 32 -0.82 -11.55 4.49
CA SER A 32 -2.03 -11.86 3.73
C SER A 32 -3.25 -11.15 4.33
N ASP A 33 -3.21 -10.95 5.64
CA ASP A 33 -4.31 -10.29 6.34
C ASP A 33 -4.33 -8.79 6.03
N ALA A 34 -3.16 -8.17 6.06
CA ALA A 34 -3.04 -6.75 5.79
C ALA A 34 -3.94 -6.35 4.62
N PRO A 35 -4.78 -5.32 4.84
CA PRO A 35 -5.69 -4.82 3.81
C PRO A 35 -4.96 -4.10 2.68
N LEU A 36 -5.54 -4.15 1.49
CA LEU A 36 -4.95 -3.51 0.33
C LEU A 36 -4.28 -2.19 0.71
N GLU A 37 -5.00 -1.38 1.47
CA GLU A 37 -4.49 -0.08 1.90
C GLU A 37 -3.03 -0.21 2.35
N GLU A 38 -2.75 -1.20 3.18
CA GLU A 38 -1.39 -1.42 3.67
C GLU A 38 -0.38 -1.23 2.56
N ALA A 39 -0.71 -1.70 1.36
CA ALA A 39 0.19 -1.57 0.22
C ALA A 39 0.30 -0.13 -0.24
N ARG A 40 -0.82 0.61 -0.15
CA ARG A 40 -0.85 2.00 -0.55
C ARG A 40 0.05 2.85 0.36
N GLN A 41 0.09 2.51 1.63
CA GLN A 41 0.90 3.23 2.60
C GLN A 41 2.38 3.16 2.23
N PHE A 42 2.89 1.93 2.11
CA PHE A 42 4.29 1.73 1.77
C PHE A 42 4.64 2.42 0.46
N ALA A 43 3.76 2.30 -0.53
CA ALA A 43 3.97 2.92 -1.82
C ALA A 43 4.05 4.43 -1.71
N ALA A 44 3.18 5.01 -0.88
CA ALA A 44 3.17 6.45 -0.67
C ALA A 44 4.47 6.94 -0.03
N GLN A 45 4.95 6.17 0.94
CA GLN A 45 6.19 6.52 1.64
C GLN A 45 7.40 6.33 0.73
N THR A 46 7.43 5.20 0.04
CA THR A 46 8.53 4.89 -0.86
C THR A 46 8.74 6.00 -1.88
N VAL A 47 7.68 6.36 -2.59
CA VAL A 47 7.74 7.42 -3.59
C VAL A 47 7.70 8.80 -2.93
N GLY A 48 7.11 8.86 -1.74
CA GLY A 48 7.02 10.13 -1.03
C GLY A 48 6.12 11.12 -1.75
N ASN A 49 6.51 12.39 -1.71
CA ASN A 49 5.75 13.45 -2.35
C ASN A 49 6.26 13.70 -3.78
N THR A 50 6.53 12.63 -4.50
CA THR A 50 7.03 12.73 -5.86
C THR A 50 5.88 12.86 -6.86
N TYR A 51 4.87 12.01 -6.70
CA TYR A 51 3.71 12.03 -7.59
C TYR A 51 2.58 12.86 -6.99
N GLY A 52 2.38 12.73 -5.68
CA GLY A 52 1.33 13.47 -5.00
C GLY A 52 0.24 12.57 -4.46
N ASN A 53 -0.97 12.71 -5.01
CA ASN A 53 -2.09 11.91 -4.57
C ASN A 53 -2.35 10.74 -5.53
N PHE A 54 -1.26 10.12 -5.99
CA PHE A 54 -1.36 9.00 -6.93
C PHE A 54 -2.35 7.95 -6.41
N SER A 55 -2.60 6.94 -7.22
CA SER A 55 -3.52 5.87 -6.84
C SER A 55 -2.96 4.51 -7.24
N LEU A 56 -3.71 3.46 -6.91
CA LEU A 56 -3.29 2.09 -7.23
C LEU A 56 -4.38 1.35 -7.99
N ALA A 57 -3.97 0.49 -8.91
CA ALA A 57 -4.91 -0.30 -9.70
C ALA A 57 -4.30 -1.63 -10.13
N THR A 58 -5.15 -2.58 -10.50
CA THR A 58 -4.70 -3.89 -10.93
C THR A 58 -3.98 -3.80 -12.28
N MET A 59 -3.59 -4.96 -12.81
CA MET A 59 -2.90 -5.02 -14.09
C MET A 59 -3.73 -5.76 -15.12
N PHE A 60 -4.15 -6.97 -14.78
CA PHE A 60 -4.97 -7.78 -15.68
C PHE A 60 -6.36 -7.20 -15.84
N PRO A 61 -7.15 -7.24 -14.76
CA PRO A 61 -8.52 -6.72 -14.74
C PRO A 61 -8.56 -5.20 -14.84
N ARG A 62 -7.40 -4.57 -14.70
CA ARG A 62 -7.31 -3.12 -14.77
C ARG A 62 -8.56 -2.46 -14.20
N ARG A 63 -8.93 -2.87 -12.99
CA ARG A 63 -10.10 -2.32 -12.32
C ARG A 63 -9.70 -1.40 -11.18
N GLU A 64 -10.14 -0.15 -11.26
CA GLU A 64 -9.83 0.84 -10.22
C GLU A 64 -10.40 0.40 -8.87
N PHE A 65 -9.52 -0.04 -7.97
CA PHE A 65 -9.95 -0.48 -6.64
C PHE A 65 -10.98 0.48 -6.06
N THR A 66 -11.91 -0.09 -5.28
CA THR A 66 -12.96 0.71 -4.66
C THR A 66 -12.71 0.90 -3.17
N ARG A 67 -13.14 2.04 -2.64
CA ARG A 67 -12.96 2.34 -1.22
C ARG A 67 -13.13 1.08 -0.37
N GLU A 68 -14.09 0.25 -0.74
CA GLU A 68 -14.36 -0.98 -0.01
C GLU A 68 -13.17 -1.94 -0.10
N ASP A 69 -12.61 -2.07 -1.30
CA ASP A 69 -11.47 -2.95 -1.52
C ASP A 69 -10.39 -2.70 -0.48
N TYR A 70 -10.09 -1.44 -0.22
CA TYR A 70 -9.08 -1.07 0.75
C TYR A 70 -9.46 -1.56 2.14
N LYS A 71 -10.76 -1.68 2.38
CA LYS A 71 -11.25 -2.14 3.68
C LYS A 71 -11.12 -3.66 3.80
N ARG A 72 -11.11 -4.35 2.66
CA ARG A 72 -11.00 -5.80 2.65
C ARG A 72 -9.54 -6.23 2.78
N ARG A 73 -9.33 -7.48 3.15
CA ARG A 73 -7.98 -8.02 3.32
C ARG A 73 -7.37 -8.38 1.97
N LEU A 74 -6.06 -8.29 1.88
CA LEU A 74 -5.35 -8.61 0.64
C LEU A 74 -5.77 -9.99 0.12
N LEU A 75 -5.48 -11.02 0.91
CA LEU A 75 -5.83 -12.39 0.53
C LEU A 75 -7.25 -12.46 -0.03
N ASP A 76 -8.15 -11.68 0.56
CA ASP A 76 -9.54 -11.65 0.13
C ASP A 76 -9.66 -11.05 -1.27
N LEU A 77 -8.82 -10.06 -1.56
CA LEU A 77 -8.84 -9.40 -2.87
C LEU A 77 -8.04 -10.21 -3.88
N GLU A 78 -7.75 -11.46 -3.55
CA GLU A 78 -6.99 -12.33 -4.44
C GLU A 78 -5.56 -11.84 -4.60
N LEU A 79 -5.01 -11.28 -3.54
CA LEU A 79 -3.65 -10.76 -3.57
C LEU A 79 -2.78 -11.47 -2.54
N ALA A 80 -3.23 -12.63 -2.08
CA ALA A 80 -2.49 -13.41 -1.10
C ALA A 80 -1.14 -13.83 -1.65
N PRO A 81 -1.16 -14.61 -2.74
CA PRO A 81 0.06 -15.10 -3.38
C PRO A 81 0.85 -13.99 -4.07
N SER A 82 0.54 -13.76 -5.35
CA SER A 82 1.23 -12.72 -6.12
C SER A 82 0.24 -11.65 -6.57
N ALA A 83 0.67 -10.39 -6.47
CA ALA A 83 -0.18 -9.27 -6.87
C ALA A 83 0.65 -8.16 -7.52
N SER A 84 0.04 -7.44 -8.45
CA SER A 84 0.73 -6.36 -9.16
C SER A 84 -0.14 -5.11 -9.18
N VAL A 85 0.17 -4.15 -8.31
CA VAL A 85 -0.58 -2.91 -8.24
C VAL A 85 0.15 -1.79 -8.95
N VAL A 86 -0.44 -1.30 -10.05
CA VAL A 86 0.17 -0.24 -10.83
C VAL A 86 -0.10 1.12 -10.19
N LEU A 87 0.96 1.93 -10.08
CA LEU A 87 0.85 3.25 -9.48
C LEU A 87 0.48 4.30 -10.53
N LEU A 88 -0.64 4.98 -10.33
CA LEU A 88 -1.09 6.00 -11.27
C LEU A 88 -0.87 7.40 -10.69
N PRO A 89 0.11 8.13 -11.26
CA PRO A 89 0.44 9.48 -10.83
C PRO A 89 -0.65 10.50 -11.17
N ALA A 90 -0.88 11.44 -10.25
CA ALA A 90 -1.90 12.46 -10.47
C ALA A 90 -1.26 13.80 -10.83
N GLY A 91 -1.04 14.01 -12.13
CA GLY A 91 -0.44 15.25 -12.58
C GLY A 91 -1.42 16.41 -12.56
N ARG A 92 -2.12 16.57 -11.45
CA ARG A 92 -3.09 17.65 -11.31
C ARG A 92 -2.59 18.71 -10.33
N PRO A 93 -3.08 19.95 -10.49
CA PRO A 93 -2.70 21.07 -9.64
C PRO A 93 -3.26 20.94 -8.22
N ALA A 94 -3.89 19.80 -7.95
CA ALA A 94 -4.47 19.55 -6.64
C ALA A 94 -3.42 18.99 -5.68
N THR A 95 -3.29 19.64 -4.52
CA THR A 95 -2.32 19.21 -3.51
C THR A 95 -3.02 18.76 -2.24
N SER A 96 -3.22 17.45 -2.11
CA SER A 96 -3.87 16.89 -0.93
C SER A 96 -2.92 16.01 -0.14
N ILE A 97 -2.37 16.55 0.95
CA ILE A 97 -1.43 15.82 1.79
C ILE A 97 -2.05 14.50 2.26
N VAL A 98 -1.24 13.44 2.25
CA VAL A 98 -1.70 12.12 2.68
C VAL A 98 -1.24 11.83 4.10
N HIS A 99 -2.21 11.65 5.00
CA HIS A 99 -1.92 11.36 6.40
C HIS A 99 -0.89 10.23 6.51
N SER A 100 -0.19 10.19 7.65
CA SER A 100 0.82 9.17 7.88
C SER A 100 0.49 8.34 9.12
N SER A 101 1.15 7.20 9.25
CA SER A 101 0.92 6.31 10.39
C SER A 101 1.96 5.19 10.43
N SER A 102 2.25 4.71 11.63
CA SER A 102 3.24 3.65 11.80
C SER A 102 3.22 3.12 13.24
N GLY A 103 3.55 1.84 13.39
CA GLY A 103 3.57 1.24 14.71
C GLY A 103 4.74 0.30 14.90
N ASP A 104 5.77 0.77 15.60
CA ASP A 104 6.95 -0.03 15.86
C ASP A 104 6.79 -0.87 17.12
N ILE A 105 6.20 -2.05 16.97
CA ILE A 105 5.98 -2.94 18.09
C ILE A 105 7.15 -3.90 18.27
N LEU A 106 7.35 -4.37 19.51
CA LEU A 106 8.43 -5.29 19.81
C LEU A 106 7.97 -6.35 20.81
N MET A 107 8.85 -7.32 21.08
CA MET A 107 8.54 -8.39 22.01
C MET A 107 9.26 -8.18 23.34
N ILE A 108 8.97 -9.04 24.31
CA ILE A 108 9.59 -8.95 25.62
C ILE A 108 10.69 -9.99 25.78
N ASP A 109 11.92 -9.61 25.44
CA ASP A 109 13.06 -10.51 25.54
C ASP A 109 12.65 -11.95 25.24
N GLY A 1 -21.19 -10.42 -4.64
CA GLY A 1 -21.53 -10.62 -3.24
C GLY A 1 -20.31 -10.74 -2.37
N SER A 2 -20.45 -10.38 -1.09
CA SER A 2 -19.35 -10.45 -0.14
C SER A 2 -19.39 -11.77 0.63
N SER A 3 -18.21 -12.24 1.04
CA SER A 3 -18.10 -13.48 1.78
C SER A 3 -17.31 -13.28 3.07
N GLY A 4 -17.76 -13.92 4.14
CA GLY A 4 -17.09 -13.79 5.42
C GLY A 4 -16.94 -15.13 6.13
N SER A 5 -16.26 -16.07 5.47
CA SER A 5 -16.06 -17.40 6.04
C SER A 5 -14.57 -17.72 6.13
N SER A 6 -14.11 -18.03 7.34
CA SER A 6 -12.71 -18.35 7.56
C SER A 6 -12.17 -19.23 6.43
N GLY A 7 -10.87 -19.14 6.18
CA GLY A 7 -10.26 -19.93 5.13
C GLY A 7 -8.81 -20.28 5.45
N ARG A 8 -7.95 -19.28 5.47
CA ARG A 8 -6.53 -19.49 5.75
C ARG A 8 -6.17 -18.97 7.13
N ASP A 9 -5.33 -19.72 7.84
CA ASP A 9 -4.91 -19.33 9.19
C ASP A 9 -3.39 -19.22 9.26
N ARG A 10 -2.70 -20.29 8.90
CA ARG A 10 -1.24 -20.32 8.93
C ARG A 10 -0.67 -19.01 8.40
N SER A 11 0.04 -18.28 9.26
CA SER A 11 0.63 -17.01 8.87
C SER A 11 1.15 -17.06 7.44
N THR A 12 0.73 -16.11 6.62
CA THR A 12 1.15 -16.05 5.23
C THR A 12 1.55 -14.64 4.84
N ILE A 13 2.28 -14.51 3.73
CA ILE A 13 2.72 -13.22 3.25
C ILE A 13 2.07 -12.88 1.90
N ALA A 14 2.17 -11.60 1.52
CA ALA A 14 1.59 -11.16 0.26
C ALA A 14 2.63 -10.42 -0.59
N ARG A 15 2.68 -10.76 -1.87
CA ARG A 15 3.63 -10.14 -2.78
C ARG A 15 2.97 -8.99 -3.55
N ILE A 16 2.97 -7.82 -2.93
CA ILE A 16 2.37 -6.63 -3.56
C ILE A 16 3.42 -5.83 -4.32
N GLN A 17 3.42 -5.96 -5.64
CA GLN A 17 4.38 -5.25 -6.48
C GLN A 17 3.82 -3.90 -6.89
N PHE A 18 4.68 -2.89 -6.92
CA PHE A 18 4.27 -1.54 -7.29
C PHE A 18 5.06 -1.05 -8.51
N ARG A 19 4.35 -0.81 -9.61
CA ARG A 19 4.97 -0.35 -10.84
C ARG A 19 4.92 1.17 -10.94
N LEU A 20 6.08 1.80 -11.10
CA LEU A 20 6.17 3.25 -11.21
C LEU A 20 6.10 3.69 -12.67
N PRO A 21 5.61 4.92 -12.89
CA PRO A 21 5.48 5.50 -14.23
C PRO A 21 6.84 5.81 -14.86
N ASP A 22 7.89 5.69 -14.06
CA ASP A 22 9.24 5.96 -14.54
C ASP A 22 9.88 4.71 -15.12
N GLY A 23 9.83 3.62 -14.36
CA GLY A 23 10.40 2.37 -14.82
C GLY A 23 10.72 1.42 -13.68
N SER A 24 11.36 1.95 -12.63
CA SER A 24 11.72 1.14 -11.47
C SER A 24 10.48 0.67 -10.73
N SER A 25 10.58 -0.49 -10.08
CA SER A 25 9.47 -1.05 -9.33
C SER A 25 9.96 -1.79 -8.10
N PHE A 26 9.23 -1.66 -7.00
CA PHE A 26 9.60 -2.32 -5.75
C PHE A 26 8.50 -3.29 -5.31
N THR A 27 8.88 -4.24 -4.46
CA THR A 27 7.92 -5.23 -3.96
C THR A 27 8.16 -5.53 -2.48
N ASN A 28 7.20 -5.16 -1.65
CA ASN A 28 7.31 -5.38 -0.21
C ASN A 28 6.63 -6.69 0.19
N GLN A 29 6.54 -6.93 1.50
CA GLN A 29 5.91 -8.14 2.01
C GLN A 29 4.92 -7.81 3.12
N PHE A 30 3.66 -8.17 2.90
CA PHE A 30 2.62 -7.91 3.88
C PHE A 30 1.86 -9.19 4.22
N PRO A 31 1.27 -9.23 5.42
CA PRO A 31 0.51 -10.39 5.89
C PRO A 31 -0.80 -10.57 5.15
N SER A 32 -1.02 -11.76 4.60
CA SER A 32 -2.24 -12.06 3.86
C SER A 32 -3.44 -11.37 4.50
N ASP A 33 -3.38 -11.14 5.80
CA ASP A 33 -4.45 -10.50 6.53
C ASP A 33 -4.48 -9.00 6.25
N ALA A 34 -3.30 -8.37 6.28
CA ALA A 34 -3.19 -6.94 6.03
C ALA A 34 -4.02 -6.53 4.82
N PRO A 35 -4.84 -5.48 5.00
CA PRO A 35 -5.70 -4.97 3.93
C PRO A 35 -4.91 -4.29 2.82
N LEU A 36 -5.54 -4.14 1.65
CA LEU A 36 -4.89 -3.51 0.51
C LEU A 36 -4.25 -2.19 0.90
N GLU A 37 -5.00 -1.37 1.62
CA GLU A 37 -4.50 -0.07 2.07
C GLU A 37 -3.05 -0.17 2.53
N GLU A 38 -2.80 -1.09 3.47
CA GLU A 38 -1.46 -1.28 4.00
C GLU A 38 -0.40 -1.04 2.92
N ALA A 39 -0.59 -1.66 1.76
CA ALA A 39 0.34 -1.51 0.65
C ALA A 39 0.42 -0.06 0.19
N ARG A 40 -0.75 0.56 0.02
CA ARG A 40 -0.82 1.95 -0.42
C ARG A 40 0.09 2.84 0.43
N GLN A 41 0.02 2.64 1.75
CA GLN A 41 0.84 3.42 2.68
C GLN A 41 2.31 3.33 2.31
N PHE A 42 2.81 2.11 2.20
CA PHE A 42 4.22 1.88 1.86
C PHE A 42 4.58 2.59 0.56
N ALA A 43 3.89 2.24 -0.52
CA ALA A 43 4.13 2.84 -1.82
C ALA A 43 4.23 4.36 -1.72
N ALA A 44 3.55 4.92 -0.72
CA ALA A 44 3.57 6.36 -0.51
C ALA A 44 4.85 6.80 0.17
N GLN A 45 5.39 5.94 1.03
CA GLN A 45 6.61 6.25 1.76
C GLN A 45 7.80 6.34 0.80
N THR A 46 7.69 5.65 -0.34
CA THR A 46 8.76 5.66 -1.33
C THR A 46 8.56 6.78 -2.35
N VAL A 47 7.31 6.99 -2.74
CA VAL A 47 6.98 8.03 -3.71
C VAL A 47 6.26 9.19 -3.04
N GLY A 48 6.52 9.39 -1.74
CA GLY A 48 5.89 10.47 -1.01
C GLY A 48 6.29 11.83 -1.53
N ASN A 49 5.34 12.77 -1.52
CA ASN A 49 5.60 14.12 -2.00
C ASN A 49 6.37 14.10 -3.32
N THR A 50 6.01 13.17 -4.19
CA THR A 50 6.67 13.04 -5.48
C THR A 50 5.68 13.22 -6.62
N TYR A 51 4.69 12.34 -6.69
CA TYR A 51 3.68 12.40 -7.74
C TYR A 51 2.46 13.20 -7.28
N GLY A 52 2.16 13.09 -5.98
CA GLY A 52 1.02 13.81 -5.43
C GLY A 52 -0.04 12.88 -4.88
N ASN A 53 -1.16 12.79 -5.57
CA ASN A 53 -2.25 11.93 -5.14
C ASN A 53 -2.35 10.68 -6.02
N PHE A 54 -1.22 10.03 -6.23
CA PHE A 54 -1.16 8.83 -7.05
C PHE A 54 -2.12 7.77 -6.53
N SER A 55 -2.57 6.89 -7.41
CA SER A 55 -3.50 5.83 -7.04
C SER A 55 -2.95 4.46 -7.42
N LEU A 56 -3.65 3.41 -7.01
CA LEU A 56 -3.24 2.04 -7.31
C LEU A 56 -4.31 1.30 -8.11
N ALA A 57 -3.87 0.44 -9.02
CA ALA A 57 -4.79 -0.33 -9.85
C ALA A 57 -4.19 -1.69 -10.21
N THR A 58 -5.03 -2.57 -10.73
CA THR A 58 -4.59 -3.91 -11.12
C THR A 58 -3.84 -3.88 -12.45
N MET A 59 -3.44 -5.05 -12.92
CA MET A 59 -2.72 -5.16 -14.18
C MET A 59 -3.55 -5.91 -15.23
N PHE A 60 -4.02 -7.09 -14.86
CA PHE A 60 -4.82 -7.90 -15.77
C PHE A 60 -6.20 -7.28 -15.98
N PRO A 61 -7.02 -7.28 -14.90
CA PRO A 61 -8.37 -6.72 -14.94
C PRO A 61 -8.37 -5.20 -15.06
N ARG A 62 -7.20 -4.60 -14.92
CA ARG A 62 -7.06 -3.16 -15.00
C ARG A 62 -8.29 -2.46 -14.43
N ARG A 63 -8.74 -2.91 -13.28
CA ARG A 63 -9.91 -2.33 -12.63
C ARG A 63 -9.51 -1.45 -11.44
N GLU A 64 -9.94 -0.20 -11.48
CA GLU A 64 -9.62 0.75 -10.41
C GLU A 64 -10.21 0.28 -9.08
N PHE A 65 -9.34 -0.16 -8.18
CA PHE A 65 -9.77 -0.62 -6.87
C PHE A 65 -10.83 0.30 -6.28
N THR A 66 -11.72 -0.27 -5.48
CA THR A 66 -12.79 0.50 -4.85
C THR A 66 -12.59 0.59 -3.34
N ARG A 67 -13.10 1.67 -2.75
CA ARG A 67 -12.97 1.87 -1.31
C ARG A 67 -13.01 0.54 -0.56
N GLU A 68 -14.07 -0.23 -0.80
CA GLU A 68 -14.23 -1.52 -0.14
C GLU A 68 -12.93 -2.33 -0.20
N ASP A 69 -12.36 -2.43 -1.40
CA ASP A 69 -11.13 -3.17 -1.60
C ASP A 69 -10.13 -2.87 -0.49
N TYR A 70 -9.93 -1.58 -0.22
CA TYR A 70 -8.99 -1.16 0.82
C TYR A 70 -9.49 -1.58 2.20
N LYS A 71 -10.79 -1.74 2.33
CA LYS A 71 -11.40 -2.15 3.59
C LYS A 71 -11.31 -3.65 3.78
N ARG A 72 -11.15 -4.38 2.67
CA ARG A 72 -11.04 -5.83 2.71
C ARG A 72 -9.59 -6.27 2.88
N ARG A 73 -9.40 -7.52 3.30
CA ARG A 73 -8.06 -8.06 3.49
C ARG A 73 -7.41 -8.42 2.16
N LEU A 74 -6.09 -8.31 2.10
CA LEU A 74 -5.35 -8.62 0.89
C LEU A 74 -5.75 -9.99 0.35
N LEU A 75 -5.56 -11.02 1.16
CA LEU A 75 -5.90 -12.38 0.77
C LEU A 75 -7.34 -12.47 0.26
N ASP A 76 -8.16 -11.51 0.68
CA ASP A 76 -9.55 -11.46 0.27
C ASP A 76 -9.68 -11.00 -1.18
N LEU A 77 -8.72 -10.20 -1.63
CA LEU A 77 -8.72 -9.68 -2.99
C LEU A 77 -7.87 -10.55 -3.91
N GLU A 78 -7.62 -11.79 -3.48
CA GLU A 78 -6.81 -12.72 -4.25
C GLU A 78 -5.38 -12.20 -4.40
N LEU A 79 -4.95 -11.38 -3.45
CA LEU A 79 -3.60 -10.83 -3.46
C LEU A 79 -2.71 -11.52 -2.44
N ALA A 80 -3.09 -12.74 -2.07
CA ALA A 80 -2.32 -13.51 -1.10
C ALA A 80 -0.98 -13.95 -1.69
N PRO A 81 -1.04 -14.70 -2.81
CA PRO A 81 0.16 -15.20 -3.49
C PRO A 81 0.95 -14.08 -4.16
N SER A 82 0.64 -13.80 -5.42
CA SER A 82 1.33 -12.76 -6.17
C SER A 82 0.34 -11.70 -6.65
N ALA A 83 0.69 -10.44 -6.42
CA ALA A 83 -0.16 -9.32 -6.85
C ALA A 83 0.67 -8.19 -7.41
N SER A 84 0.11 -7.50 -8.41
CA SER A 84 0.80 -6.39 -9.05
C SER A 84 -0.10 -5.16 -9.12
N VAL A 85 0.19 -4.18 -8.26
CA VAL A 85 -0.59 -2.95 -8.22
C VAL A 85 0.14 -1.81 -8.94
N VAL A 86 -0.41 -1.37 -10.05
CA VAL A 86 0.17 -0.28 -10.83
C VAL A 86 -0.05 1.07 -10.16
N LEU A 87 0.98 1.89 -10.13
CA LEU A 87 0.89 3.21 -9.51
C LEU A 87 0.59 4.28 -10.57
N LEU A 88 -0.56 4.94 -10.42
CA LEU A 88 -0.96 5.98 -11.36
C LEU A 88 -0.70 7.36 -10.77
N PRO A 89 0.27 8.08 -11.35
CA PRO A 89 0.63 9.43 -10.91
C PRO A 89 -0.46 10.46 -11.21
N ALA A 90 -0.65 11.41 -10.30
CA ALA A 90 -1.65 12.45 -10.47
C ALA A 90 -1.12 13.59 -11.32
N GLY A 91 0.14 13.97 -11.07
CA GLY A 91 0.75 15.05 -11.82
C GLY A 91 1.43 16.06 -10.92
N ARG A 92 0.65 16.82 -10.18
CA ARG A 92 1.18 17.84 -9.27
C ARG A 92 1.27 17.29 -7.85
N PRO A 93 2.49 17.32 -7.28
CA PRO A 93 2.73 16.84 -5.92
C PRO A 93 2.12 17.75 -4.86
N ALA A 94 1.09 17.25 -4.18
CA ALA A 94 0.41 18.02 -3.14
C ALA A 94 1.13 17.88 -1.80
N THR A 95 1.38 19.00 -1.15
CA THR A 95 2.07 19.02 0.14
C THR A 95 1.29 18.20 1.17
N SER A 96 2.01 17.43 1.98
CA SER A 96 1.39 16.60 3.00
C SER A 96 1.97 16.91 4.37
N ILE A 97 1.17 17.54 5.22
CA ILE A 97 1.60 17.90 6.56
C ILE A 97 1.84 16.66 7.42
N VAL A 98 2.70 16.79 8.42
CA VAL A 98 3.01 15.67 9.31
C VAL A 98 2.64 16.00 10.75
N HIS A 99 2.59 14.97 11.59
CA HIS A 99 2.24 15.15 12.99
C HIS A 99 2.83 14.02 13.84
N SER A 100 3.80 14.35 14.68
CA SER A 100 4.44 13.37 15.54
C SER A 100 4.75 13.97 16.91
N SER A 101 4.46 13.20 17.97
CA SER A 101 4.70 13.66 19.33
C SER A 101 4.83 12.46 20.28
N SER A 102 6.03 12.28 20.82
CA SER A 102 6.30 11.18 21.73
C SER A 102 7.56 11.44 22.55
N GLY A 103 7.39 11.59 23.85
CA GLY A 103 8.53 11.85 24.73
C GLY A 103 8.13 11.90 26.18
N ASP A 104 7.58 10.81 26.70
CA ASP A 104 7.16 10.75 28.09
C ASP A 104 7.95 9.69 28.85
N ILE A 105 9.03 10.12 29.49
CA ILE A 105 9.88 9.22 30.25
C ILE A 105 9.29 8.94 31.63
N LEU A 106 9.12 7.67 31.95
CA LEU A 106 8.57 7.27 33.24
C LEU A 106 9.54 6.39 34.01
N MET A 107 10.29 7.00 34.93
CA MET A 107 11.26 6.28 35.73
C MET A 107 11.43 6.91 37.10
N ILE A 108 11.85 6.12 38.08
CA ILE A 108 12.05 6.62 39.44
C ILE A 108 13.07 5.76 40.19
N ASP A 109 13.88 6.40 41.02
CA ASP A 109 14.89 5.70 41.80
C ASP A 109 14.23 4.70 42.75
#